data_6LUR
#
_entry.id   6LUR
#
_cell.length_a   77.019
_cell.length_b   90.590
_cell.length_c   288.928
_cell.angle_alpha   90.000
_cell.angle_beta   90.000
_cell.angle_gamma   90.000
#
_symmetry.space_group_name_H-M   'P 21 21 21'
#
loop_
_entity.id
_entity.type
_entity.pdbx_description
1 polymer 'Thioredoxin 1,Poly(U)-binding-splicing factor PUF60'
2 non-polymer 4-[2-[4-(aminomethyl)phenyl]phenyl]piperazin-2-one
3 water water
#
_entity_poly.entity_id   1
_entity_poly.type   'polypeptide(L)'
_entity_poly.pdbx_seq_one_letter_code
;MKHHHHHHPMSDKIIHLTDDSFDTDVLKADGAILVDFWAEWCGPCKMIAPILDEIADEYQGKLTVAKLNIDQNPGTAPKY
GIRGIPTLLLFKNGEVAATKVGALSKGQLKEFLDANLAGSAMESTVMVLRNMVDPKDIDDDLEGEVTEECGKFGAVNRVI
IYQEKQGEEEDAEIIVKIFVEFSIASETHKAIQALNGRWFAGRKVVAEVYDQERFDNSDLSA
;
_entity_poly.pdbx_strand_id   A,B,C,D,E,F,G,H
#
# COMPACT_ATOMS: atom_id res chain seq x y z
N ASP A 12 33.94 -16.46 -10.43
CA ASP A 12 33.78 -15.75 -11.73
C ASP A 12 32.93 -16.59 -12.69
N LYS A 13 31.62 -16.49 -12.51
CA LYS A 13 30.67 -17.12 -13.40
C LYS A 13 30.20 -16.09 -14.43
N ILE A 14 30.86 -14.92 -14.44
CA ILE A 14 30.37 -13.82 -15.25
C ILE A 14 31.04 -13.87 -16.62
N ILE A 15 30.20 -13.69 -17.66
CA ILE A 15 30.68 -13.64 -19.02
C ILE A 15 31.07 -12.20 -19.35
N HIS A 16 32.28 -12.03 -19.86
CA HIS A 16 32.83 -10.73 -20.22
C HIS A 16 32.64 -10.55 -21.71
N LEU A 17 31.66 -9.72 -22.09
CA LEU A 17 31.28 -9.54 -23.47
C LEU A 17 32.18 -8.51 -24.14
N THR A 18 32.24 -8.62 -25.46
CA THR A 18 32.72 -7.59 -26.36
C THR A 18 31.65 -7.35 -27.42
N ASP A 19 31.88 -6.37 -28.31
CA ASP A 19 30.96 -6.11 -29.40
C ASP A 19 30.91 -7.32 -30.34
N ASP A 20 32.08 -7.95 -30.52
CA ASP A 20 32.25 -9.04 -31.48
C ASP A 20 31.65 -10.33 -30.93
N SER A 21 31.76 -10.56 -29.62
CA SER A 21 31.24 -11.78 -29.04
C SER A 21 29.73 -11.71 -28.72
N PHE A 22 29.09 -10.55 -28.92
CA PHE A 22 27.76 -10.33 -28.33
C PHE A 22 26.70 -11.30 -28.84
N ASP A 23 26.67 -11.47 -30.17
CA ASP A 23 25.66 -12.29 -30.83
C ASP A 23 25.75 -13.71 -30.28
N THR A 24 26.95 -14.29 -30.37
CA THR A 24 27.29 -15.65 -29.96
C THR A 24 26.95 -15.86 -28.48
N ASP A 25 27.50 -15.01 -27.61
CA ASP A 25 27.39 -15.18 -26.16
C ASP A 25 25.97 -14.95 -25.65
N VAL A 26 25.22 -14.04 -26.32
CA VAL A 26 23.94 -13.58 -25.77
C VAL A 26 22.77 -14.05 -26.64
N LEU A 27 22.77 -13.64 -27.92
CA LEU A 27 21.61 -13.84 -28.77
C LEU A 27 21.44 -15.31 -29.15
N LYS A 28 22.53 -16.08 -29.13
CA LYS A 28 22.44 -17.47 -29.54
C LYS A 28 22.77 -18.37 -28.35
N ALA A 29 22.74 -17.81 -27.13
CA ALA A 29 23.06 -18.58 -25.94
C ALA A 29 21.93 -19.57 -25.63
N ASP A 30 22.26 -20.57 -24.81
CA ASP A 30 21.28 -21.41 -24.15
C ASP A 30 20.93 -20.81 -22.80
N GLY A 31 19.63 -20.72 -22.52
CA GLY A 31 19.15 -20.27 -21.22
C GLY A 31 19.08 -18.75 -21.14
N ALA A 32 18.55 -18.25 -20.03
CA ALA A 32 18.44 -16.82 -19.78
C ALA A 32 19.84 -16.20 -19.60
N ILE A 33 20.05 -15.02 -20.23
CA ILE A 33 21.24 -14.21 -20.05
C ILE A 33 20.83 -12.81 -19.57
N LEU A 34 21.36 -12.37 -18.42
CA LEU A 34 21.17 -11.01 -17.94
C LEU A 34 22.41 -10.20 -18.34
N VAL A 35 22.18 -9.22 -19.22
CA VAL A 35 23.25 -8.38 -19.73
C VAL A 35 23.24 -7.07 -18.97
N ASP A 36 24.41 -6.71 -18.41
CA ASP A 36 24.64 -5.44 -17.74
C ASP A 36 25.49 -4.53 -18.63
N PHE A 37 24.90 -3.42 -19.10
CA PHE A 37 25.66 -2.41 -19.83
C PHE A 37 26.15 -1.41 -18.80
N TRP A 38 27.48 -1.20 -18.72
CA TRP A 38 28.13 -0.57 -17.57
C TRP A 38 29.37 0.21 -18.01
N ALA A 39 29.91 1.04 -17.09
CA ALA A 39 31.18 1.73 -17.28
C ALA A 39 31.88 1.93 -15.93
N GLU A 40 33.21 2.14 -15.97
CA GLU A 40 34.05 2.09 -14.76
C GLU A 40 33.76 3.29 -13.86
N TRP A 41 33.55 4.46 -14.46
CA TRP A 41 33.32 5.72 -13.78
C TRP A 41 31.91 5.81 -13.22
N CYS A 42 31.01 4.85 -13.54
CA CYS A 42 29.58 4.91 -13.24
C CYS A 42 29.27 4.47 -11.80
N GLY A 43 28.76 5.42 -10.99
CA GLY A 43 28.46 5.16 -9.59
C GLY A 43 27.45 4.03 -9.39
N PRO A 44 26.21 4.13 -9.93
CA PRO A 44 25.26 3.00 -9.86
C PRO A 44 25.76 1.66 -10.42
N CYS A 45 26.61 1.69 -11.46
CA CYS A 45 27.13 0.44 -12.00
C CYS A 45 27.98 -0.28 -10.95
N LYS A 46 28.84 0.49 -10.24
CA LYS A 46 29.73 -0.10 -9.25
C LYS A 46 28.93 -0.71 -8.10
N MET A 47 27.82 -0.07 -7.76
CA MET A 47 26.96 -0.51 -6.67
C MET A 47 26.33 -1.87 -6.99
N ILE A 48 25.89 -2.08 -8.23
CA ILE A 48 25.22 -3.34 -8.54
C ILE A 48 26.20 -4.47 -8.84
N ALA A 49 27.47 -4.12 -9.07
CA ALA A 49 28.50 -5.09 -9.44
C ALA A 49 28.60 -6.27 -8.47
N PRO A 50 28.73 -6.07 -7.13
CA PRO A 50 28.74 -7.22 -6.22
C PRO A 50 27.39 -7.94 -6.14
N ILE A 51 26.30 -7.19 -6.29
CA ILE A 51 24.98 -7.80 -6.42
C ILE A 51 24.93 -8.78 -7.59
N LEU A 52 25.40 -8.35 -8.77
CA LEU A 52 25.40 -9.25 -9.91
C LEU A 52 26.26 -10.50 -9.63
N ASP A 53 27.42 -10.32 -8.96
CA ASP A 53 28.29 -11.43 -8.56
C ASP A 53 27.52 -12.50 -7.77
N GLU A 54 26.69 -12.06 -6.83
CA GLU A 54 25.95 -12.99 -5.98
C GLU A 54 24.80 -13.61 -6.76
N ILE A 55 24.16 -12.82 -7.65
CA ILE A 55 23.11 -13.35 -8.52
C ILE A 55 23.70 -14.48 -9.36
N ALA A 56 24.88 -14.28 -9.93
CA ALA A 56 25.44 -15.30 -10.81
C ALA A 56 25.64 -16.62 -10.04
N ASP A 57 25.97 -16.51 -8.75
CA ASP A 57 26.18 -17.66 -7.87
C ASP A 57 24.86 -18.32 -7.53
N GLU A 58 23.94 -17.54 -6.93
CA GLU A 58 22.62 -18.01 -6.55
C GLU A 58 21.86 -18.62 -7.72
N TYR A 59 21.99 -18.04 -8.93
CA TYR A 59 21.11 -18.43 -10.01
C TYR A 59 21.84 -19.30 -11.01
N GLN A 60 23.00 -19.84 -10.63
CA GLN A 60 23.78 -20.67 -11.54
C GLN A 60 22.91 -21.80 -12.10
N GLY A 61 23.04 -22.08 -13.40
CA GLY A 61 22.27 -23.15 -14.01
C GLY A 61 20.87 -22.72 -14.48
N LYS A 62 20.33 -21.62 -13.93
CA LYS A 62 19.10 -21.06 -14.50
C LYS A 62 19.36 -19.69 -15.15
N LEU A 63 20.47 -19.04 -14.82
CA LEU A 63 20.79 -17.74 -15.40
C LEU A 63 22.31 -17.59 -15.55
N THR A 64 22.70 -16.99 -16.67
CA THR A 64 24.05 -16.47 -16.88
C THR A 64 23.99 -14.95 -16.84
N VAL A 65 24.97 -14.39 -16.14
CA VAL A 65 25.17 -12.96 -16.02
C VAL A 65 26.34 -12.58 -16.92
N ALA A 66 26.16 -11.50 -17.68
CA ALA A 66 27.13 -11.06 -18.65
C ALA A 66 27.18 -9.53 -18.66
N LYS A 67 28.37 -8.99 -18.92
CA LYS A 67 28.62 -7.57 -18.73
C LYS A 67 29.27 -7.03 -19.99
N LEU A 68 28.77 -5.88 -20.46
CA LEU A 68 29.33 -5.18 -21.59
C LEU A 68 29.71 -3.79 -21.13
N ASN A 69 31.00 -3.50 -21.19
CA ASN A 69 31.50 -2.16 -20.88
C ASN A 69 31.35 -1.26 -22.10
N ILE A 70 30.53 -0.21 -22.00
CA ILE A 70 30.12 0.50 -23.21
C ILE A 70 31.21 1.47 -23.68
N ASP A 71 32.26 1.64 -22.87
CA ASP A 71 33.36 2.49 -23.30
C ASP A 71 34.27 1.69 -24.22
N GLN A 72 34.57 0.46 -23.80
CA GLN A 72 35.44 -0.44 -24.55
C GLN A 72 34.68 -1.05 -25.73
N ASN A 73 33.34 -1.09 -25.64
CA ASN A 73 32.55 -1.78 -26.67
C ASN A 73 31.35 -0.91 -27.01
N PRO A 74 31.55 0.21 -27.75
CA PRO A 74 30.50 1.20 -27.95
C PRO A 74 29.47 0.79 -29.01
N GLY A 75 29.65 -0.36 -29.67
CA GLY A 75 28.77 -0.68 -30.79
C GLY A 75 27.40 -1.23 -30.38
N THR A 76 27.32 -1.98 -29.27
CA THR A 76 26.12 -2.76 -29.00
C THR A 76 24.97 -1.95 -28.40
N ALA A 77 25.27 -1.10 -27.43
CA ALA A 77 24.25 -0.48 -26.60
C ALA A 77 23.27 0.36 -27.43
N PRO A 78 23.73 1.17 -28.42
CA PRO A 78 22.81 1.91 -29.28
C PRO A 78 21.82 1.04 -30.07
N LYS A 79 22.17 -0.23 -30.31
CA LYS A 79 21.28 -1.13 -31.01
C LYS A 79 20.14 -1.60 -30.10
N TYR A 80 20.22 -1.34 -28.78
CA TYR A 80 19.10 -1.62 -27.88
C TYR A 80 18.46 -0.35 -27.33
N GLY A 81 18.86 0.81 -27.86
CA GLY A 81 18.35 2.09 -27.37
C GLY A 81 18.70 2.34 -25.89
N ILE A 82 19.87 1.86 -25.47
CA ILE A 82 20.43 2.23 -24.17
C ILE A 82 20.69 3.74 -24.13
N ARG A 83 20.35 4.37 -22.99
CA ARG A 83 20.56 5.79 -22.73
C ARG A 83 21.47 5.95 -21.51
N GLY A 84 20.87 5.86 -20.32
CA GLY A 84 21.56 5.82 -19.05
C GLY A 84 22.16 4.45 -18.70
N ILE A 85 23.18 4.45 -17.84
CA ILE A 85 23.68 3.20 -17.33
C ILE A 85 23.63 3.28 -15.81
N PRO A 86 23.60 2.12 -15.09
CA PRO A 86 23.58 0.79 -15.73
C PRO A 86 22.19 0.54 -16.32
N THR A 87 22.15 -0.27 -17.38
CA THR A 87 20.90 -0.84 -17.87
C THR A 87 21.08 -2.36 -17.95
N LEU A 88 20.08 -3.11 -17.46
CA LEU A 88 20.06 -4.56 -17.53
C LEU A 88 19.04 -5.01 -18.59
N LEU A 89 19.44 -5.90 -19.50
CA LEU A 89 18.49 -6.54 -20.41
C LEU A 89 18.56 -8.04 -20.13
N LEU A 90 17.40 -8.65 -19.94
CA LEU A 90 17.30 -10.09 -19.76
C LEU A 90 16.95 -10.73 -21.10
N PHE A 91 17.82 -11.63 -21.55
CA PHE A 91 17.61 -12.29 -22.83
C PHE A 91 17.26 -13.75 -22.59
N LYS A 92 16.44 -14.30 -23.50
CA LYS A 92 15.96 -15.68 -23.48
C LYS A 92 15.75 -16.13 -24.92
N ASN A 93 16.62 -17.03 -25.41
CA ASN A 93 16.49 -17.60 -26.75
C ASN A 93 16.48 -16.49 -27.79
N GLY A 94 17.31 -15.48 -27.55
CA GLY A 94 17.55 -14.41 -28.51
C GLY A 94 16.45 -13.36 -28.48
N GLU A 95 15.52 -13.47 -27.50
CA GLU A 95 14.48 -12.47 -27.35
C GLU A 95 14.73 -11.64 -26.10
N VAL A 96 14.39 -10.35 -26.14
CA VAL A 96 14.51 -9.47 -25.00
C VAL A 96 13.29 -9.67 -24.12
N ALA A 97 13.45 -10.35 -22.99
CA ALA A 97 12.31 -10.70 -22.16
C ALA A 97 11.90 -9.54 -21.25
N ALA A 98 12.85 -8.69 -20.85
CA ALA A 98 12.59 -7.63 -19.89
C ALA A 98 13.77 -6.66 -19.88
N THR A 99 13.52 -5.42 -19.41
CA THR A 99 14.59 -4.44 -19.30
C THR A 99 14.50 -3.80 -17.93
N LYS A 100 15.65 -3.46 -17.32
CA LYS A 100 15.65 -2.64 -16.11
C LYS A 100 16.70 -1.55 -16.25
N VAL A 101 16.28 -0.28 -16.09
CA VAL A 101 17.14 0.88 -16.23
C VAL A 101 17.46 1.34 -14.81
N GLY A 102 18.75 1.49 -14.52
CA GLY A 102 19.19 2.09 -13.28
C GLY A 102 19.38 1.04 -12.18
N ALA A 103 20.07 1.45 -11.10
CA ALA A 103 20.42 0.55 -10.00
C ALA A 103 19.17 0.19 -9.22
N LEU A 104 19.26 -0.91 -8.46
CA LEU A 104 18.17 -1.35 -7.61
C LEU A 104 18.78 -2.25 -6.54
N SER A 105 18.00 -2.59 -5.51
CA SER A 105 18.58 -3.39 -4.43
C SER A 105 18.67 -4.84 -4.92
N LYS A 106 19.36 -5.70 -4.18
CA LYS A 106 19.42 -7.12 -4.51
C LYS A 106 18.02 -7.75 -4.50
N GLY A 107 17.20 -7.37 -3.51
CA GLY A 107 15.85 -7.90 -3.39
C GLY A 107 15.00 -7.49 -4.59
N GLN A 108 15.17 -6.24 -5.06
CA GLN A 108 14.45 -5.77 -6.23
C GLN A 108 14.86 -6.57 -7.46
N LEU A 109 16.16 -6.84 -7.60
CA LEU A 109 16.64 -7.54 -8.78
C LEU A 109 16.13 -8.98 -8.79
N LYS A 110 16.20 -9.64 -7.62
CA LYS A 110 15.68 -10.99 -7.46
C LYS A 110 14.20 -11.06 -7.84
N GLU A 111 13.41 -10.07 -7.42
CA GLU A 111 12.01 -9.99 -7.82
C GLU A 111 11.89 -9.89 -9.35
N PHE A 112 12.76 -9.05 -9.95
CA PHE A 112 12.72 -8.82 -11.38
C PHE A 112 13.06 -10.11 -12.12
N LEU A 113 14.08 -10.82 -11.64
CA LEU A 113 14.50 -12.05 -12.29
C LEU A 113 13.46 -13.14 -12.12
N ASP A 114 12.85 -13.23 -10.91
CA ASP A 114 11.94 -14.32 -10.59
C ASP A 114 10.73 -14.27 -11.50
N ALA A 115 10.12 -13.08 -11.57
CA ALA A 115 9.00 -12.80 -12.44
C ALA A 115 9.38 -13.18 -13.87
N ASN A 116 10.57 -12.78 -14.32
CA ASN A 116 10.80 -12.88 -15.75
C ASN A 116 11.37 -14.26 -16.11
N LEU A 117 11.99 -14.96 -15.16
CA LEU A 117 12.49 -16.29 -15.50
C LEU A 117 11.33 -17.28 -15.59
N ALA A 118 10.31 -17.07 -14.76
CA ALA A 118 9.03 -17.71 -14.99
C ALA A 118 8.37 -16.96 -16.15
N GLY A 119 7.94 -17.66 -17.19
CA GLY A 119 7.27 -16.95 -18.28
C GLY A 119 5.98 -16.27 -17.84
N SER A 120 5.47 -16.64 -16.66
CA SER A 120 4.12 -16.28 -16.29
C SER A 120 3.84 -16.76 -14.86
N ALA A 121 2.76 -16.28 -14.26
CA ALA A 121 2.53 -16.53 -12.86
C ALA A 121 1.90 -17.90 -12.67
N MET A 122 1.42 -18.47 -13.78
CA MET A 122 0.66 -19.71 -13.73
C MET A 122 0.72 -20.39 -15.10
N GLU A 123 1.00 -21.71 -15.12
CA GLU A 123 0.78 -22.52 -16.31
C GLU A 123 -0.72 -22.74 -16.46
N SER A 124 -1.25 -22.31 -17.59
CA SER A 124 -2.68 -22.23 -17.87
C SER A 124 -3.22 -23.57 -18.35
N THR A 125 -4.53 -23.79 -18.15
CA THR A 125 -5.23 -24.90 -18.76
C THR A 125 -5.62 -24.55 -20.19
N VAL A 126 -5.39 -23.30 -20.59
CA VAL A 126 -5.95 -22.87 -21.85
C VAL A 126 -4.84 -22.88 -22.90
N MET A 127 -5.11 -23.55 -24.02
CA MET A 127 -4.24 -23.50 -25.20
C MET A 127 -4.88 -22.58 -26.25
N VAL A 128 -4.06 -21.78 -26.93
CA VAL A 128 -4.59 -21.13 -28.12
C VAL A 128 -3.90 -21.66 -29.38
N LEU A 129 -4.69 -21.92 -30.42
CA LEU A 129 -4.17 -22.33 -31.71
C LEU A 129 -4.32 -21.19 -32.71
N ARG A 130 -3.18 -20.71 -33.23
CA ARG A 130 -3.15 -19.56 -34.10
C ARG A 130 -2.76 -20.02 -35.50
N ASN A 131 -3.20 -19.28 -36.54
CA ASN A 131 -2.84 -19.58 -37.92
C ASN A 131 -3.37 -20.95 -38.35
N MET A 132 -4.44 -21.43 -37.70
CA MET A 132 -4.86 -22.78 -38.04
C MET A 132 -5.93 -22.78 -39.12
N VAL A 133 -6.80 -21.76 -39.15
CA VAL A 133 -7.86 -21.64 -40.14
C VAL A 133 -8.11 -20.17 -40.45
N ASP A 134 -8.46 -19.89 -41.71
CA ASP A 134 -8.99 -18.62 -42.21
C ASP A 134 -10.43 -18.49 -41.74
N PRO A 135 -10.98 -17.28 -41.51
CA PRO A 135 -12.40 -17.12 -41.20
C PRO A 135 -13.39 -17.84 -42.10
N LYS A 136 -13.06 -17.93 -43.39
CA LYS A 136 -14.00 -18.44 -44.40
C LYS A 136 -14.08 -19.96 -44.33
N ASP A 137 -13.25 -20.57 -43.47
CA ASP A 137 -13.25 -22.01 -43.31
C ASP A 137 -14.11 -22.43 -42.12
N ILE A 138 -14.55 -21.47 -41.31
CA ILE A 138 -15.27 -21.84 -40.10
C ILE A 138 -16.63 -22.43 -40.50
N ASP A 139 -16.95 -23.61 -39.96
CA ASP A 139 -18.26 -24.20 -40.21
C ASP A 139 -18.76 -24.83 -38.92
N ASP A 140 -19.91 -25.50 -39.02
CA ASP A 140 -20.67 -26.02 -37.90
C ASP A 140 -19.86 -27.08 -37.17
N ASP A 141 -18.93 -27.71 -37.90
CA ASP A 141 -18.29 -28.94 -37.45
C ASP A 141 -16.97 -28.68 -36.73
N LEU A 142 -16.37 -27.50 -36.95
CA LEU A 142 -15.05 -27.18 -36.42
C LEU A 142 -14.93 -27.45 -34.92
N GLU A 143 -15.91 -26.98 -34.13
CA GLU A 143 -15.81 -27.12 -32.69
C GLU A 143 -15.66 -28.59 -32.28
N GLY A 144 -16.59 -29.44 -32.79
CA GLY A 144 -16.60 -30.86 -32.47
C GLY A 144 -15.30 -31.54 -32.90
N GLU A 145 -14.77 -31.11 -34.04
CA GLU A 145 -13.56 -31.67 -34.63
C GLU A 145 -12.33 -31.32 -33.81
N VAL A 146 -12.16 -30.03 -33.47
CA VAL A 146 -11.10 -29.64 -32.53
C VAL A 146 -11.25 -30.42 -31.22
N THR A 147 -12.50 -30.56 -30.73
CA THR A 147 -12.74 -31.21 -29.45
C THR A 147 -12.24 -32.65 -29.49
N GLU A 148 -12.59 -33.35 -30.57
CA GLU A 148 -12.25 -34.75 -30.81
C GLU A 148 -10.74 -34.92 -30.92
N GLU A 149 -10.09 -34.00 -31.64
CA GLU A 149 -8.66 -34.08 -31.85
C GLU A 149 -7.92 -33.77 -30.54
N CYS A 150 -8.38 -32.75 -29.82
CA CYS A 150 -7.66 -32.34 -28.61
C CYS A 150 -7.90 -33.33 -27.47
N GLY A 151 -8.99 -34.12 -27.58
CA GLY A 151 -9.36 -35.10 -26.57
C GLY A 151 -8.29 -36.20 -26.44
N LYS A 152 -7.44 -36.32 -27.46
CA LYS A 152 -6.28 -37.22 -27.40
C LYS A 152 -5.29 -36.84 -26.30
N PHE A 153 -5.37 -35.61 -25.80
CA PHE A 153 -4.34 -35.12 -24.88
C PHE A 153 -4.86 -34.97 -23.46
N GLY A 154 -6.18 -35.11 -23.26
CA GLY A 154 -6.80 -34.94 -21.94
C GLY A 154 -8.23 -34.47 -22.06
N ALA A 155 -8.89 -34.19 -20.92
CA ALA A 155 -10.29 -33.77 -20.94
C ALA A 155 -10.39 -32.35 -21.48
N VAL A 156 -11.24 -32.16 -22.50
CA VAL A 156 -11.48 -30.83 -23.03
C VAL A 156 -12.71 -30.24 -22.35
N ASN A 157 -12.55 -29.07 -21.71
CA ASN A 157 -13.64 -28.36 -21.06
C ASN A 157 -14.51 -27.63 -22.09
N ARG A 158 -13.88 -26.86 -22.98
CA ARG A 158 -14.59 -25.95 -23.84
C ARG A 158 -13.65 -25.53 -24.97
N VAL A 159 -14.22 -25.32 -26.17
CA VAL A 159 -13.47 -24.80 -27.31
C VAL A 159 -14.15 -23.51 -27.74
N ILE A 160 -13.36 -22.50 -28.09
CA ILE A 160 -14.00 -21.31 -28.63
C ILE A 160 -13.34 -20.96 -29.95
N ILE A 161 -14.20 -20.82 -30.97
CA ILE A 161 -13.80 -20.30 -32.28
C ILE A 161 -13.95 -18.79 -32.22
N TYR A 162 -12.83 -18.08 -32.06
CA TYR A 162 -12.87 -16.65 -31.91
C TYR A 162 -12.36 -15.97 -33.19
N GLN A 163 -13.12 -14.97 -33.69
CA GLN A 163 -12.69 -14.18 -34.84
C GLN A 163 -12.35 -12.79 -34.36
N GLU A 164 -11.22 -12.24 -34.80
CA GLU A 164 -10.67 -11.00 -34.27
C GLU A 164 -10.16 -10.13 -35.42
N LYS A 165 -10.71 -8.92 -35.53
CA LYS A 165 -10.26 -7.94 -36.50
C LYS A 165 -8.93 -7.31 -36.04
N GLN A 166 -7.96 -7.26 -36.95
CA GLN A 166 -6.61 -6.77 -36.65
C GLN A 166 -6.48 -5.32 -37.12
N GLY A 167 -6.96 -4.39 -36.28
CA GLY A 167 -6.83 -2.97 -36.55
C GLY A 167 -8.20 -2.32 -36.68
N GLU A 168 -8.23 -0.98 -36.56
CA GLU A 168 -9.48 -0.26 -36.59
C GLU A 168 -9.94 0.04 -38.02
N GLU A 169 -9.15 -0.40 -39.02
CA GLU A 169 -9.31 0.02 -40.41
C GLU A 169 -10.45 -0.76 -41.07
N GLU A 170 -10.87 -0.28 -42.25
CA GLU A 170 -12.06 -0.80 -42.91
C GLU A 170 -11.84 -2.24 -43.36
N ASP A 171 -10.70 -2.51 -44.01
CA ASP A 171 -10.43 -3.84 -44.55
C ASP A 171 -9.26 -4.49 -43.79
N ALA A 172 -9.17 -4.16 -42.49
CA ALA A 172 -8.28 -4.84 -41.56
C ALA A 172 -8.51 -6.35 -41.62
N GLU A 173 -7.43 -7.10 -41.43
CA GLU A 173 -7.47 -8.55 -41.50
C GLU A 173 -8.33 -9.09 -40.36
N ILE A 174 -9.12 -10.11 -40.66
CA ILE A 174 -9.79 -10.88 -39.63
C ILE A 174 -9.08 -12.23 -39.52
N ILE A 175 -8.64 -12.56 -38.31
CA ILE A 175 -8.00 -13.86 -38.09
C ILE A 175 -8.88 -14.68 -37.15
N VAL A 176 -8.54 -15.96 -37.04
CA VAL A 176 -9.21 -16.91 -36.17
C VAL A 176 -8.27 -17.32 -35.05
N LYS A 177 -8.77 -17.29 -33.81
CA LYS A 177 -8.04 -17.97 -32.76
C LYS A 177 -8.93 -19.08 -32.21
N ILE A 178 -8.35 -20.27 -32.07
CA ILE A 178 -9.08 -21.40 -31.51
C ILE A 178 -8.54 -21.63 -30.10
N PHE A 179 -9.41 -21.42 -29.10
CA PHE A 179 -9.06 -21.64 -27.71
C PHE A 179 -9.58 -23.03 -27.33
N VAL A 180 -8.75 -23.76 -26.60
CA VAL A 180 -9.09 -25.08 -26.11
C VAL A 180 -8.73 -25.10 -24.64
N GLU A 181 -9.74 -25.24 -23.79
CA GLU A 181 -9.45 -25.22 -22.37
C GLU A 181 -9.52 -26.67 -21.92
N PHE A 182 -8.41 -27.16 -21.32
CA PHE A 182 -8.32 -28.50 -20.75
C PHE A 182 -8.78 -28.52 -19.29
N SER A 183 -8.97 -29.72 -18.71
CA SER A 183 -9.37 -29.79 -17.30
C SER A 183 -8.21 -29.42 -16.36
N ILE A 184 -6.98 -29.71 -16.81
CA ILE A 184 -5.82 -29.47 -15.94
C ILE A 184 -4.58 -29.21 -16.79
N ALA A 185 -3.64 -28.43 -16.23
CA ALA A 185 -2.63 -27.76 -17.01
C ALA A 185 -1.70 -28.79 -17.63
N SER A 186 -1.62 -29.99 -17.03
CA SER A 186 -0.74 -31.02 -17.58
C SER A 186 -1.24 -31.51 -18.92
N GLU A 187 -2.57 -31.50 -19.12
CA GLU A 187 -3.15 -31.86 -20.39
C GLU A 187 -2.82 -30.78 -21.42
N THR A 188 -2.89 -29.52 -20.98
CA THR A 188 -2.64 -28.43 -21.91
C THR A 188 -1.20 -28.57 -22.43
N HIS A 189 -0.28 -28.83 -21.48
CA HIS A 189 1.13 -28.93 -21.79
C HIS A 189 1.37 -30.00 -22.86
N LYS A 190 0.75 -31.19 -22.70
CA LYS A 190 0.93 -32.27 -23.67
C LYS A 190 0.41 -31.84 -25.04
N ALA A 191 -0.69 -31.07 -25.07
CA ALA A 191 -1.32 -30.73 -26.34
C ALA A 191 -0.40 -29.79 -27.14
N ILE A 192 0.21 -28.82 -26.44
CA ILE A 192 1.03 -27.79 -27.04
C ILE A 192 2.28 -28.45 -27.63
N GLN A 193 2.87 -29.37 -26.86
CA GLN A 193 4.07 -30.14 -27.21
C GLN A 193 3.83 -30.82 -28.54
N ALA A 194 2.65 -31.41 -28.68
CA ALA A 194 2.33 -32.23 -29.84
C ALA A 194 1.88 -31.36 -31.01
N LEU A 195 1.32 -30.16 -30.77
CA LEU A 195 0.60 -29.48 -31.84
C LEU A 195 1.40 -28.32 -32.41
N ASN A 196 2.23 -27.70 -31.58
CA ASN A 196 2.93 -26.49 -31.97
C ASN A 196 3.86 -26.79 -33.16
N GLY A 197 3.83 -25.93 -34.18
CA GLY A 197 4.66 -26.14 -35.37
C GLY A 197 4.11 -27.19 -36.34
N ARG A 198 3.02 -27.90 -35.99
CA ARG A 198 2.55 -28.93 -36.91
C ARG A 198 1.87 -28.30 -38.12
N TRP A 199 1.90 -29.05 -39.23
CA TRP A 199 1.32 -28.57 -40.47
C TRP A 199 -0.09 -29.10 -40.62
N PHE A 200 -1.04 -28.20 -40.89
CA PHE A 200 -2.40 -28.65 -41.14
C PHE A 200 -2.99 -27.97 -42.37
N ALA A 201 -3.32 -28.77 -43.39
CA ALA A 201 -3.86 -28.29 -44.65
C ALA A 201 -3.24 -26.95 -45.06
N GLY A 202 -1.92 -26.89 -45.27
CA GLY A 202 -1.37 -25.69 -45.90
C GLY A 202 -0.73 -24.68 -44.94
N ARG A 203 -1.01 -24.78 -43.65
CA ARG A 203 -0.46 -23.81 -42.70
C ARG A 203 0.21 -24.50 -41.52
N LYS A 204 1.22 -23.80 -41.01
CA LYS A 204 2.00 -24.22 -39.87
C LYS A 204 1.35 -23.61 -38.63
N VAL A 205 0.89 -24.45 -37.74
CA VAL A 205 0.09 -24.02 -36.60
C VAL A 205 1.00 -23.52 -35.49
N VAL A 206 0.58 -22.44 -34.83
CA VAL A 206 1.16 -22.03 -33.55
C VAL A 206 0.22 -22.48 -32.42
N ALA A 207 0.71 -23.40 -31.57
CA ALA A 207 -0.01 -23.76 -30.35
C ALA A 207 0.74 -23.19 -29.15
N GLU A 208 0.05 -22.46 -28.25
CA GLU A 208 0.73 -21.99 -27.04
C GLU A 208 -0.24 -21.73 -25.91
N VAL A 209 0.29 -21.54 -24.69
CA VAL A 209 -0.53 -21.20 -23.53
C VAL A 209 -1.15 -19.84 -23.75
N TYR A 210 -2.32 -19.64 -23.14
CA TYR A 210 -3.07 -18.40 -23.13
C TYR A 210 -3.50 -18.10 -21.69
N ASP A 211 -3.19 -16.87 -21.25
CA ASP A 211 -3.40 -16.44 -19.87
C ASP A 211 -4.73 -16.99 -19.34
N GLN A 212 -4.68 -17.80 -18.27
CA GLN A 212 -5.91 -18.41 -17.80
C GLN A 212 -6.84 -17.35 -17.21
N GLU A 213 -6.27 -16.39 -16.48
CA GLU A 213 -7.05 -15.33 -15.87
C GLU A 213 -7.79 -14.49 -16.92
N ARG A 214 -7.12 -14.17 -18.03
CA ARG A 214 -7.81 -13.44 -19.10
C ARG A 214 -8.98 -14.26 -19.63
N PHE A 215 -8.71 -15.53 -19.92
CA PHE A 215 -9.71 -16.40 -20.50
C PHE A 215 -10.90 -16.50 -19.54
N ASP A 216 -10.58 -16.73 -18.26
CA ASP A 216 -11.59 -16.90 -17.22
C ASP A 216 -12.48 -15.66 -17.18
N ASN A 217 -11.98 -14.55 -17.73
CA ASN A 217 -12.67 -13.27 -17.64
C ASN A 217 -13.17 -12.84 -19.01
N SER A 218 -13.24 -13.78 -19.96
CA SER A 218 -13.72 -13.51 -21.31
C SER A 218 -12.86 -12.42 -21.98
N ASP A 219 -11.58 -12.35 -21.63
CA ASP A 219 -10.70 -11.48 -22.41
C ASP A 219 -9.91 -12.36 -23.38
N LEU A 220 -10.35 -12.42 -24.64
CA LEU A 220 -9.70 -13.29 -25.63
C LEU A 220 -8.77 -12.52 -26.57
N SER A 221 -8.30 -11.32 -26.18
CA SER A 221 -7.68 -10.39 -27.11
C SER A 221 -6.18 -10.63 -27.23
N ALA A 222 -5.59 -11.42 -26.32
CA ALA A 222 -4.14 -11.48 -26.26
C ALA A 222 -3.58 -12.59 -27.17
N ASP B 12 -13.30 35.45 -25.91
CA ASP B 12 -13.28 34.39 -24.86
C ASP B 12 -12.23 34.75 -23.81
N LYS B 13 -12.11 33.90 -22.78
CA LYS B 13 -11.25 34.19 -21.64
C LYS B 13 -9.80 33.76 -21.93
N ILE B 14 -9.59 33.00 -23.00
CA ILE B 14 -8.29 32.39 -23.27
C ILE B 14 -7.42 33.37 -24.04
N ILE B 15 -6.14 33.47 -23.65
CA ILE B 15 -5.17 34.27 -24.40
C ILE B 15 -4.59 33.42 -25.53
N HIS B 16 -4.63 33.92 -26.76
CA HIS B 16 -4.09 33.24 -27.94
C HIS B 16 -2.69 33.78 -28.19
N LEU B 17 -1.66 32.98 -27.87
CA LEU B 17 -0.26 33.40 -27.92
C LEU B 17 0.30 33.19 -29.33
N THR B 18 1.34 34.00 -29.66
CA THR B 18 2.25 33.78 -30.78
C THR B 18 3.66 33.77 -30.20
N ASP B 19 4.65 33.40 -31.02
CA ASP B 19 6.05 33.48 -30.65
C ASP B 19 6.41 34.92 -30.29
N ASP B 20 5.88 35.88 -31.07
CA ASP B 20 6.18 37.29 -30.86
C ASP B 20 5.59 37.81 -29.55
N SER B 21 4.40 37.34 -29.17
CA SER B 21 3.71 37.92 -28.01
C SER B 21 3.96 37.17 -26.70
N PHE B 22 4.66 36.03 -26.76
CA PHE B 22 4.86 35.16 -25.60
C PHE B 22 5.44 35.90 -24.39
N ASP B 23 6.54 36.64 -24.63
CA ASP B 23 7.24 37.27 -23.53
C ASP B 23 6.32 38.21 -22.78
N THR B 24 5.53 38.99 -23.55
CA THR B 24 4.68 40.00 -22.95
C THR B 24 3.46 39.36 -22.29
N ASP B 25 2.84 38.39 -22.95
CA ASP B 25 1.59 37.79 -22.50
C ASP B 25 1.82 36.84 -21.31
N VAL B 26 3.02 36.22 -21.26
CA VAL B 26 3.32 35.16 -20.30
C VAL B 26 4.39 35.65 -19.35
N LEU B 27 5.60 35.91 -19.86
CA LEU B 27 6.71 36.16 -18.97
C LEU B 27 6.49 37.44 -18.16
N LYS B 28 5.83 38.45 -18.74
CA LYS B 28 5.69 39.74 -18.08
C LYS B 28 4.30 39.91 -17.46
N ALA B 29 3.44 38.88 -17.54
CA ALA B 29 2.08 39.00 -17.04
C ALA B 29 2.06 39.18 -15.52
N ASP B 30 1.01 39.84 -15.01
CA ASP B 30 0.71 39.76 -13.59
C ASP B 30 -0.19 38.55 -13.40
N GLY B 31 0.10 37.79 -12.37
CA GLY B 31 -0.79 36.67 -12.12
C GLY B 31 -0.31 35.41 -12.82
N ALA B 32 -0.86 34.30 -12.35
CA ALA B 32 -0.53 32.98 -12.85
C ALA B 32 -1.06 32.85 -14.26
N ILE B 33 -0.24 32.29 -15.16
CA ILE B 33 -0.71 32.00 -16.51
C ILE B 33 -0.43 30.53 -16.77
N LEU B 34 -1.49 29.77 -17.14
CA LEU B 34 -1.38 28.39 -17.54
C LEU B 34 -1.27 28.32 -19.06
N VAL B 35 -0.12 27.83 -19.54
CA VAL B 35 0.17 27.79 -20.96
C VAL B 35 0.00 26.35 -21.46
N ASP B 36 -0.89 26.21 -22.47
CA ASP B 36 -1.13 24.95 -23.15
C ASP B 36 -0.43 24.95 -24.51
N PHE B 37 0.53 24.03 -24.71
CA PHE B 37 1.22 23.88 -25.97
C PHE B 37 0.50 22.80 -26.77
N TRP B 38 -0.06 23.17 -27.93
CA TRP B 38 -1.04 22.31 -28.56
C TRP B 38 -0.90 22.32 -30.09
N ALA B 39 -1.67 21.42 -30.75
CA ALA B 39 -1.79 21.44 -32.20
C ALA B 39 -3.16 20.89 -32.58
N GLU B 40 -3.65 21.25 -33.78
CA GLU B 40 -5.02 20.96 -34.19
C GLU B 40 -5.26 19.46 -34.32
N TRP B 41 -4.24 18.71 -34.72
CA TRP B 41 -4.33 17.30 -35.06
C TRP B 41 -4.13 16.40 -33.84
N CYS B 42 -3.93 17.01 -32.66
CA CYS B 42 -3.49 16.27 -31.48
C CYS B 42 -4.74 15.85 -30.69
N GLY B 43 -5.04 14.55 -30.69
CA GLY B 43 -6.18 13.99 -29.98
C GLY B 43 -6.29 14.47 -28.53
N PRO B 44 -5.31 14.17 -27.65
CA PRO B 44 -5.36 14.64 -26.26
C PRO B 44 -5.41 16.16 -26.08
N CYS B 45 -4.91 16.93 -27.05
CA CYS B 45 -5.07 18.38 -26.98
C CYS B 45 -6.54 18.77 -27.13
N LYS B 46 -7.24 18.07 -28.03
CA LYS B 46 -8.65 18.34 -28.27
C LYS B 46 -9.47 17.85 -27.08
N MET B 47 -9.03 16.77 -26.43
CA MET B 47 -9.71 16.29 -25.24
C MET B 47 -9.68 17.33 -24.11
N ILE B 48 -8.55 18.01 -23.88
CA ILE B 48 -8.45 18.88 -22.70
C ILE B 48 -8.96 20.28 -23.00
N ALA B 49 -9.20 20.59 -24.28
CA ALA B 49 -9.64 21.93 -24.68
C ALA B 49 -10.91 22.37 -23.95
N PRO B 50 -12.01 21.59 -23.90
CA PRO B 50 -13.18 21.97 -23.11
C PRO B 50 -12.88 22.16 -21.62
N ILE B 51 -11.99 21.33 -21.08
CA ILE B 51 -11.61 21.42 -19.68
C ILE B 51 -10.92 22.77 -19.42
N LEU B 52 -10.02 23.16 -20.34
CA LEU B 52 -9.30 24.40 -20.21
C LEU B 52 -10.28 25.58 -20.23
N ASP B 53 -11.36 25.48 -21.03
CA ASP B 53 -12.35 26.54 -21.10
C ASP B 53 -13.06 26.64 -19.75
N GLU B 54 -13.32 25.50 -19.12
CA GLU B 54 -13.96 25.47 -17.81
C GLU B 54 -13.02 26.03 -16.73
N ILE B 55 -11.74 25.63 -16.76
CA ILE B 55 -10.73 26.18 -15.86
C ILE B 55 -10.72 27.70 -15.97
N ALA B 56 -10.65 28.21 -17.21
CA ALA B 56 -10.54 29.64 -17.44
C ALA B 56 -11.70 30.40 -16.80
N ASP B 57 -12.91 29.83 -16.85
CA ASP B 57 -14.06 30.49 -16.22
C ASP B 57 -13.93 30.41 -14.70
N GLU B 58 -13.74 29.19 -14.17
CA GLU B 58 -13.81 28.95 -12.74
C GLU B 58 -12.69 29.70 -12.02
N TYR B 59 -11.53 29.86 -12.67
CA TYR B 59 -10.36 30.36 -11.94
C TYR B 59 -10.13 31.81 -12.34
N GLN B 60 -11.12 32.40 -13.00
CA GLN B 60 -10.98 33.80 -13.39
C GLN B 60 -10.67 34.60 -12.15
N GLY B 61 -9.74 35.55 -12.28
CA GLY B 61 -9.28 36.32 -11.15
C GLY B 61 -8.06 35.71 -10.47
N LYS B 62 -7.82 34.41 -10.65
CA LYS B 62 -6.68 33.75 -10.02
C LYS B 62 -5.71 33.19 -11.08
N LEU B 63 -6.24 32.86 -12.27
CA LEU B 63 -5.42 32.23 -13.29
C LEU B 63 -5.94 32.68 -14.66
N THR B 64 -5.03 32.84 -15.62
CA THR B 64 -5.38 33.06 -17.01
C THR B 64 -4.86 31.85 -17.77
N VAL B 65 -5.71 31.32 -18.64
CA VAL B 65 -5.33 30.22 -19.51
C VAL B 65 -4.93 30.83 -20.85
N ALA B 66 -3.78 30.39 -21.37
CA ALA B 66 -3.24 30.80 -22.65
C ALA B 66 -2.84 29.55 -23.45
N LYS B 67 -2.89 29.65 -24.79
CA LYS B 67 -2.54 28.52 -25.63
C LYS B 67 -1.58 29.03 -26.71
N LEU B 68 -0.59 28.17 -27.03
CA LEU B 68 0.35 28.40 -28.10
C LEU B 68 0.31 27.18 -28.98
N ASN B 69 -0.16 27.38 -30.22
CA ASN B 69 -0.19 26.35 -31.23
C ASN B 69 1.23 26.21 -31.76
N ILE B 70 1.78 24.99 -31.68
CA ILE B 70 3.21 24.81 -31.94
C ILE B 70 3.47 24.63 -33.43
N ASP B 71 2.42 24.45 -34.24
CA ASP B 71 2.63 24.42 -35.68
C ASP B 71 2.76 25.85 -36.19
N GLN B 72 1.87 26.73 -35.73
CA GLN B 72 1.87 28.10 -36.18
C GLN B 72 2.94 28.92 -35.47
N ASN B 73 3.31 28.49 -34.26
CA ASN B 73 4.36 29.19 -33.55
C ASN B 73 5.42 28.17 -33.11
N PRO B 74 6.35 27.76 -34.00
CA PRO B 74 7.34 26.74 -33.63
C PRO B 74 8.51 27.24 -32.80
N GLY B 75 8.61 28.56 -32.56
CA GLY B 75 9.78 29.14 -31.91
C GLY B 75 9.86 28.85 -30.40
N THR B 76 8.70 28.86 -29.71
CA THR B 76 8.69 28.95 -28.25
C THR B 76 8.88 27.59 -27.54
N ALA B 77 8.17 26.55 -27.96
CA ALA B 77 8.20 25.33 -27.17
C ALA B 77 9.61 24.77 -26.94
N PRO B 78 10.51 24.74 -27.94
CA PRO B 78 11.85 24.16 -27.75
C PRO B 78 12.68 24.83 -26.64
N LYS B 79 12.35 26.10 -26.37
CA LYS B 79 13.00 26.85 -25.32
C LYS B 79 12.58 26.33 -23.94
N TYR B 80 11.56 25.45 -23.89
CA TYR B 80 11.09 24.97 -22.59
C TYR B 80 11.29 23.47 -22.51
N GLY B 81 12.03 22.92 -23.48
CA GLY B 81 12.22 21.48 -23.62
C GLY B 81 10.91 20.70 -23.83
N ILE B 82 9.93 21.30 -24.51
CA ILE B 82 8.69 20.60 -24.83
C ILE B 82 9.02 19.47 -25.80
N ARG B 83 8.48 18.28 -25.52
CA ARG B 83 8.61 17.13 -26.41
C ARG B 83 7.23 16.72 -26.95
N GLY B 84 6.46 16.04 -26.10
CA GLY B 84 5.11 15.60 -26.44
C GLY B 84 4.07 16.69 -26.21
N ILE B 85 2.90 16.54 -26.83
CA ILE B 85 1.81 17.49 -26.58
C ILE B 85 0.55 16.69 -26.28
N PRO B 86 -0.40 17.24 -25.49
CA PRO B 86 -0.22 18.56 -24.90
C PRO B 86 0.75 18.51 -23.72
N THR B 87 1.39 19.65 -23.46
CA THR B 87 2.15 19.93 -22.25
C THR B 87 1.61 21.25 -21.73
N LEU B 88 1.34 21.31 -20.42
CA LEU B 88 0.95 22.55 -19.75
C LEU B 88 2.12 23.07 -18.91
N LEU B 89 2.36 24.39 -18.94
CA LEU B 89 3.31 25.06 -18.05
C LEU B 89 2.55 26.14 -17.28
N LEU B 90 2.70 26.13 -15.95
CA LEU B 90 2.13 27.17 -15.12
C LEU B 90 3.25 28.15 -14.80
N PHE B 91 3.04 29.41 -15.19
CA PHE B 91 3.98 30.47 -14.91
C PHE B 91 3.39 31.38 -13.84
N LYS B 92 4.23 31.89 -12.94
CA LYS B 92 3.80 32.96 -12.06
C LYS B 92 4.91 34.00 -11.99
N ASN B 93 4.58 35.24 -12.40
CA ASN B 93 5.55 36.31 -12.36
C ASN B 93 6.85 35.90 -13.04
N GLY B 94 6.75 35.19 -14.15
CA GLY B 94 7.92 35.00 -15.00
C GLY B 94 8.66 33.72 -14.68
N GLU B 95 8.22 33.03 -13.60
CA GLU B 95 8.83 31.78 -13.20
C GLU B 95 7.97 30.59 -13.66
N VAL B 96 8.63 29.51 -14.09
CA VAL B 96 7.96 28.23 -14.29
C VAL B 96 7.67 27.62 -12.92
N ALA B 97 6.40 27.60 -12.51
CA ALA B 97 6.02 27.06 -11.20
C ALA B 97 5.88 25.54 -11.26
N ALA B 98 5.42 24.99 -12.40
CA ALA B 98 5.13 23.57 -12.53
C ALA B 98 4.88 23.21 -13.99
N THR B 99 5.01 21.92 -14.33
CA THR B 99 4.80 21.44 -15.69
C THR B 99 3.93 20.19 -15.58
N LYS B 100 3.07 19.96 -16.58
CA LYS B 100 2.25 18.77 -16.68
C LYS B 100 2.21 18.29 -18.14
N VAL B 101 2.72 17.08 -18.35
CA VAL B 101 2.82 16.49 -19.66
C VAL B 101 1.63 15.55 -19.84
N GLY B 102 0.98 15.68 -21.00
CA GLY B 102 -0.13 14.82 -21.39
C GLY B 102 -1.48 15.23 -20.81
N ALA B 103 -2.53 14.55 -21.28
CA ALA B 103 -3.90 14.89 -20.96
C ALA B 103 -4.18 14.46 -19.53
N LEU B 104 -5.20 15.05 -18.92
CA LEU B 104 -5.61 14.62 -17.59
C LEU B 104 -7.04 15.07 -17.39
N SER B 105 -7.68 14.56 -16.33
CA SER B 105 -9.07 14.85 -16.07
C SER B 105 -9.17 16.26 -15.50
N LYS B 106 -10.37 16.82 -15.49
CA LYS B 106 -10.61 18.15 -14.95
C LYS B 106 -10.30 18.16 -13.45
N GLY B 107 -10.63 17.03 -12.78
CA GLY B 107 -10.32 16.86 -11.36
C GLY B 107 -8.81 16.87 -11.10
N GLN B 108 -8.04 16.12 -11.91
CA GLN B 108 -6.60 16.10 -11.78
C GLN B 108 -6.00 17.48 -12.05
N LEU B 109 -6.53 18.18 -13.06
CA LEU B 109 -6.00 19.49 -13.41
C LEU B 109 -6.20 20.47 -12.27
N LYS B 110 -7.38 20.41 -11.65
CA LYS B 110 -7.70 21.31 -10.55
C LYS B 110 -6.74 21.12 -9.38
N GLU B 111 -6.39 19.87 -9.06
CA GLU B 111 -5.53 19.64 -7.92
C GLU B 111 -4.13 20.15 -8.23
N PHE B 112 -3.64 19.83 -9.44
CA PHE B 112 -2.41 20.43 -9.94
C PHE B 112 -2.42 21.94 -9.78
N LEU B 113 -3.48 22.61 -10.24
CA LEU B 113 -3.52 24.07 -10.18
C LEU B 113 -3.55 24.59 -8.73
N ASP B 114 -4.49 24.04 -7.95
CA ASP B 114 -4.71 24.45 -6.56
C ASP B 114 -3.39 24.39 -5.79
N ALA B 115 -2.73 23.23 -5.84
CA ALA B 115 -1.45 23.00 -5.16
C ALA B 115 -0.42 24.04 -5.62
N ASN B 116 -0.22 24.12 -6.94
CA ASN B 116 0.84 24.96 -7.50
C ASN B 116 0.55 26.46 -7.41
N LEU B 117 -0.73 26.85 -7.43
CA LEU B 117 -1.06 28.24 -7.15
C LEU B 117 -0.75 28.58 -5.70
N ALA B 118 -0.83 27.60 -4.79
CA ALA B 118 -0.57 27.86 -3.38
C ALA B 118 0.93 28.10 -3.17
N GLY B 119 1.78 27.42 -3.96
CA GLY B 119 3.20 27.68 -3.89
C GLY B 119 3.94 26.76 -2.91
N SER B 120 3.26 26.35 -1.81
CA SER B 120 3.76 25.33 -0.89
C SER B 120 2.56 24.74 -0.15
N ALA B 121 2.79 23.65 0.60
CA ALA B 121 1.72 23.00 1.36
C ALA B 121 1.61 23.56 2.77
N MET B 122 2.60 24.36 3.20
CA MET B 122 2.67 24.82 4.58
C MET B 122 3.69 25.95 4.69
N GLU B 123 3.33 26.96 5.48
CA GLU B 123 4.23 28.04 5.89
C GLU B 123 5.09 27.54 7.04
N SER B 124 6.41 27.63 6.81
CA SER B 124 7.41 27.10 7.71
C SER B 124 7.57 28.01 8.91
N THR B 125 7.89 27.41 10.07
CA THR B 125 8.38 28.25 11.16
C THR B 125 9.85 28.59 11.00
N VAL B 126 10.55 27.97 10.05
CA VAL B 126 12.00 28.13 9.96
C VAL B 126 12.35 29.19 8.89
N MET B 127 13.18 30.17 9.27
CA MET B 127 13.71 31.11 8.29
C MET B 127 15.19 30.81 8.05
N VAL B 128 15.62 30.86 6.78
CA VAL B 128 17.06 30.82 6.51
C VAL B 128 17.55 32.17 6.01
N LEU B 129 18.66 32.66 6.60
CA LEU B 129 19.34 33.87 6.13
C LEU B 129 20.56 33.48 5.31
N ARG B 130 20.58 33.99 4.07
CA ARG B 130 21.64 33.71 3.10
C ARG B 130 22.40 35.00 2.79
N ASN B 131 23.72 34.84 2.63
CA ASN B 131 24.61 35.92 2.21
C ASN B 131 24.74 36.95 3.32
N MET B 132 24.69 36.50 4.58
CA MET B 132 24.67 37.49 5.65
C MET B 132 26.04 37.60 6.32
N VAL B 133 26.80 36.50 6.34
CA VAL B 133 28.12 36.46 6.96
C VAL B 133 29.02 35.55 6.12
N ASP B 134 30.33 35.77 6.25
CA ASP B 134 31.33 34.86 5.75
C ASP B 134 31.79 33.97 6.89
N PRO B 135 32.34 32.76 6.59
CA PRO B 135 32.90 31.90 7.62
C PRO B 135 33.85 32.65 8.54
N LYS B 136 34.66 33.54 7.94
CA LYS B 136 35.57 34.44 8.63
C LYS B 136 34.86 35.20 9.77
N ASP B 137 33.57 35.47 9.61
CA ASP B 137 32.86 36.36 10.53
C ASP B 137 32.28 35.61 11.73
N ILE B 138 32.30 34.27 11.70
CA ILE B 138 31.68 33.51 12.77
C ILE B 138 32.53 33.66 14.03
N ASP B 139 31.92 34.16 15.10
CA ASP B 139 32.58 34.25 16.41
C ASP B 139 31.62 33.70 17.46
N ASP B 140 32.00 33.81 18.74
CA ASP B 140 31.20 33.25 19.82
C ASP B 140 29.96 34.10 20.11
N ASP B 141 29.86 35.29 19.50
CA ASP B 141 28.77 36.19 19.83
C ASP B 141 27.60 36.02 18.85
N LEU B 142 27.88 35.46 17.67
CA LEU B 142 26.99 35.60 16.52
C LEU B 142 25.64 34.96 16.81
N GLU B 143 25.65 33.78 17.44
CA GLU B 143 24.41 33.07 17.73
C GLU B 143 23.49 33.92 18.62
N GLY B 144 24.06 34.50 19.68
CA GLY B 144 23.32 35.36 20.59
C GLY B 144 22.82 36.64 19.93
N GLU B 145 23.64 37.21 19.03
CA GLU B 145 23.27 38.40 18.28
C GLU B 145 22.08 38.08 17.37
N VAL B 146 22.19 36.99 16.63
CA VAL B 146 21.08 36.62 15.79
C VAL B 146 19.85 36.42 16.67
N THR B 147 20.00 35.68 17.78
CA THR B 147 18.84 35.41 18.63
C THR B 147 18.19 36.72 19.10
N GLU B 148 19.01 37.71 19.45
CA GLU B 148 18.47 38.93 20.02
C GLU B 148 17.80 39.78 18.94
N GLU B 149 18.46 39.93 17.78
CA GLU B 149 17.90 40.66 16.67
C GLU B 149 16.57 40.04 16.19
N CYS B 150 16.55 38.71 16.04
CA CYS B 150 15.36 38.03 15.53
C CYS B 150 14.28 37.95 16.59
N GLY B 151 14.70 38.05 17.87
CA GLY B 151 13.76 38.10 18.97
C GLY B 151 12.83 39.31 18.85
N LYS B 152 13.16 40.26 17.96
CA LYS B 152 12.31 41.43 17.76
C LYS B 152 11.00 41.05 17.08
N PHE B 153 10.95 39.86 16.42
CA PHE B 153 9.83 39.48 15.58
C PHE B 153 8.98 38.37 16.22
N GLY B 154 9.49 37.77 17.30
CA GLY B 154 8.74 36.69 17.91
C GLY B 154 9.68 35.81 18.73
N ALA B 155 9.15 34.76 19.33
CA ALA B 155 9.93 33.90 20.20
C ALA B 155 10.82 33.01 19.33
N VAL B 156 12.12 33.01 19.61
CA VAL B 156 13.08 32.24 18.81
C VAL B 156 13.36 30.89 19.47
N ASN B 157 13.11 29.79 18.75
CA ASN B 157 13.30 28.46 19.32
C ASN B 157 14.80 28.13 19.34
N ARG B 158 15.46 28.28 18.17
CA ARG B 158 16.81 27.81 17.95
C ARG B 158 17.43 28.60 16.79
N VAL B 159 18.75 28.82 16.88
CA VAL B 159 19.54 29.38 15.78
C VAL B 159 20.69 28.43 15.48
N ILE B 160 20.90 28.15 14.18
CA ILE B 160 22.02 27.32 13.74
C ILE B 160 22.83 28.15 12.74
N ILE B 161 24.10 28.37 13.09
CA ILE B 161 25.09 28.95 12.19
C ILE B 161 25.73 27.76 11.48
N TYR B 162 25.33 27.57 10.23
CA TYR B 162 25.68 26.37 9.50
C TYR B 162 26.64 26.71 8.36
N GLN B 163 27.79 26.01 8.33
CA GLN B 163 28.79 26.17 7.27
C GLN B 163 28.64 25.05 6.26
N GLU B 164 28.67 25.39 4.98
CA GLU B 164 28.40 24.39 3.96
C GLU B 164 29.38 24.58 2.82
N LYS B 165 30.01 23.48 2.42
CA LYS B 165 30.96 23.44 1.32
C LYS B 165 30.21 23.19 0.02
N GLN B 166 30.42 24.10 -0.95
CA GLN B 166 29.67 24.13 -2.20
C GLN B 166 30.43 23.35 -3.29
N GLY B 167 30.40 22.02 -3.18
CA GLY B 167 31.02 21.14 -4.17
C GLY B 167 32.11 20.27 -3.55
N GLU B 168 32.58 19.29 -4.33
CA GLU B 168 33.43 18.23 -3.81
C GLU B 168 34.91 18.63 -3.84
N GLU B 169 35.29 19.64 -4.64
CA GLU B 169 36.69 20.01 -4.82
C GLU B 169 37.28 20.55 -3.52
N GLU B 170 38.59 20.34 -3.32
CA GLU B 170 39.30 20.70 -2.11
C GLU B 170 39.19 22.21 -1.83
N ASP B 171 39.20 23.00 -2.90
CA ASP B 171 39.22 24.44 -2.92
C ASP B 171 37.81 25.03 -3.01
N ALA B 172 36.77 24.22 -2.83
CA ALA B 172 35.40 24.66 -3.07
C ALA B 172 34.99 25.65 -1.98
N GLU B 173 34.00 26.50 -2.27
CA GLU B 173 33.71 27.64 -1.41
C GLU B 173 32.91 27.22 -0.17
N ILE B 174 33.25 27.83 0.97
CA ILE B 174 32.48 27.61 2.18
C ILE B 174 31.57 28.83 2.41
N ILE B 175 30.26 28.59 2.55
CA ILE B 175 29.33 29.68 2.86
C ILE B 175 28.63 29.38 4.19
N VAL B 176 27.96 30.40 4.72
CA VAL B 176 27.23 30.28 5.97
C VAL B 176 25.74 30.44 5.70
N LYS B 177 24.91 29.58 6.29
CA LYS B 177 23.48 29.78 6.29
C LYS B 177 23.10 29.90 7.76
N ILE B 178 22.26 30.90 8.03
CA ILE B 178 21.78 31.13 9.38
C ILE B 178 20.32 30.72 9.44
N PHE B 179 20.08 29.62 10.16
CA PHE B 179 18.73 29.13 10.36
C PHE B 179 18.14 29.79 11.61
N VAL B 180 16.89 30.25 11.49
CA VAL B 180 16.19 30.83 12.63
C VAL B 180 14.81 30.17 12.71
N GLU B 181 14.63 29.34 13.73
CA GLU B 181 13.37 28.64 13.92
C GLU B 181 12.56 29.42 14.95
N PHE B 182 11.39 29.94 14.51
CA PHE B 182 10.47 30.65 15.38
C PHE B 182 9.47 29.66 15.99
N SER B 183 8.72 30.14 16.99
CA SER B 183 7.76 29.29 17.68
C SER B 183 6.54 28.98 16.79
N ILE B 184 6.18 29.93 15.89
CA ILE B 184 4.96 29.83 15.10
C ILE B 184 5.16 30.65 13.82
N ALA B 185 4.46 30.30 12.74
CA ALA B 185 4.87 30.70 11.41
C ALA B 185 4.57 32.17 11.15
N SER B 186 3.70 32.77 11.97
CA SER B 186 3.38 34.20 11.85
C SER B 186 4.61 35.04 12.18
N GLU B 187 5.43 34.54 13.11
CA GLU B 187 6.67 35.18 13.55
C GLU B 187 7.72 35.09 12.44
N THR B 188 7.86 33.90 11.84
CA THR B 188 8.79 33.68 10.77
C THR B 188 8.47 34.60 9.60
N HIS B 189 7.16 34.78 9.38
CA HIS B 189 6.67 35.63 8.29
C HIS B 189 7.04 37.09 8.50
N LYS B 190 6.79 37.62 9.70
CA LYS B 190 7.16 39.00 10.02
C LYS B 190 8.67 39.21 9.81
N ALA B 191 9.50 38.25 10.26
CA ALA B 191 10.96 38.37 10.19
C ALA B 191 11.42 38.40 8.74
N ILE B 192 10.83 37.58 7.86
CA ILE B 192 11.24 37.51 6.47
C ILE B 192 10.90 38.82 5.76
N GLN B 193 9.71 39.34 6.08
CA GLN B 193 9.17 40.56 5.51
C GLN B 193 10.08 41.73 5.91
N ALA B 194 10.55 41.75 7.16
CA ALA B 194 11.44 42.82 7.60
C ALA B 194 12.86 42.67 7.08
N LEU B 195 13.30 41.44 6.76
CA LEU B 195 14.73 41.24 6.56
C LEU B 195 15.05 41.02 5.08
N ASN B 196 14.11 40.49 4.31
CA ASN B 196 14.48 40.06 2.98
C ASN B 196 14.89 41.28 2.15
N GLY B 197 16.03 41.16 1.44
CA GLY B 197 16.53 42.20 0.58
C GLY B 197 17.09 43.42 1.32
N ARG B 198 17.29 43.32 2.65
CA ARG B 198 17.87 44.43 3.37
C ARG B 198 19.40 44.36 3.28
N TRP B 199 20.03 45.54 3.28
CA TRP B 199 21.48 45.70 3.28
C TRP B 199 21.96 45.80 4.71
N PHE B 200 22.97 44.99 5.06
CA PHE B 200 23.66 45.06 6.33
C PHE B 200 25.18 45.00 6.09
N ALA B 201 25.87 46.06 6.50
CA ALA B 201 27.33 46.13 6.37
C ALA B 201 27.80 45.59 5.02
N GLY B 202 27.25 46.14 3.93
CA GLY B 202 27.80 45.90 2.61
C GLY B 202 27.30 44.62 1.92
N ARG B 203 26.34 43.90 2.53
CA ARG B 203 25.77 42.78 1.78
C ARG B 203 24.25 42.75 1.88
N LYS B 204 23.63 42.29 0.80
CA LYS B 204 22.19 42.22 0.65
C LYS B 204 21.70 40.82 1.06
N VAL B 205 20.99 40.78 2.20
CA VAL B 205 20.52 39.55 2.81
C VAL B 205 19.34 38.97 2.02
N VAL B 206 19.37 37.65 1.80
CA VAL B 206 18.19 36.90 1.41
C VAL B 206 17.63 36.26 2.69
N ALA B 207 16.39 36.61 3.03
CA ALA B 207 15.65 35.95 4.10
C ALA B 207 14.46 35.23 3.48
N GLU B 208 14.32 33.91 3.74
CA GLU B 208 13.20 33.17 3.17
C GLU B 208 12.88 31.93 4.02
N VAL B 209 11.76 31.28 3.69
CA VAL B 209 11.33 30.10 4.43
C VAL B 209 12.28 28.96 4.08
N TYR B 210 12.51 28.08 5.08
CA TYR B 210 13.24 26.84 4.87
C TYR B 210 12.29 25.71 5.25
N ASP B 211 12.25 24.68 4.40
CA ASP B 211 11.40 23.50 4.55
C ASP B 211 11.47 22.94 5.97
N GLN B 212 10.33 23.02 6.67
CA GLN B 212 10.30 22.69 8.08
C GLN B 212 10.59 21.22 8.31
N GLU B 213 10.08 20.34 7.43
CA GLU B 213 10.35 18.92 7.51
C GLU B 213 11.83 18.59 7.32
N ARG B 214 12.51 19.27 6.37
CA ARG B 214 13.94 19.04 6.23
C ARG B 214 14.65 19.43 7.54
N PHE B 215 14.34 20.60 8.08
CA PHE B 215 15.01 21.12 9.26
C PHE B 215 14.78 20.19 10.44
N ASP B 216 13.54 19.71 10.56
CA ASP B 216 13.15 18.91 11.71
C ASP B 216 13.91 17.58 11.68
N ASN B 217 14.39 17.21 10.48
CA ASN B 217 15.07 15.96 10.22
C ASN B 217 16.57 16.21 10.05
N SER B 218 17.04 17.35 10.56
CA SER B 218 18.45 17.71 10.51
C SER B 218 18.98 17.72 9.06
N ASP B 219 18.16 18.10 8.09
CA ASP B 219 18.68 18.28 6.74
C ASP B 219 18.76 19.78 6.43
N LEU B 220 19.99 20.33 6.50
CA LEU B 220 20.25 21.77 6.35
C LEU B 220 20.85 22.06 4.97
N SER B 221 20.70 21.11 4.04
CA SER B 221 21.41 21.15 2.77
C SER B 221 20.67 22.01 1.74
N ALA B 222 19.44 22.45 2.04
CA ALA B 222 18.70 23.00 0.91
C ALA B 222 18.80 24.54 0.87
N ASP C 12 38.70 -2.70 16.08
CA ASP C 12 37.47 -2.30 15.34
C ASP C 12 37.85 -1.24 14.30
N LYS C 13 37.07 -1.18 13.22
CA LYS C 13 37.37 -0.23 12.15
C LYS C 13 36.61 1.08 12.35
N ILE C 14 35.76 1.12 13.39
CA ILE C 14 35.03 2.33 13.75
C ILE C 14 35.97 3.39 14.33
N ILE C 15 35.83 4.64 13.86
CA ILE C 15 36.65 5.73 14.37
C ILE C 15 35.83 6.50 15.39
N HIS C 16 36.35 6.65 16.62
CA HIS C 16 35.68 7.49 17.60
C HIS C 16 36.26 8.89 17.58
N LEU C 17 35.36 9.87 17.45
CA LEU C 17 35.68 11.26 17.13
C LEU C 17 35.66 12.10 18.40
N THR C 18 36.33 13.25 18.34
CA THR C 18 36.16 14.30 19.33
C THR C 18 35.76 15.59 18.61
N ASP C 19 35.19 16.54 19.36
CA ASP C 19 34.92 17.86 18.84
C ASP C 19 36.20 18.40 18.21
N ASP C 20 37.32 18.23 18.93
CA ASP C 20 38.59 18.83 18.54
C ASP C 20 39.07 18.28 17.18
N SER C 21 38.86 16.96 16.96
CA SER C 21 39.34 16.20 15.81
C SER C 21 38.35 16.18 14.65
N PHE C 22 37.11 16.67 14.88
CA PHE C 22 36.03 16.48 13.92
C PHE C 22 36.35 17.04 12.53
N ASP C 23 36.81 18.30 12.46
CA ASP C 23 37.05 18.91 11.15
C ASP C 23 38.07 18.11 10.34
N THR C 24 39.17 17.71 10.97
CA THR C 24 40.24 16.95 10.35
C THR C 24 39.79 15.54 9.96
N ASP C 25 39.14 14.84 10.90
CA ASP C 25 38.85 13.43 10.67
C ASP C 25 37.61 13.24 9.82
N VAL C 26 36.76 14.29 9.71
CA VAL C 26 35.51 14.13 8.98
C VAL C 26 35.49 15.07 7.77
N LEU C 27 35.52 16.38 8.01
CA LEU C 27 35.32 17.31 6.89
C LEU C 27 36.47 17.19 5.88
N LYS C 28 37.66 16.74 6.32
CA LYS C 28 38.83 16.69 5.46
C LYS C 28 39.26 15.24 5.19
N ALA C 29 38.40 14.25 5.49
CA ALA C 29 38.82 12.87 5.34
C ALA C 29 38.77 12.48 3.86
N ASP C 30 39.41 11.35 3.55
CA ASP C 30 39.32 10.76 2.23
C ASP C 30 38.21 9.72 2.21
N GLY C 31 37.36 9.81 1.18
CA GLY C 31 36.27 8.87 0.99
C GLY C 31 35.08 9.19 1.89
N ALA C 32 33.97 8.50 1.66
CA ALA C 32 32.72 8.61 2.38
C ALA C 32 32.93 8.30 3.87
N ILE C 33 32.40 9.17 4.75
CA ILE C 33 32.44 8.97 6.19
C ILE C 33 31.01 8.97 6.72
N LEU C 34 30.66 7.93 7.49
CA LEU C 34 29.35 7.89 8.14
C LEU C 34 29.52 8.25 9.60
N VAL C 35 28.88 9.34 10.05
CA VAL C 35 29.00 9.78 11.43
C VAL C 35 27.72 9.47 12.18
N ASP C 36 27.88 8.81 13.34
CA ASP C 36 26.81 8.49 14.25
C ASP C 36 26.95 9.35 15.50
N PHE C 37 25.97 10.25 15.71
CA PHE C 37 25.84 11.03 16.93
C PHE C 37 25.03 10.18 17.93
N TRP C 38 25.67 9.84 19.05
CA TRP C 38 25.14 8.81 19.95
C TRP C 38 25.36 9.20 21.42
N ALA C 39 24.70 8.43 22.29
CA ALA C 39 25.02 8.52 23.71
C ALA C 39 24.78 7.17 24.37
N GLU C 40 25.42 7.00 25.52
CA GLU C 40 25.52 5.72 26.20
C GLU C 40 24.16 5.25 26.70
N TRP C 41 23.32 6.20 27.13
CA TRP C 41 22.05 5.90 27.76
C TRP C 41 20.95 5.68 26.71
N CYS C 42 21.29 5.81 25.41
CA CYS C 42 20.32 5.90 24.33
C CYS C 42 19.98 4.51 23.77
N GLY C 43 18.74 4.03 23.95
CA GLY C 43 18.41 2.66 23.57
C GLY C 43 18.56 2.41 22.07
N PRO C 44 17.93 3.23 21.22
CA PRO C 44 18.16 3.14 19.77
C PRO C 44 19.62 3.18 19.32
N CYS C 45 20.49 3.94 20.01
CA CYS C 45 21.90 4.00 19.63
C CYS C 45 22.58 2.66 19.92
N LYS C 46 22.19 2.01 21.04
CA LYS C 46 22.76 0.71 21.39
C LYS C 46 22.26 -0.34 20.40
N MET C 47 21.02 -0.19 19.94
CA MET C 47 20.48 -1.14 18.98
C MET C 47 21.28 -1.08 17.68
N ILE C 48 21.63 0.13 17.23
CA ILE C 48 22.33 0.16 15.95
C ILE C 48 23.82 -0.12 16.08
N ALA C 49 24.37 -0.07 17.30
CA ALA C 49 25.82 -0.22 17.50
C ALA C 49 26.33 -1.47 16.79
N PRO C 50 25.78 -2.68 17.04
CA PRO C 50 26.28 -3.89 16.38
C PRO C 50 26.10 -3.93 14.87
N ILE C 51 25.11 -3.19 14.36
CA ILE C 51 24.87 -3.09 12.93
C ILE C 51 25.98 -2.24 12.29
N LEU C 52 26.41 -1.20 13.02
CA LEU C 52 27.45 -0.30 12.56
C LEU C 52 28.77 -1.08 12.48
N ASP C 53 29.02 -1.96 13.47
CA ASP C 53 30.18 -2.85 13.46
C ASP C 53 30.22 -3.68 12.19
N GLU C 54 29.08 -4.25 11.82
CA GLU C 54 29.00 -5.06 10.62
C GLU C 54 29.21 -4.21 9.37
N ILE C 55 28.61 -3.01 9.34
CA ILE C 55 28.81 -2.08 8.24
C ILE C 55 30.30 -1.75 8.05
N ALA C 56 30.98 -1.41 9.14
CA ALA C 56 32.38 -0.98 9.07
C ALA C 56 33.24 -2.05 8.39
N ASP C 57 32.99 -3.32 8.75
CA ASP C 57 33.67 -4.49 8.22
C ASP C 57 33.28 -4.71 6.76
N GLU C 58 31.98 -4.70 6.47
CA GLU C 58 31.50 -5.01 5.13
C GLU C 58 31.90 -3.95 4.10
N TYR C 59 31.96 -2.68 4.50
CA TYR C 59 32.20 -1.58 3.56
C TYR C 59 33.63 -1.07 3.67
N GLN C 60 34.48 -1.80 4.39
CA GLN C 60 35.89 -1.45 4.55
C GLN C 60 36.49 -1.17 3.16
N GLY C 61 37.21 -0.05 3.08
CA GLY C 61 37.82 0.38 1.84
C GLY C 61 36.92 1.30 1.04
N LYS C 62 35.64 1.39 1.44
CA LYS C 62 34.63 2.10 0.67
C LYS C 62 33.94 3.16 1.52
N LEU C 63 34.03 3.02 2.84
CA LEU C 63 33.29 3.83 3.78
C LEU C 63 34.02 3.74 5.10
N THR C 64 34.24 4.89 5.74
CA THR C 64 34.61 4.87 7.14
C THR C 64 33.35 5.12 7.99
N VAL C 65 33.17 4.30 9.02
CA VAL C 65 32.11 4.54 9.98
C VAL C 65 32.75 5.23 11.19
N ALA C 66 32.16 6.34 11.67
CA ALA C 66 32.71 7.05 12.82
C ALA C 66 31.58 7.35 13.80
N LYS C 67 31.93 7.62 15.07
CA LYS C 67 30.91 7.92 16.07
C LYS C 67 31.33 9.15 16.88
N LEU C 68 30.36 9.99 17.22
CA LEU C 68 30.62 11.08 18.15
C LEU C 68 29.65 11.03 19.34
N ASN C 69 30.19 10.90 20.54
CA ASN C 69 29.38 10.85 21.75
C ASN C 69 29.02 12.29 22.14
N ILE C 70 27.73 12.63 22.13
CA ILE C 70 27.32 14.02 22.26
C ILE C 70 27.40 14.49 23.72
N ASP C 71 27.47 13.56 24.69
CA ASP C 71 27.64 13.93 26.09
C ASP C 71 29.08 14.38 26.33
N GLN C 72 30.05 13.61 25.82
CA GLN C 72 31.48 13.83 25.97
C GLN C 72 32.01 14.85 24.97
N ASN C 73 31.29 15.00 23.85
CA ASN C 73 31.66 15.94 22.80
C ASN C 73 30.48 16.84 22.45
N PRO C 74 30.10 17.79 23.32
CA PRO C 74 28.85 18.53 23.14
C PRO C 74 28.87 19.66 22.10
N GLY C 75 30.03 19.90 21.51
CA GLY C 75 30.19 21.02 20.57
C GLY C 75 29.58 20.80 19.19
N THR C 76 29.73 19.59 18.63
CA THR C 76 29.60 19.37 17.20
C THR C 76 28.14 19.29 16.77
N ALA C 77 27.31 18.51 17.50
CA ALA C 77 25.97 18.15 17.02
C ALA C 77 25.11 19.38 16.75
N PRO C 78 25.08 20.43 17.61
CA PRO C 78 24.23 21.59 17.35
C PRO C 78 24.56 22.29 16.03
N LYS C 79 25.78 22.12 15.52
CA LYS C 79 26.22 22.80 14.31
C LYS C 79 25.66 22.09 13.08
N TYR C 80 25.05 20.90 13.31
CA TYR C 80 24.38 20.20 12.23
C TYR C 80 22.88 20.16 12.46
N GLY C 81 22.42 20.87 13.49
CA GLY C 81 21.03 20.82 13.88
C GLY C 81 20.60 19.41 14.31
N ILE C 82 21.48 18.72 15.03
CA ILE C 82 21.12 17.41 15.55
C ILE C 82 20.08 17.65 16.65
N ARG C 83 19.05 16.80 16.70
CA ARG C 83 17.97 16.94 17.68
C ARG C 83 17.89 15.66 18.51
N GLY C 84 17.22 14.63 17.97
CA GLY C 84 17.12 13.33 18.60
C GLY C 84 18.30 12.46 18.18
N ILE C 85 18.52 11.37 18.92
CA ILE C 85 19.61 10.45 18.61
C ILE C 85 19.03 9.04 18.59
N PRO C 86 19.62 8.10 17.82
CA PRO C 86 20.78 8.38 16.97
C PRO C 86 20.46 9.18 15.73
N THR C 87 21.44 9.94 15.25
CA THR C 87 21.32 10.53 13.92
C THR C 87 22.61 10.26 13.15
N LEU C 88 22.44 9.82 11.90
CA LEU C 88 23.57 9.49 11.04
C LEU C 88 23.68 10.56 9.97
N LEU C 89 24.89 11.12 9.81
CA LEU C 89 25.22 11.99 8.69
C LEU C 89 26.26 11.33 7.80
N LEU C 90 26.01 11.34 6.50
CA LEU C 90 27.01 10.77 5.61
C LEU C 90 27.71 11.92 4.91
N PHE C 91 29.06 11.94 4.99
CA PHE C 91 29.89 12.99 4.44
C PHE C 91 30.72 12.41 3.30
N LYS C 92 30.96 13.21 2.25
CA LYS C 92 31.98 12.93 1.25
C LYS C 92 32.60 14.26 0.84
N ASN C 93 33.94 14.36 0.97
CA ASN C 93 34.68 15.53 0.55
C ASN C 93 34.12 16.79 1.19
N GLY C 94 33.74 16.66 2.47
CA GLY C 94 33.36 17.78 3.29
C GLY C 94 31.95 18.29 2.96
N GLU C 95 31.23 17.52 2.14
CA GLU C 95 29.82 17.82 1.87
C GLU C 95 28.94 16.84 2.66
N VAL C 96 27.77 17.31 3.12
CA VAL C 96 26.77 16.41 3.71
C VAL C 96 26.04 15.70 2.57
N ALA C 97 26.30 14.41 2.39
CA ALA C 97 25.67 13.70 1.28
C ALA C 97 24.24 13.27 1.63
N ALA C 98 23.98 12.98 2.92
CA ALA C 98 22.69 12.42 3.29
C ALA C 98 22.60 12.40 4.81
N THR C 99 21.37 12.39 5.34
CA THR C 99 21.13 12.29 6.77
C THR C 99 20.06 11.23 7.03
N LYS C 100 20.16 10.56 8.19
CA LYS C 100 19.12 9.63 8.62
C LYS C 100 18.92 9.76 10.13
N VAL C 101 17.68 10.09 10.52
CA VAL C 101 17.34 10.21 11.93
C VAL C 101 16.75 8.89 12.40
N GLY C 102 17.25 8.38 13.53
CA GLY C 102 16.61 7.31 14.29
C GLY C 102 17.18 5.95 13.92
N ALA C 103 16.79 4.93 14.70
CA ALA C 103 17.25 3.58 14.47
C ALA C 103 16.66 3.02 13.19
N LEU C 104 17.27 1.95 12.67
CA LEU C 104 16.88 1.28 11.45
C LEU C 104 17.58 -0.08 11.39
N SER C 105 17.09 -0.95 10.52
CA SER C 105 17.62 -2.29 10.41
C SER C 105 18.89 -2.29 9.56
N LYS C 106 19.68 -3.35 9.69
CA LYS C 106 20.88 -3.51 8.88
C LYS C 106 20.51 -3.40 7.40
N GLY C 107 19.44 -4.10 7.01
CA GLY C 107 18.84 -4.01 5.68
C GLY C 107 18.64 -2.58 5.20
N GLN C 108 17.96 -1.75 6.01
CA GLN C 108 17.67 -0.36 5.65
C GLN C 108 18.94 0.50 5.61
N LEU C 109 19.87 0.29 6.53
CA LEU C 109 21.09 1.10 6.52
C LEU C 109 21.89 0.78 5.25
N LYS C 110 21.96 -0.51 4.86
CA LYS C 110 22.66 -0.94 3.65
C LYS C 110 22.02 -0.29 2.42
N GLU C 111 20.70 -0.10 2.45
CA GLU C 111 20.00 0.51 1.32
C GLU C 111 20.34 1.99 1.26
N PHE C 112 20.30 2.63 2.44
CA PHE C 112 20.64 4.04 2.59
C PHE C 112 22.07 4.26 2.11
N LEU C 113 23.00 3.38 2.49
CA LEU C 113 24.41 3.59 2.23
C LEU C 113 24.75 3.35 0.76
N ASP C 114 24.31 2.19 0.23
CA ASP C 114 24.47 1.82 -1.18
C ASP C 114 24.03 2.92 -2.12
N ALA C 115 22.84 3.50 -1.86
CA ALA C 115 22.28 4.52 -2.72
C ALA C 115 23.13 5.79 -2.68
N ASN C 116 23.48 6.23 -1.46
CA ASN C 116 24.18 7.50 -1.28
C ASN C 116 25.67 7.34 -1.64
N LEU C 117 26.21 6.13 -1.51
CA LEU C 117 27.56 5.91 -1.99
C LEU C 117 27.57 5.95 -3.51
N ALA C 118 26.50 5.45 -4.14
CA ALA C 118 26.46 5.42 -5.59
C ALA C 118 26.42 6.85 -6.10
N GLY C 119 25.62 7.72 -5.45
CA GLY C 119 25.55 9.10 -5.91
C GLY C 119 24.27 9.37 -6.74
N SER C 120 23.81 8.35 -7.46
CA SER C 120 22.60 8.45 -8.25
C SER C 120 22.20 7.04 -8.62
N ALA C 121 20.96 6.84 -9.08
CA ALA C 121 20.51 5.53 -9.55
C ALA C 121 20.98 5.26 -11.00
N MET C 122 21.32 6.33 -11.73
CA MET C 122 21.60 6.14 -13.14
C MET C 122 22.45 7.30 -13.65
N GLU C 123 23.43 7.03 -14.52
CA GLU C 123 24.17 8.10 -15.19
C GLU C 123 23.37 8.61 -16.37
N SER C 124 23.04 9.90 -16.31
CA SER C 124 22.25 10.66 -17.27
C SER C 124 22.96 10.88 -18.60
N THR C 125 22.14 10.93 -19.67
CA THR C 125 22.57 11.33 -20.99
C THR C 125 22.59 12.86 -21.08
N VAL C 126 22.05 13.53 -20.08
CA VAL C 126 21.83 14.96 -20.17
C VAL C 126 22.87 15.69 -19.31
N MET C 127 23.55 16.68 -19.92
CA MET C 127 24.47 17.60 -19.25
C MET C 127 23.81 18.98 -19.18
N VAL C 128 23.97 19.68 -18.05
CA VAL C 128 23.61 21.08 -17.98
C VAL C 128 24.88 21.89 -17.82
N LEU C 129 25.02 22.93 -18.64
CA LEU C 129 26.08 23.90 -18.50
C LEU C 129 25.50 25.13 -17.81
N ARG C 130 26.08 25.48 -16.66
CA ARG C 130 25.61 26.62 -15.88
C ARG C 130 26.69 27.70 -15.86
N ASN C 131 26.25 28.96 -15.71
CA ASN C 131 27.14 30.10 -15.66
C ASN C 131 27.96 30.25 -16.94
N MET C 132 27.47 29.73 -18.07
CA MET C 132 28.28 29.77 -19.28
C MET C 132 28.01 31.06 -20.07
N VAL C 133 26.75 31.49 -20.17
CA VAL C 133 26.41 32.68 -20.92
C VAL C 133 25.40 33.51 -20.15
N ASP C 134 25.39 34.81 -20.47
CA ASP C 134 24.44 35.79 -19.97
C ASP C 134 23.25 35.82 -20.92
N PRO C 135 22.01 36.05 -20.44
CA PRO C 135 20.87 36.18 -21.35
C PRO C 135 21.11 37.12 -22.53
N LYS C 136 21.88 38.19 -22.31
CA LYS C 136 22.18 39.19 -23.32
C LYS C 136 23.14 38.64 -24.37
N ASP C 137 23.75 37.48 -24.12
CA ASP C 137 24.67 36.94 -25.11
C ASP C 137 23.93 36.04 -26.10
N ILE C 138 22.69 35.65 -25.76
CA ILE C 138 21.98 34.66 -26.56
C ILE C 138 21.66 35.23 -27.94
N ASP C 139 21.80 34.37 -28.96
CA ASP C 139 21.41 34.73 -30.31
C ASP C 139 21.12 33.45 -31.09
N ASP C 140 20.79 33.62 -32.38
CA ASP C 140 20.32 32.56 -33.25
C ASP C 140 21.41 31.56 -33.54
N ASP C 141 22.68 31.90 -33.25
CA ASP C 141 23.78 31.01 -33.59
C ASP C 141 24.15 30.13 -32.39
N LEU C 142 23.67 30.47 -31.20
CA LEU C 142 24.25 29.89 -30.01
C LEU C 142 23.96 28.38 -29.92
N GLU C 143 22.73 27.98 -30.22
CA GLU C 143 22.36 26.56 -30.21
C GLU C 143 23.27 25.77 -31.14
N GLY C 144 23.50 26.34 -32.33
CA GLY C 144 24.30 25.68 -33.35
C GLY C 144 25.76 25.52 -32.93
N GLU C 145 26.28 26.51 -32.20
CA GLU C 145 27.65 26.55 -31.71
C GLU C 145 27.83 25.56 -30.56
N VAL C 146 26.89 25.53 -29.61
CA VAL C 146 26.91 24.50 -28.57
C VAL C 146 26.93 23.12 -29.20
N THR C 147 26.10 22.90 -30.22
CA THR C 147 25.98 21.59 -30.84
C THR C 147 27.32 21.18 -31.46
N GLU C 148 27.99 22.12 -32.09
CA GLU C 148 29.22 21.80 -32.77
C GLU C 148 30.30 21.54 -31.71
N GLU C 149 30.35 22.36 -30.66
CA GLU C 149 31.38 22.10 -29.66
C GLU C 149 31.15 20.73 -29.04
N CYS C 150 29.89 20.45 -28.66
CA CYS C 150 29.60 19.27 -27.85
C CYS C 150 29.66 18.02 -28.70
N GLY C 151 29.54 18.22 -30.03
CA GLY C 151 29.77 17.18 -31.02
C GLY C 151 31.17 16.58 -30.89
N LYS C 152 32.09 17.30 -30.23
CA LYS C 152 33.46 16.81 -30.01
C LYS C 152 33.48 15.60 -29.08
N PHE C 153 32.49 15.52 -28.20
CA PHE C 153 32.46 14.43 -27.24
C PHE C 153 31.59 13.26 -27.67
N GLY C 154 30.72 13.44 -28.68
CA GLY C 154 29.78 12.38 -28.99
C GLY C 154 28.55 12.93 -29.68
N ALA C 155 27.57 12.07 -29.95
CA ALA C 155 26.42 12.47 -30.74
C ALA C 155 25.43 13.27 -29.88
N VAL C 156 25.18 14.52 -30.27
CA VAL C 156 24.29 15.44 -29.58
C VAL C 156 22.85 15.24 -30.06
N ASN C 157 21.92 14.84 -29.18
CA ASN C 157 20.51 14.61 -29.55
C ASN C 157 19.78 15.94 -29.65
N ARG C 158 20.04 16.85 -28.71
CA ARG C 158 19.25 18.07 -28.60
C ARG C 158 19.99 19.00 -27.66
N VAL C 159 19.81 20.29 -27.90
CA VAL C 159 20.34 21.37 -27.09
C VAL C 159 19.20 22.32 -26.74
N ILE C 160 19.08 22.63 -25.45
CA ILE C 160 18.09 23.62 -25.04
C ILE C 160 18.80 24.84 -24.44
N ILE C 161 18.50 26.02 -24.97
CA ILE C 161 18.96 27.25 -24.37
C ILE C 161 17.79 27.69 -23.52
N TYR C 162 17.94 27.53 -22.19
CA TYR C 162 16.88 27.76 -21.23
C TYR C 162 17.17 29.01 -20.41
N GLN C 163 16.21 29.94 -20.42
CA GLN C 163 16.37 31.14 -19.62
C GLN C 163 15.49 30.99 -18.39
N GLU C 164 16.06 31.17 -17.19
CA GLU C 164 15.29 30.97 -15.98
C GLU C 164 15.36 32.22 -15.10
N LYS C 165 14.19 32.72 -14.70
CA LYS C 165 14.14 33.84 -13.77
C LYS C 165 14.20 33.33 -12.33
N GLN C 166 15.08 33.96 -11.51
CA GLN C 166 15.41 33.50 -10.16
C GLN C 166 14.65 34.30 -9.11
N GLY C 167 13.37 34.02 -8.93
CA GLY C 167 12.57 34.76 -7.98
C GLY C 167 11.39 35.48 -8.64
N GLU C 168 10.40 35.83 -7.82
CA GLU C 168 9.14 36.41 -8.25
C GLU C 168 9.28 37.92 -8.43
N GLU C 169 10.29 38.49 -7.76
CA GLU C 169 10.60 39.92 -7.79
C GLU C 169 10.68 40.41 -9.23
N GLU C 170 10.22 41.65 -9.45
CA GLU C 170 10.11 42.17 -10.79
C GLU C 170 11.50 42.38 -11.41
N ASP C 171 12.53 42.48 -10.57
CA ASP C 171 13.86 42.72 -11.12
C ASP C 171 14.74 41.49 -10.88
N ALA C 172 14.13 40.35 -10.54
CA ALA C 172 14.89 39.14 -10.29
C ALA C 172 15.87 38.86 -11.43
N GLU C 173 17.04 38.32 -11.09
CA GLU C 173 18.07 37.97 -12.06
C GLU C 173 17.58 36.90 -13.05
N ILE C 174 18.03 37.00 -14.30
CA ILE C 174 17.72 35.98 -15.27
C ILE C 174 19.03 35.28 -15.64
N ILE C 175 19.08 33.95 -15.43
CA ILE C 175 20.25 33.15 -15.76
C ILE C 175 19.92 32.23 -16.92
N VAL C 176 20.97 31.69 -17.54
CA VAL C 176 20.88 30.80 -18.69
C VAL C 176 21.40 29.42 -18.27
N LYS C 177 20.61 28.38 -18.50
CA LYS C 177 21.14 27.04 -18.37
C LYS C 177 21.14 26.44 -19.77
N ILE C 178 22.26 25.85 -20.17
CA ILE C 178 22.30 25.23 -21.48
C ILE C 178 22.25 23.72 -21.28
N PHE C 179 21.21 23.07 -21.80
CA PHE C 179 21.13 21.63 -21.66
C PHE C 179 21.68 20.96 -22.91
N VAL C 180 22.48 19.93 -22.72
CA VAL C 180 22.97 19.14 -23.83
C VAL C 180 22.65 17.67 -23.55
N GLU C 181 21.71 17.12 -24.34
CA GLU C 181 21.41 15.70 -24.29
C GLU C 181 22.19 14.93 -25.35
N PHE C 182 23.02 13.98 -24.89
CA PHE C 182 23.76 13.09 -25.80
C PHE C 182 22.99 11.79 -26.04
N SER C 183 23.47 10.97 -26.98
CA SER C 183 22.77 9.75 -27.36
C SER C 183 22.92 8.68 -26.28
N ILE C 184 24.05 8.68 -25.57
CA ILE C 184 24.29 7.65 -24.57
C ILE C 184 25.22 8.22 -23.51
N ALA C 185 25.14 7.67 -22.29
CA ALA C 185 25.68 8.27 -21.08
C ALA C 185 27.21 8.42 -21.09
N SER C 186 27.92 7.55 -21.82
CA SER C 186 29.37 7.65 -21.88
C SER C 186 29.83 8.93 -22.60
N GLU C 187 29.01 9.44 -23.52
CA GLU C 187 29.32 10.67 -24.26
C GLU C 187 29.19 11.85 -23.30
N THR C 188 28.03 11.88 -22.63
CA THR C 188 27.80 12.83 -21.56
C THR C 188 28.99 12.89 -20.61
N HIS C 189 29.46 11.74 -20.15
CA HIS C 189 30.49 11.71 -19.14
C HIS C 189 31.74 12.43 -19.64
N LYS C 190 32.09 12.16 -20.90
CA LYS C 190 33.28 12.73 -21.49
C LYS C 190 33.19 14.25 -21.52
N ALA C 191 32.05 14.77 -21.97
CA ALA C 191 31.82 16.21 -22.08
C ALA C 191 31.90 16.86 -20.71
N ILE C 192 31.24 16.28 -19.71
CA ILE C 192 31.27 16.86 -18.36
C ILE C 192 32.71 16.91 -17.82
N GLN C 193 33.48 15.84 -18.04
CA GLN C 193 34.79 15.77 -17.42
C GLN C 193 35.73 16.75 -18.12
N ALA C 194 35.52 16.96 -19.44
CA ALA C 194 36.37 17.87 -20.20
C ALA C 194 35.98 19.31 -19.95
N LEU C 195 34.72 19.60 -19.57
CA LEU C 195 34.23 20.98 -19.55
C LEU C 195 34.18 21.54 -18.13
N ASN C 196 33.90 20.67 -17.15
CA ASN C 196 33.54 21.14 -15.81
C ASN C 196 34.69 21.94 -15.18
N GLY C 197 34.39 23.11 -14.61
CA GLY C 197 35.40 23.92 -13.95
C GLY C 197 36.33 24.66 -14.92
N ARG C 198 36.12 24.53 -16.24
CA ARG C 198 36.95 25.29 -17.17
C ARG C 198 36.50 26.75 -17.22
N TRP C 199 37.43 27.64 -17.59
CA TRP C 199 37.12 29.04 -17.82
C TRP C 199 36.95 29.32 -19.32
N PHE C 200 35.78 29.84 -19.68
CA PHE C 200 35.53 30.28 -21.04
C PHE C 200 35.10 31.73 -20.97
N ALA C 201 35.79 32.58 -21.73
CA ALA C 201 35.46 34.00 -21.78
C ALA C 201 35.34 34.58 -20.37
N GLY C 202 36.25 34.17 -19.48
CA GLY C 202 36.42 34.79 -18.17
C GLY C 202 35.38 34.38 -17.12
N ARG C 203 34.56 33.36 -17.39
CA ARG C 203 33.66 32.81 -16.38
C ARG C 203 33.89 31.31 -16.25
N LYS C 204 33.78 30.83 -15.02
CA LYS C 204 34.11 29.46 -14.70
C LYS C 204 32.83 28.63 -14.85
N VAL C 205 32.87 27.67 -15.74
CA VAL C 205 31.65 26.97 -16.14
C VAL C 205 31.41 25.75 -15.25
N VAL C 206 30.15 25.53 -14.85
CA VAL C 206 29.74 24.27 -14.25
C VAL C 206 29.11 23.39 -15.34
N ALA C 207 29.64 22.18 -15.47
CA ALA C 207 29.12 21.15 -16.35
C ALA C 207 28.86 19.92 -15.50
N GLU C 208 27.59 19.48 -15.47
CA GLU C 208 27.22 18.39 -14.60
C GLU C 208 26.04 17.59 -15.17
N VAL C 209 25.83 16.41 -14.58
CA VAL C 209 24.66 15.64 -14.95
C VAL C 209 23.40 16.37 -14.52
N TYR C 210 22.35 16.24 -15.34
CA TYR C 210 21.00 16.68 -15.04
C TYR C 210 20.07 15.48 -15.16
N ASP C 211 19.22 15.32 -14.13
CA ASP C 211 18.34 14.18 -13.93
C ASP C 211 17.55 13.89 -15.20
N GLN C 212 17.70 12.68 -15.74
CA GLN C 212 17.20 12.37 -17.06
C GLN C 212 15.66 12.34 -17.05
N GLU C 213 15.09 11.90 -15.93
CA GLU C 213 13.64 11.83 -15.83
C GLU C 213 13.02 13.23 -15.82
N ARG C 214 13.57 14.16 -15.03
CA ARG C 214 13.11 15.54 -15.07
C ARG C 214 13.21 16.10 -16.49
N PHE C 215 14.37 15.94 -17.14
CA PHE C 215 14.53 16.42 -18.50
C PHE C 215 13.50 15.81 -19.47
N ASP C 216 13.25 14.50 -19.33
CA ASP C 216 12.37 13.78 -20.26
C ASP C 216 10.92 14.25 -20.13
N ASN C 217 10.62 14.85 -18.98
CA ASN C 217 9.30 15.34 -18.63
C ASN C 217 9.26 16.87 -18.71
N SER C 218 10.23 17.46 -19.40
CA SER C 218 10.20 18.90 -19.66
C SER C 218 10.26 19.72 -18.38
N ASP C 219 11.01 19.24 -17.38
CA ASP C 219 11.20 20.00 -16.15
C ASP C 219 12.65 20.44 -16.09
N LEU C 220 12.90 21.72 -16.36
CA LEU C 220 14.24 22.24 -16.54
C LEU C 220 14.57 23.15 -15.35
N SER C 221 13.84 22.95 -14.24
CA SER C 221 13.92 23.85 -13.09
C SER C 221 15.10 23.57 -12.16
N ALA C 222 15.75 22.40 -12.25
CA ALA C 222 16.71 21.98 -11.24
C ALA C 222 18.14 22.38 -11.63
N MET D 10 -41.96 4.03 -30.76
CA MET D 10 -40.68 4.82 -30.98
C MET D 10 -39.48 3.94 -30.65
N SER D 11 -38.39 4.09 -31.41
CA SER D 11 -37.20 3.25 -31.25
C SER D 11 -36.56 3.50 -29.87
N ASP D 12 -36.22 2.41 -29.16
CA ASP D 12 -35.48 2.48 -27.90
C ASP D 12 -34.05 2.96 -28.17
N LYS D 13 -33.47 3.69 -27.21
CA LYS D 13 -32.06 4.07 -27.24
C LYS D 13 -31.18 2.81 -27.20
N ILE D 14 -31.56 1.85 -26.35
CA ILE D 14 -30.80 0.60 -26.24
C ILE D 14 -31.24 -0.37 -27.35
N ILE D 15 -30.28 -0.87 -28.14
CA ILE D 15 -30.55 -1.87 -29.16
C ILE D 15 -30.73 -3.25 -28.52
N HIS D 16 -31.81 -3.98 -28.87
CA HIS D 16 -31.92 -5.37 -28.49
C HIS D 16 -31.43 -6.26 -29.63
N LEU D 17 -30.16 -6.66 -29.50
CA LEU D 17 -29.44 -7.42 -30.52
C LEU D 17 -30.10 -8.77 -30.77
N THR D 18 -29.94 -9.28 -31.99
CA THR D 18 -30.12 -10.70 -32.21
C THR D 18 -28.79 -11.28 -32.66
N ASP D 19 -28.70 -12.63 -32.67
CA ASP D 19 -27.56 -13.33 -33.25
C ASP D 19 -27.25 -12.82 -34.66
N ASP D 20 -28.32 -12.63 -35.47
CA ASP D 20 -28.19 -12.26 -36.87
C ASP D 20 -27.81 -10.78 -37.03
N SER D 21 -28.28 -9.92 -36.11
CA SER D 21 -28.04 -8.50 -36.28
C SER D 21 -26.66 -8.09 -35.77
N PHE D 22 -25.97 -8.98 -35.03
CA PHE D 22 -24.76 -8.64 -34.27
C PHE D 22 -23.69 -8.00 -35.18
N ASP D 23 -23.40 -8.67 -36.31
CA ASP D 23 -22.46 -8.23 -37.34
C ASP D 23 -22.67 -6.74 -37.66
N THR D 24 -23.90 -6.41 -38.06
CA THR D 24 -24.26 -5.07 -38.51
C THR D 24 -24.25 -4.10 -37.34
N ASP D 25 -24.97 -4.46 -36.26
CA ASP D 25 -25.28 -3.55 -35.18
C ASP D 25 -24.06 -3.34 -34.29
N VAL D 26 -23.17 -4.32 -34.21
CA VAL D 26 -22.02 -4.15 -33.33
C VAL D 26 -20.74 -4.00 -34.14
N LEU D 27 -20.39 -5.03 -34.92
CA LEU D 27 -19.06 -5.13 -35.49
C LEU D 27 -18.82 -4.06 -36.55
N LYS D 28 -19.88 -3.69 -37.29
CA LYS D 28 -19.75 -2.72 -38.38
C LYS D 28 -20.30 -1.35 -38.01
N ALA D 29 -20.68 -1.17 -36.74
CA ALA D 29 -21.26 0.09 -36.28
C ALA D 29 -20.22 1.21 -36.27
N ASP D 30 -20.71 2.46 -36.17
CA ASP D 30 -19.86 3.62 -36.00
C ASP D 30 -19.83 4.01 -34.52
N GLY D 31 -18.65 4.38 -34.03
CA GLY D 31 -18.56 4.80 -32.65
C GLY D 31 -18.59 3.59 -31.73
N ALA D 32 -18.30 3.86 -30.46
CA ALA D 32 -18.14 2.82 -29.48
C ALA D 32 -19.50 2.19 -29.18
N ILE D 33 -19.54 0.86 -29.03
CA ILE D 33 -20.76 0.14 -28.70
C ILE D 33 -20.48 -0.70 -27.47
N LEU D 34 -21.33 -0.59 -26.45
CA LEU D 34 -21.23 -1.42 -25.26
C LEU D 34 -22.33 -2.47 -25.31
N VAL D 35 -21.91 -3.74 -25.24
CA VAL D 35 -22.79 -4.88 -25.36
C VAL D 35 -22.91 -5.55 -23.99
N ASP D 36 -24.17 -5.72 -23.56
CA ASP D 36 -24.56 -6.42 -22.34
C ASP D 36 -25.18 -7.77 -22.71
N PHE D 37 -24.50 -8.86 -22.32
CA PHE D 37 -25.08 -10.20 -22.42
C PHE D 37 -25.83 -10.53 -21.14
N TRP D 38 -27.13 -10.82 -21.24
CA TRP D 38 -28.05 -10.83 -20.11
C TRP D 38 -29.12 -11.89 -20.29
N ALA D 39 -29.92 -12.09 -19.23
CA ALA D 39 -31.09 -12.96 -19.28
C ALA D 39 -32.05 -12.51 -18.19
N GLU D 40 -33.34 -12.85 -18.37
CA GLU D 40 -34.42 -12.28 -17.56
C GLU D 40 -34.27 -12.71 -16.11
N TRP D 41 -33.86 -13.97 -15.89
CA TRP D 41 -33.81 -14.57 -14.57
C TRP D 41 -32.56 -14.13 -13.82
N CYS D 42 -31.71 -13.30 -14.45
CA CYS D 42 -30.40 -13.00 -13.90
C CYS D 42 -30.50 -11.80 -12.96
N GLY D 43 -30.34 -12.07 -11.66
CA GLY D 43 -30.37 -11.05 -10.62
C GLY D 43 -29.48 -9.85 -10.98
N PRO D 44 -28.15 -10.01 -11.07
CA PRO D 44 -27.24 -8.91 -11.38
C PRO D 44 -27.48 -8.14 -12.69
N CYS D 45 -27.98 -8.85 -13.70
CA CYS D 45 -28.38 -8.24 -14.96
C CYS D 45 -29.44 -7.17 -14.66
N LYS D 46 -30.25 -7.43 -13.62
CA LYS D 46 -31.37 -6.57 -13.27
C LYS D 46 -30.84 -5.37 -12.51
N MET D 47 -29.84 -5.61 -11.65
CA MET D 47 -29.15 -4.55 -10.94
C MET D 47 -28.58 -3.52 -11.91
N ILE D 48 -28.05 -3.94 -13.07
CA ILE D 48 -27.34 -2.97 -13.90
C ILE D 48 -28.25 -2.36 -14.95
N ALA D 49 -29.50 -2.85 -15.04
CA ALA D 49 -30.39 -2.42 -16.12
C ALA D 49 -30.66 -0.91 -16.08
N PRO D 50 -31.09 -0.32 -14.94
CA PRO D 50 -31.37 1.12 -14.89
C PRO D 50 -30.12 1.97 -15.08
N ILE D 51 -28.96 1.40 -14.68
CA ILE D 51 -27.68 2.06 -14.88
C ILE D 51 -27.39 2.15 -16.38
N LEU D 52 -27.69 1.08 -17.13
CA LEU D 52 -27.39 1.13 -18.56
C LEU D 52 -28.32 2.12 -19.25
N ASP D 53 -29.57 2.22 -18.75
CA ASP D 53 -30.54 3.19 -19.26
C ASP D 53 -29.98 4.59 -19.13
N GLU D 54 -29.34 4.87 -17.99
CA GLU D 54 -28.82 6.20 -17.72
C GLU D 54 -27.56 6.44 -18.54
N ILE D 55 -26.73 5.40 -18.62
CA ILE D 55 -25.53 5.47 -19.44
C ILE D 55 -25.88 5.80 -20.89
N ALA D 56 -26.89 5.12 -21.44
CA ALA D 56 -27.33 5.33 -22.82
C ALA D 56 -27.82 6.76 -23.05
N ASP D 57 -28.46 7.37 -22.04
CA ASP D 57 -28.84 8.78 -22.14
C ASP D 57 -27.62 9.68 -22.05
N GLU D 58 -26.77 9.48 -21.04
CA GLU D 58 -25.75 10.47 -20.70
C GLU D 58 -24.60 10.44 -21.71
N TYR D 59 -24.41 9.29 -22.38
CA TYR D 59 -23.28 9.08 -23.28
C TYR D 59 -23.76 9.13 -24.73
N GLN D 60 -25.00 9.58 -24.92
CA GLN D 60 -25.57 9.72 -26.25
C GLN D 60 -24.63 10.56 -27.13
N GLY D 61 -24.35 10.08 -28.34
CA GLY D 61 -23.47 10.82 -29.23
C GLY D 61 -22.05 10.23 -29.25
N LYS D 62 -21.66 9.60 -28.13
CA LYS D 62 -20.30 9.06 -28.01
C LYS D 62 -20.33 7.55 -27.70
N LEU D 63 -21.52 6.96 -27.53
CA LEU D 63 -21.65 5.56 -27.16
C LEU D 63 -23.04 5.03 -27.52
N THR D 64 -23.12 3.82 -28.08
CA THR D 64 -24.37 3.07 -28.18
C THR D 64 -24.37 1.91 -27.18
N VAL D 65 -25.50 1.72 -26.51
CA VAL D 65 -25.73 0.61 -25.60
C VAL D 65 -26.65 -0.40 -26.27
N ALA D 66 -26.19 -1.66 -26.31
CA ALA D 66 -26.88 -2.77 -26.93
C ALA D 66 -26.93 -3.92 -25.93
N LYS D 67 -27.98 -4.73 -26.00
CA LYS D 67 -28.12 -5.87 -25.13
C LYS D 67 -28.40 -7.10 -25.99
N LEU D 68 -27.82 -8.23 -25.58
CA LEU D 68 -28.10 -9.49 -26.24
C LEU D 68 -28.64 -10.46 -25.19
N ASN D 69 -29.89 -10.88 -25.37
CA ASN D 69 -30.47 -11.85 -24.48
C ASN D 69 -29.96 -13.25 -24.87
N ILE D 70 -29.26 -13.92 -23.96
CA ILE D 70 -28.48 -15.12 -24.30
C ILE D 70 -29.38 -16.35 -24.34
N ASP D 71 -30.56 -16.28 -23.68
CA ASP D 71 -31.55 -17.35 -23.85
C ASP D 71 -32.21 -17.28 -25.23
N GLN D 72 -32.53 -16.08 -25.70
CA GLN D 72 -33.22 -15.90 -26.98
C GLN D 72 -32.23 -15.93 -28.15
N ASN D 73 -30.97 -15.59 -27.89
CA ASN D 73 -29.96 -15.56 -28.94
C ASN D 73 -28.75 -16.36 -28.46
N PRO D 74 -28.80 -17.70 -28.51
CA PRO D 74 -27.78 -18.51 -27.83
C PRO D 74 -26.45 -18.58 -28.59
N GLY D 75 -26.43 -18.02 -29.80
CA GLY D 75 -25.35 -18.24 -30.75
C GLY D 75 -24.12 -17.37 -30.49
N THR D 76 -24.29 -16.14 -30.02
CA THR D 76 -23.20 -15.19 -30.08
C THR D 76 -22.25 -15.33 -28.88
N ALA D 77 -22.82 -15.46 -27.68
CA ALA D 77 -21.99 -15.35 -26.48
C ALA D 77 -20.82 -16.34 -26.51
N PRO D 78 -21.04 -17.60 -26.90
CA PRO D 78 -19.93 -18.57 -26.96
C PRO D 78 -18.78 -18.14 -27.87
N LYS D 79 -19.06 -17.24 -28.83
CA LYS D 79 -18.05 -16.78 -29.77
C LYS D 79 -17.13 -15.76 -29.11
N TYR D 80 -17.53 -15.32 -27.91
CA TYR D 80 -16.75 -14.35 -27.15
C TYR D 80 -16.31 -14.94 -25.83
N GLY D 81 -16.50 -16.26 -25.66
CA GLY D 81 -16.12 -16.97 -24.45
C GLY D 81 -16.77 -16.38 -23.19
N ILE D 82 -18.03 -15.92 -23.33
CA ILE D 82 -18.86 -15.54 -22.21
C ILE D 82 -19.12 -16.76 -21.35
N ARG D 83 -19.08 -16.57 -20.05
CA ARG D 83 -19.37 -17.62 -19.09
C ARG D 83 -20.54 -17.18 -18.20
N GLY D 84 -20.23 -16.38 -17.16
CA GLY D 84 -21.21 -15.77 -16.27
C GLY D 84 -21.86 -14.56 -16.93
N ILE D 85 -23.06 -14.18 -16.44
CA ILE D 85 -23.75 -12.97 -16.85
C ILE D 85 -24.12 -12.15 -15.60
N PRO D 86 -24.18 -10.80 -15.67
CA PRO D 86 -23.93 -10.05 -16.92
C PRO D 86 -22.45 -10.02 -17.26
N THR D 87 -22.13 -9.92 -18.56
CA THR D 87 -20.77 -9.64 -19.01
C THR D 87 -20.88 -8.52 -20.04
N LEU D 88 -20.01 -7.50 -19.91
CA LEU D 88 -20.02 -6.33 -20.80
C LEU D 88 -18.80 -6.37 -21.71
N LEU D 89 -19.04 -6.08 -22.98
CA LEU D 89 -18.00 -6.01 -23.99
C LEU D 89 -18.10 -4.63 -24.65
N LEU D 90 -17.01 -3.86 -24.66
CA LEU D 90 -16.98 -2.56 -25.34
C LEU D 90 -16.30 -2.75 -26.68
N PHE D 91 -17.01 -2.40 -27.78
CA PHE D 91 -16.51 -2.54 -29.14
C PHE D 91 -16.26 -1.14 -29.72
N LYS D 92 -15.29 -1.06 -30.64
CA LYS D 92 -14.96 0.12 -31.41
C LYS D 92 -14.35 -0.35 -32.73
N ASN D 93 -15.01 -0.04 -33.86
CA ASN D 93 -14.49 -0.36 -35.18
C ASN D 93 -14.32 -1.86 -35.35
N GLY D 94 -15.18 -2.64 -34.70
CA GLY D 94 -15.15 -4.08 -34.84
C GLY D 94 -14.08 -4.73 -33.96
N GLU D 95 -13.48 -3.93 -33.07
CA GLU D 95 -12.45 -4.42 -32.16
C GLU D 95 -13.02 -4.46 -30.77
N VAL D 96 -12.66 -5.49 -30.01
CA VAL D 96 -12.97 -5.55 -28.59
C VAL D 96 -12.00 -4.65 -27.83
N ALA D 97 -12.47 -3.47 -27.39
CA ALA D 97 -11.61 -2.54 -26.68
C ALA D 97 -11.43 -2.93 -25.21
N ALA D 98 -12.44 -3.58 -24.61
CA ALA D 98 -12.37 -3.89 -23.19
C ALA D 98 -13.53 -4.82 -22.82
N THR D 99 -13.35 -5.54 -21.70
CA THR D 99 -14.38 -6.44 -21.20
C THR D 99 -14.57 -6.21 -19.71
N LYS D 100 -15.77 -6.56 -19.20
CA LYS D 100 -16.11 -6.45 -17.80
C LYS D 100 -17.11 -7.53 -17.44
N VAL D 101 -16.71 -8.44 -16.55
CA VAL D 101 -17.60 -9.48 -16.02
C VAL D 101 -18.24 -9.02 -14.72
N GLY D 102 -19.57 -9.09 -14.64
CA GLY D 102 -20.30 -8.91 -13.40
C GLY D 102 -20.94 -7.53 -13.28
N ALA D 103 -21.84 -7.40 -12.30
CA ALA D 103 -22.52 -6.15 -12.00
C ALA D 103 -21.52 -5.14 -11.44
N LEU D 104 -21.79 -3.84 -11.61
CA LEU D 104 -20.93 -2.83 -11.02
C LEU D 104 -21.76 -1.56 -10.79
N SER D 105 -21.20 -0.60 -10.04
CA SER D 105 -21.89 0.65 -9.80
C SER D 105 -21.81 1.54 -11.06
N LYS D 106 -22.71 2.53 -11.10
CA LYS D 106 -22.73 3.55 -12.14
C LYS D 106 -21.37 4.26 -12.23
N GLY D 107 -20.81 4.58 -11.05
CA GLY D 107 -19.50 5.21 -10.93
C GLY D 107 -18.41 4.33 -11.55
N GLN D 108 -18.43 3.03 -11.22
CA GLN D 108 -17.47 2.09 -11.77
C GLN D 108 -17.65 1.93 -13.26
N LEU D 109 -18.90 1.87 -13.74
CA LEU D 109 -19.13 1.73 -15.15
C LEU D 109 -18.64 2.96 -15.91
N LYS D 110 -18.92 4.16 -15.38
CA LYS D 110 -18.50 5.38 -16.04
C LYS D 110 -16.97 5.45 -16.09
N GLU D 111 -16.32 4.98 -15.01
CA GLU D 111 -14.87 4.92 -14.92
C GLU D 111 -14.30 4.01 -16.01
N PHE D 112 -14.97 2.86 -16.21
CA PHE D 112 -14.59 1.85 -17.18
C PHE D 112 -14.71 2.42 -18.60
N LEU D 113 -15.81 3.12 -18.88
CA LEU D 113 -16.04 3.74 -20.17
C LEU D 113 -15.03 4.86 -20.47
N ASP D 114 -14.92 5.82 -19.55
CA ASP D 114 -14.07 6.99 -19.75
C ASP D 114 -12.64 6.55 -19.97
N ALA D 115 -12.16 5.60 -19.15
CA ALA D 115 -10.81 5.11 -19.31
C ALA D 115 -10.62 4.54 -20.72
N ASN D 116 -11.60 3.75 -21.20
CA ASN D 116 -11.47 2.96 -22.41
C ASN D 116 -11.86 3.73 -23.68
N LEU D 117 -12.58 4.85 -23.56
CA LEU D 117 -12.92 5.64 -24.74
C LEU D 117 -11.83 6.68 -25.02
N ALA D 118 -10.90 6.86 -24.08
CA ALA D 118 -10.10 8.07 -23.97
C ALA D 118 -9.18 8.31 -25.17
N GLY D 119 -8.57 7.27 -25.72
CA GLY D 119 -7.53 7.58 -26.71
C GLY D 119 -6.26 8.07 -26.01
N SER D 120 -5.21 8.40 -26.77
CA SER D 120 -3.91 8.49 -26.16
C SER D 120 -3.79 9.78 -25.35
N ALA D 121 -3.02 9.71 -24.27
CA ALA D 121 -2.76 10.79 -23.33
C ALA D 121 -1.79 11.82 -23.92
N MET D 122 -1.00 11.42 -24.92
CA MET D 122 0.03 12.36 -25.38
C MET D 122 0.44 12.01 -26.81
N GLU D 123 0.79 13.03 -27.62
CA GLU D 123 1.34 12.74 -28.94
C GLU D 123 2.85 12.59 -28.82
N SER D 124 3.39 11.45 -29.22
CA SER D 124 4.78 11.07 -28.97
C SER D 124 5.71 11.72 -30.00
N THR D 125 6.97 11.87 -29.60
CA THR D 125 8.04 12.40 -30.44
C THR D 125 8.70 11.26 -31.21
N VAL D 126 8.32 10.03 -30.88
CA VAL D 126 8.97 8.85 -31.45
C VAL D 126 8.05 8.27 -32.52
N MET D 127 8.61 8.06 -33.71
CA MET D 127 7.99 7.34 -34.80
C MET D 127 8.64 5.97 -34.88
N VAL D 128 7.83 4.92 -35.12
CA VAL D 128 8.43 3.64 -35.48
C VAL D 128 8.09 3.32 -36.94
N LEU D 129 9.10 2.85 -37.65
CA LEU D 129 8.92 2.46 -39.04
C LEU D 129 8.98 0.94 -39.07
N ARG D 130 7.87 0.34 -39.51
CA ARG D 130 7.75 -1.10 -39.57
C ARG D 130 7.71 -1.58 -41.01
N ASN D 131 8.27 -2.78 -41.21
CA ASN D 131 8.28 -3.50 -42.46
C ASN D 131 9.05 -2.71 -43.51
N MET D 132 10.07 -1.99 -43.08
CA MET D 132 10.76 -1.14 -44.03
C MET D 132 11.99 -1.85 -44.58
N VAL D 133 12.69 -2.62 -43.76
CA VAL D 133 13.92 -3.23 -44.23
C VAL D 133 13.97 -4.65 -43.69
N ASP D 134 14.66 -5.52 -44.43
CA ASP D 134 14.92 -6.85 -43.92
C ASP D 134 16.27 -6.84 -43.20
N PRO D 135 16.47 -7.72 -42.20
CA PRO D 135 17.73 -7.75 -41.44
C PRO D 135 18.93 -7.93 -42.35
N LYS D 136 18.70 -8.52 -43.53
CA LYS D 136 19.76 -8.71 -44.52
C LYS D 136 20.17 -7.39 -45.16
N ASP D 137 19.30 -6.38 -45.09
CA ASP D 137 19.53 -5.11 -45.78
C ASP D 137 20.37 -4.16 -44.93
N ILE D 138 20.46 -4.44 -43.63
CA ILE D 138 21.18 -3.57 -42.71
C ILE D 138 22.66 -3.50 -43.08
N ASP D 139 23.20 -2.29 -43.07
CA ASP D 139 24.63 -2.09 -43.16
C ASP D 139 24.96 -0.80 -42.41
N ASP D 140 26.22 -0.38 -42.49
CA ASP D 140 26.72 0.71 -41.69
C ASP D 140 26.11 2.04 -42.14
N ASP D 141 25.46 2.04 -43.30
CA ASP D 141 24.98 3.29 -43.88
C ASP D 141 23.53 3.57 -43.49
N LEU D 142 22.80 2.54 -43.09
CA LEU D 142 21.36 2.65 -42.89
C LEU D 142 21.07 3.82 -41.94
N GLU D 143 21.75 3.82 -40.78
CA GLU D 143 21.39 4.77 -39.74
C GLU D 143 21.47 6.19 -40.31
N GLY D 144 22.55 6.44 -41.04
CA GLY D 144 22.83 7.73 -41.67
C GLY D 144 21.77 8.11 -42.71
N GLU D 145 21.37 7.11 -43.52
CA GLU D 145 20.37 7.31 -44.57
C GLU D 145 19.03 7.63 -43.92
N VAL D 146 18.65 6.86 -42.88
CA VAL D 146 17.43 7.18 -42.18
C VAL D 146 17.46 8.62 -41.67
N THR D 147 18.60 9.05 -41.09
CA THR D 147 18.71 10.34 -40.44
C THR D 147 18.50 11.45 -41.47
N GLU D 148 19.08 11.25 -42.67
CA GLU D 148 19.01 12.24 -43.74
C GLU D 148 17.59 12.34 -44.28
N GLU D 149 16.97 11.19 -44.60
CA GLU D 149 15.61 11.19 -45.10
C GLU D 149 14.63 11.82 -44.10
N CYS D 150 14.80 11.51 -42.81
CA CYS D 150 13.83 11.93 -41.82
C CYS D 150 14.08 13.37 -41.40
N GLY D 151 15.30 13.86 -41.62
CA GLY D 151 15.69 15.26 -41.47
C GLY D 151 14.80 16.24 -42.22
N LYS D 152 14.14 15.75 -43.29
CA LYS D 152 13.31 16.65 -44.06
C LYS D 152 12.01 16.98 -43.31
N PHE D 153 11.66 16.20 -42.29
CA PHE D 153 10.44 16.52 -41.55
C PHE D 153 10.71 17.29 -40.27
N GLY D 154 11.98 17.36 -39.85
CA GLY D 154 12.27 18.07 -38.62
C GLY D 154 13.59 17.59 -38.06
N ALA D 155 13.96 18.12 -36.88
CA ALA D 155 15.24 17.75 -36.29
C ALA D 155 15.14 16.36 -35.71
N VAL D 156 16.04 15.48 -36.17
CA VAL D 156 16.04 14.09 -35.72
C VAL D 156 16.98 14.01 -34.51
N ASN D 157 16.53 13.52 -33.35
CA ASN D 157 17.40 13.40 -32.18
C ASN D 157 18.27 12.16 -32.29
N ARG D 158 17.67 11.04 -32.68
CA ARG D 158 18.33 9.74 -32.58
C ARG D 158 17.57 8.74 -33.44
N VAL D 159 18.30 7.77 -33.99
CA VAL D 159 17.69 6.73 -34.78
C VAL D 159 18.20 5.41 -34.22
N ILE D 160 17.30 4.45 -34.04
CA ILE D 160 17.74 3.13 -33.61
C ILE D 160 17.36 2.12 -34.70
N ILE D 161 18.34 1.34 -35.14
CA ILE D 161 18.05 0.21 -36.02
C ILE D 161 17.93 -1.01 -35.10
N TYR D 162 16.69 -1.50 -34.91
CA TYR D 162 16.44 -2.51 -33.89
C TYR D 162 16.07 -3.83 -34.54
N GLN D 163 16.81 -4.87 -34.15
CA GLN D 163 16.50 -6.22 -34.63
C GLN D 163 15.78 -6.97 -33.53
N GLU D 164 14.64 -7.59 -33.86
CA GLU D 164 13.80 -8.28 -32.89
C GLU D 164 13.43 -9.68 -33.41
N LYS D 165 13.75 -10.68 -32.60
CA LYS D 165 13.41 -12.06 -32.88
C LYS D 165 11.98 -12.32 -32.42
N GLN D 166 11.18 -12.93 -33.32
CA GLN D 166 9.75 -13.17 -33.12
C GLN D 166 9.52 -14.59 -32.64
N GLY D 167 9.53 -14.81 -31.33
CA GLY D 167 9.35 -16.15 -30.76
C GLY D 167 10.67 -16.78 -30.31
N GLU D 168 10.55 -17.78 -29.43
CA GLU D 168 11.71 -18.39 -28.79
C GLU D 168 12.27 -19.49 -29.69
N GLU D 169 11.43 -20.02 -30.59
CA GLU D 169 11.83 -21.12 -31.45
C GLU D 169 13.04 -20.68 -32.29
N GLU D 170 13.94 -21.64 -32.53
CA GLU D 170 15.29 -21.40 -33.01
C GLU D 170 15.29 -20.68 -34.37
N ASP D 171 14.29 -20.96 -35.21
CA ASP D 171 14.21 -20.41 -36.57
C ASP D 171 13.20 -19.27 -36.66
N ALA D 172 12.96 -18.59 -35.52
CA ALA D 172 11.94 -17.55 -35.49
C ALA D 172 12.34 -16.40 -36.42
N GLU D 173 11.34 -15.66 -36.93
CA GLU D 173 11.67 -14.63 -37.89
C GLU D 173 12.34 -13.48 -37.14
N ILE D 174 13.35 -12.87 -37.77
CA ILE D 174 13.93 -11.64 -37.26
C ILE D 174 13.35 -10.50 -38.08
N ILE D 175 12.75 -9.49 -37.42
CA ILE D 175 12.28 -8.32 -38.15
C ILE D 175 13.09 -7.08 -37.72
N VAL D 176 12.89 -5.98 -38.46
CA VAL D 176 13.56 -4.73 -38.16
C VAL D 176 12.52 -3.66 -37.85
N LYS D 177 12.71 -2.97 -36.72
CA LYS D 177 11.97 -1.77 -36.41
C LYS D 177 12.95 -0.61 -36.43
N ILE D 178 12.60 0.44 -37.18
CA ILE D 178 13.47 1.60 -37.21
C ILE D 178 12.79 2.70 -36.41
N PHE D 179 13.45 3.12 -35.32
CA PHE D 179 12.89 4.15 -34.46
C PHE D 179 13.53 5.48 -34.82
N VAL D 180 12.69 6.51 -34.92
CA VAL D 180 13.17 7.85 -35.19
C VAL D 180 12.56 8.77 -34.14
N GLU D 181 13.42 9.31 -33.28
CA GLU D 181 12.99 10.27 -32.29
C GLU D 181 13.26 11.69 -32.81
N PHE D 182 12.19 12.48 -32.94
CA PHE D 182 12.31 13.89 -33.32
C PHE D 182 12.36 14.77 -32.07
N SER D 183 12.72 16.05 -32.30
CA SER D 183 12.89 16.96 -31.20
C SER D 183 11.56 17.29 -30.56
N ILE D 184 10.46 17.30 -31.34
CA ILE D 184 9.16 17.73 -30.82
C ILE D 184 8.08 17.06 -31.67
N ALA D 185 6.91 16.83 -31.06
CA ALA D 185 5.89 15.94 -31.60
C ALA D 185 5.33 16.39 -32.94
N SER D 186 5.38 17.70 -33.25
CA SER D 186 4.84 18.22 -34.50
C SER D 186 5.66 17.72 -35.67
N GLU D 187 6.96 17.46 -35.43
CA GLU D 187 7.86 16.93 -36.46
C GLU D 187 7.51 15.48 -36.77
N THR D 188 7.28 14.70 -35.69
CA THR D 188 6.96 13.28 -35.73
C THR D 188 5.68 13.08 -36.53
N HIS D 189 4.70 13.94 -36.28
CA HIS D 189 3.41 13.88 -36.93
C HIS D 189 3.59 14.06 -38.44
N LYS D 190 4.43 15.02 -38.82
CA LYS D 190 4.66 15.30 -40.23
C LYS D 190 5.24 14.07 -40.93
N ALA D 191 6.28 13.47 -40.32
CA ALA D 191 6.93 12.28 -40.84
C ALA D 191 5.94 11.11 -40.99
N ILE D 192 5.15 10.84 -39.96
CA ILE D 192 4.21 9.74 -39.96
C ILE D 192 3.22 9.93 -41.10
N GLN D 193 2.70 11.15 -41.21
CA GLN D 193 1.66 11.46 -42.18
C GLN D 193 2.24 11.31 -43.59
N ALA D 194 3.49 11.74 -43.80
CA ALA D 194 4.07 11.70 -45.12
C ALA D 194 4.49 10.28 -45.51
N LEU D 195 4.73 9.39 -44.52
CA LEU D 195 5.39 8.12 -44.75
C LEU D 195 4.47 6.92 -44.62
N ASN D 196 3.46 7.00 -43.74
CA ASN D 196 2.71 5.83 -43.35
C ASN D 196 1.98 5.28 -44.58
N GLY D 197 2.14 3.99 -44.88
CA GLY D 197 1.34 3.38 -45.95
C GLY D 197 1.98 3.48 -47.34
N ARG D 198 3.13 4.14 -47.45
CA ARG D 198 3.82 4.23 -48.74
C ARG D 198 4.61 2.95 -48.99
N TRP D 199 4.83 2.68 -50.30
CA TRP D 199 5.57 1.54 -50.81
C TRP D 199 6.98 2.02 -51.13
N PHE D 200 7.97 1.42 -50.45
CA PHE D 200 9.37 1.72 -50.72
C PHE D 200 10.05 0.40 -51.06
N ALA D 201 10.79 0.40 -52.17
CA ALA D 201 11.47 -0.80 -52.62
C ALA D 201 10.53 -2.00 -52.59
N GLY D 202 9.25 -1.79 -52.93
CA GLY D 202 8.28 -2.86 -53.11
C GLY D 202 7.70 -3.42 -51.80
N ARG D 203 7.82 -2.67 -50.69
CA ARG D 203 7.12 -3.09 -49.48
C ARG D 203 6.34 -1.91 -48.89
N LYS D 204 5.17 -2.23 -48.33
CA LYS D 204 4.31 -1.23 -47.72
C LYS D 204 4.80 -0.98 -46.29
N VAL D 205 5.13 0.29 -46.01
CA VAL D 205 5.74 0.68 -44.76
C VAL D 205 4.66 1.20 -43.81
N VAL D 206 4.72 0.73 -42.55
CA VAL D 206 3.94 1.32 -41.48
C VAL D 206 4.78 2.36 -40.76
N ALA D 207 4.27 3.60 -40.67
CA ALA D 207 4.87 4.65 -39.88
C ALA D 207 3.85 5.11 -38.87
N GLU D 208 4.22 5.03 -37.58
CA GLU D 208 3.28 5.32 -36.50
C GLU D 208 4.01 5.79 -35.25
N VAL D 209 3.23 6.37 -34.31
CA VAL D 209 3.77 6.76 -33.02
C VAL D 209 4.23 5.53 -32.26
N TYR D 210 5.30 5.73 -31.49
CA TYR D 210 5.74 4.74 -30.52
C TYR D 210 5.73 5.38 -29.13
N ASP D 211 5.23 4.62 -28.14
CA ASP D 211 4.96 5.12 -26.80
C ASP D 211 6.26 5.75 -26.30
N GLN D 212 6.22 7.05 -26.00
CA GLN D 212 7.43 7.78 -25.64
C GLN D 212 8.04 7.23 -24.35
N GLU D 213 7.18 6.94 -23.38
CA GLU D 213 7.69 6.46 -22.11
C GLU D 213 8.44 5.12 -22.29
N ARG D 214 7.89 4.21 -23.07
CA ARG D 214 8.63 2.97 -23.29
C ARG D 214 9.99 3.30 -23.90
N PHE D 215 9.97 4.15 -24.94
CA PHE D 215 11.19 4.41 -25.66
C PHE D 215 12.23 4.98 -24.71
N ASP D 216 11.81 5.94 -23.89
CA ASP D 216 12.65 6.65 -22.97
C ASP D 216 13.26 5.66 -21.98
N ASN D 217 12.61 4.49 -21.78
CA ASN D 217 13.10 3.54 -20.79
C ASN D 217 13.77 2.36 -21.47
N SER D 218 14.13 2.52 -22.75
CA SER D 218 14.79 1.48 -23.52
C SER D 218 13.94 0.20 -23.68
N ASP D 219 12.61 0.37 -23.69
CA ASP D 219 11.71 -0.73 -24.02
C ASP D 219 11.29 -0.63 -25.48
N LEU D 220 11.93 -1.39 -26.38
CA LEU D 220 11.69 -1.29 -27.81
C LEU D 220 10.83 -2.47 -28.29
N SER D 221 10.08 -3.09 -27.36
CA SER D 221 9.42 -4.37 -27.61
C SER D 221 8.08 -4.20 -28.31
N ALA D 222 7.48 -3.00 -28.26
CA ALA D 222 6.09 -2.85 -28.66
C ALA D 222 5.95 -2.48 -30.15
N ASP E 12 20.59 -23.73 33.61
CA ASP E 12 21.18 -22.82 32.59
C ASP E 12 20.81 -21.37 32.96
N LYS E 13 20.69 -20.53 31.93
CA LYS E 13 20.53 -19.10 32.07
C LYS E 13 19.07 -18.72 32.30
N ILE E 14 18.13 -19.60 31.94
CA ILE E 14 16.71 -19.30 32.10
C ILE E 14 16.32 -19.40 33.57
N ILE E 15 15.76 -18.32 34.13
CA ILE E 15 15.39 -18.32 35.53
C ILE E 15 13.93 -18.78 35.70
N HIS E 16 13.67 -19.46 36.82
CA HIS E 16 12.37 -20.02 37.12
C HIS E 16 11.66 -19.11 38.11
N LEU E 17 10.49 -18.58 37.71
CA LEU E 17 9.72 -17.62 38.51
C LEU E 17 8.64 -18.36 39.30
N THR E 18 8.24 -17.80 40.45
CA THR E 18 7.02 -18.17 41.14
C THR E 18 6.24 -16.89 41.43
N ASP E 19 4.93 -17.01 41.73
CA ASP E 19 4.18 -15.87 42.28
C ASP E 19 5.00 -15.13 43.35
N ASP E 20 5.60 -15.86 44.28
CA ASP E 20 6.29 -15.23 45.42
C ASP E 20 7.53 -14.41 45.03
N SER E 21 8.24 -14.85 43.99
CA SER E 21 9.51 -14.21 43.67
C SER E 21 9.34 -13.21 42.53
N PHE E 22 8.13 -13.07 42.01
CA PHE E 22 7.94 -12.35 40.75
C PHE E 22 8.41 -10.91 40.89
N ASP E 23 7.97 -10.25 41.96
CA ASP E 23 8.20 -8.82 42.14
C ASP E 23 9.70 -8.53 42.18
N THR E 24 10.41 -9.30 43.01
CA THR E 24 11.85 -9.20 43.18
C THR E 24 12.59 -9.56 41.89
N ASP E 25 12.26 -10.70 41.30
CA ASP E 25 13.00 -11.26 40.17
C ASP E 25 12.76 -10.46 38.89
N VAL E 26 11.57 -9.85 38.76
CA VAL E 26 11.13 -9.27 37.50
C VAL E 26 11.07 -7.75 37.64
N LEU E 27 10.20 -7.28 38.54
CA LEU E 27 9.93 -5.86 38.63
C LEU E 27 11.15 -5.09 39.11
N LYS E 28 11.95 -5.68 40.02
CA LYS E 28 13.06 -4.95 40.62
C LYS E 28 14.40 -5.43 40.06
N ALA E 29 14.36 -6.28 39.03
CA ALA E 29 15.58 -6.73 38.37
C ALA E 29 16.34 -5.53 37.83
N ASP E 30 17.66 -5.72 37.74
CA ASP E 30 18.56 -4.89 36.95
C ASP E 30 18.64 -5.53 35.56
N GLY E 31 18.44 -4.74 34.52
CA GLY E 31 18.49 -5.34 33.21
C GLY E 31 17.15 -5.95 32.81
N ALA E 32 16.99 -6.15 31.51
CA ALA E 32 15.71 -6.47 30.90
C ALA E 32 15.40 -7.94 31.16
N ILE E 33 14.11 -8.25 31.30
CA ILE E 33 13.66 -9.60 31.58
C ILE E 33 12.56 -9.93 30.60
N LEU E 34 12.73 -11.04 29.90
CA LEU E 34 11.64 -11.54 29.08
C LEU E 34 10.92 -12.63 29.87
N VAL E 35 9.64 -12.41 30.20
CA VAL E 35 8.85 -13.35 30.98
C VAL E 35 7.97 -14.16 30.03
N ASP E 36 8.10 -15.49 30.14
CA ASP E 36 7.27 -16.41 29.38
C ASP E 36 6.22 -17.02 30.31
N PHE E 37 4.94 -16.69 30.07
CA PHE E 37 3.81 -17.28 30.77
C PHE E 37 3.37 -18.52 30.02
N TRP E 38 3.52 -19.70 30.65
CA TRP E 38 3.51 -20.96 29.93
C TRP E 38 2.84 -22.04 30.79
N ALA E 39 2.55 -23.20 30.17
CA ALA E 39 2.15 -24.40 30.91
C ALA E 39 2.56 -25.66 30.13
N GLU E 40 2.64 -26.81 30.82
CA GLU E 40 3.20 -28.05 30.30
C GLU E 40 2.38 -28.62 29.15
N TRP E 41 1.06 -28.42 29.20
CA TRP E 41 0.21 -29.01 28.17
C TRP E 41 0.10 -28.09 26.96
N CYS E 42 0.77 -26.93 26.98
CA CYS E 42 0.58 -25.92 25.93
C CYS E 42 1.53 -26.21 24.77
N GLY E 43 0.97 -26.64 23.64
CA GLY E 43 1.77 -27.03 22.49
C GLY E 43 2.63 -25.88 21.96
N PRO E 44 2.02 -24.71 21.64
CA PRO E 44 2.80 -23.54 21.25
C PRO E 44 3.88 -23.11 22.24
N CYS E 45 3.64 -23.36 23.55
CA CYS E 45 4.66 -23.11 24.56
C CYS E 45 5.89 -24.00 24.29
N LYS E 46 5.67 -25.29 24.00
CA LYS E 46 6.79 -26.23 23.84
C LYS E 46 7.57 -25.88 22.58
N MET E 47 6.87 -25.22 21.66
CA MET E 47 7.39 -24.85 20.35
C MET E 47 8.43 -23.75 20.48
N ILE E 48 8.21 -22.77 21.37
CA ILE E 48 9.14 -21.66 21.50
C ILE E 48 10.25 -22.02 22.49
N ALA E 49 10.07 -23.10 23.26
CA ALA E 49 10.98 -23.41 24.36
C ALA E 49 12.43 -23.51 23.87
N PRO E 50 12.76 -24.26 22.78
CA PRO E 50 14.11 -24.22 22.22
C PRO E 50 14.55 -22.82 21.79
N ILE E 51 13.65 -22.13 21.10
CA ILE E 51 13.90 -20.75 20.70
C ILE E 51 14.35 -19.91 21.90
N LEU E 52 13.66 -20.07 23.04
CA LEU E 52 13.94 -19.28 24.23
C LEU E 52 15.32 -19.62 24.80
N ASP E 53 15.71 -20.91 24.78
CA ASP E 53 17.05 -21.31 25.18
C ASP E 53 18.10 -20.66 24.29
N GLU E 54 17.87 -20.59 22.98
CA GLU E 54 18.89 -20.00 22.12
C GLU E 54 18.97 -18.50 22.37
N ILE E 55 17.81 -17.88 22.67
CA ILE E 55 17.73 -16.45 22.96
C ILE E 55 18.49 -16.15 24.24
N ALA E 56 18.25 -16.97 25.28
CA ALA E 56 18.95 -16.80 26.54
C ALA E 56 20.46 -16.81 26.32
N ASP E 57 20.91 -17.63 25.37
CA ASP E 57 22.32 -17.79 25.05
C ASP E 57 22.83 -16.57 24.28
N GLU E 58 22.15 -16.22 23.18
CA GLU E 58 22.58 -15.14 22.32
C GLU E 58 22.53 -13.77 23.01
N TYR E 59 21.61 -13.58 23.97
CA TYR E 59 21.39 -12.25 24.53
C TYR E 59 21.96 -12.14 25.93
N GLN E 60 22.81 -13.10 26.29
CA GLN E 60 23.60 -13.09 27.52
C GLN E 60 24.12 -11.67 27.79
N GLY E 61 23.82 -11.14 28.98
CA GLY E 61 24.34 -9.85 29.38
C GLY E 61 23.48 -8.67 28.95
N LYS E 62 22.54 -8.90 28.03
CA LYS E 62 21.61 -7.85 27.62
C LYS E 62 20.21 -8.21 28.11
N LEU E 63 19.96 -9.50 28.36
CA LEU E 63 18.63 -10.00 28.64
C LEU E 63 18.70 -11.26 29.50
N THR E 64 17.80 -11.35 30.48
CA THR E 64 17.49 -12.60 31.16
C THR E 64 16.13 -13.10 30.72
N VAL E 65 16.06 -14.39 30.35
CA VAL E 65 14.82 -15.07 30.05
C VAL E 65 14.35 -15.73 31.35
N ALA E 66 13.02 -15.73 31.55
CA ALA E 66 12.35 -16.08 32.80
C ALA E 66 11.00 -16.70 32.45
N LYS E 67 10.62 -17.75 33.20
CA LYS E 67 9.40 -18.47 32.86
C LYS E 67 8.53 -18.59 34.10
N LEU E 68 7.23 -18.31 33.97
CA LEU E 68 6.26 -18.58 35.02
C LEU E 68 5.20 -19.54 34.49
N ASN E 69 5.14 -20.72 35.12
CA ASN E 69 4.13 -21.72 34.85
C ASN E 69 2.86 -21.25 35.55
N ILE E 70 1.80 -21.00 34.76
CA ILE E 70 0.55 -20.42 35.24
C ILE E 70 -0.31 -21.47 35.97
N ASP E 71 -0.03 -22.76 35.77
CA ASP E 71 -0.74 -23.76 36.57
C ASP E 71 -0.29 -23.69 38.03
N GLN E 72 1.02 -23.65 38.22
CA GLN E 72 1.61 -23.77 39.55
C GLN E 72 1.73 -22.38 40.14
N ASN E 73 1.62 -21.36 39.30
CA ASN E 73 1.68 -20.00 39.83
C ASN E 73 0.51 -19.22 39.27
N PRO E 74 -0.72 -19.46 39.79
CA PRO E 74 -1.92 -18.88 39.21
C PRO E 74 -2.17 -17.39 39.51
N GLY E 75 -1.40 -16.78 40.43
CA GLY E 75 -1.69 -15.42 40.88
C GLY E 75 -1.21 -14.29 39.94
N THR E 76 -0.11 -14.49 39.19
CA THR E 76 0.54 -13.35 38.54
C THR E 76 -0.12 -12.96 37.23
N ALA E 77 -0.34 -13.94 36.36
CA ALA E 77 -0.75 -13.64 34.98
C ALA E 77 -2.02 -12.77 34.93
N PRO E 78 -3.04 -12.97 35.80
CA PRO E 78 -4.18 -12.06 35.82
C PRO E 78 -3.83 -10.58 36.06
N LYS E 79 -2.77 -10.30 36.82
CA LYS E 79 -2.37 -8.90 37.01
C LYS E 79 -1.90 -8.25 35.70
N TYR E 80 -1.66 -9.05 34.66
CA TYR E 80 -1.15 -8.50 33.41
C TYR E 80 -2.17 -8.67 32.27
N GLY E 81 -3.37 -9.14 32.60
CA GLY E 81 -4.42 -9.32 31.59
C GLY E 81 -4.07 -10.43 30.61
N ILE E 82 -3.28 -11.42 31.06
CA ILE E 82 -2.98 -12.58 30.24
C ILE E 82 -4.25 -13.39 30.01
N ARG E 83 -4.36 -13.86 28.76
CA ARG E 83 -5.48 -14.65 28.28
C ARG E 83 -4.95 -15.97 27.78
N GLY E 84 -4.48 -15.96 26.53
CA GLY E 84 -3.89 -17.14 25.92
C GLY E 84 -2.41 -17.25 26.26
N ILE E 85 -1.85 -18.45 26.00
CA ILE E 85 -0.45 -18.73 26.26
C ILE E 85 0.12 -19.45 25.04
N PRO E 86 1.44 -19.34 24.77
CA PRO E 86 2.34 -18.48 25.55
C PRO E 86 2.03 -17.01 25.34
N THR E 87 2.28 -16.22 26.39
CA THR E 87 2.38 -14.77 26.27
C THR E 87 3.74 -14.33 26.85
N LEU E 88 4.49 -13.55 26.05
CA LEU E 88 5.79 -13.01 26.41
C LEU E 88 5.64 -11.54 26.79
N LEU E 89 6.16 -11.13 27.95
CA LEU E 89 6.21 -9.72 28.33
C LEU E 89 7.67 -9.36 28.50
N LEU E 90 8.06 -8.23 27.91
CA LEU E 90 9.38 -7.71 28.15
C LEU E 90 9.33 -6.58 29.18
N PHE E 91 10.09 -6.75 30.26
CA PHE E 91 10.15 -5.82 31.37
C PHE E 91 11.54 -5.18 31.37
N LYS E 92 11.59 -3.91 31.76
CA LYS E 92 12.84 -3.19 31.90
C LYS E 92 12.59 -2.15 32.98
N ASN E 93 13.34 -2.24 34.08
CA ASN E 93 13.27 -1.23 35.14
C ASN E 93 11.83 -1.12 35.63
N GLY E 94 11.13 -2.26 35.67
CA GLY E 94 9.81 -2.32 36.29
C GLY E 94 8.68 -1.80 35.39
N GLU E 95 8.99 -1.44 34.14
CA GLU E 95 7.94 -1.17 33.19
C GLU E 95 7.76 -2.37 32.26
N VAL E 96 6.53 -2.52 31.74
CA VAL E 96 6.27 -3.44 30.64
C VAL E 96 6.65 -2.75 29.33
N ALA E 97 7.77 -3.17 28.72
CA ALA E 97 8.29 -2.56 27.50
C ALA E 97 7.39 -2.99 26.33
N ALA E 98 6.94 -4.24 26.34
CA ALA E 98 6.18 -4.79 25.22
C ALA E 98 5.57 -6.14 25.60
N THR E 99 4.50 -6.52 24.87
CA THR E 99 3.88 -7.83 25.05
C THR E 99 3.74 -8.53 23.69
N LYS E 100 3.82 -9.86 23.70
CA LYS E 100 3.68 -10.63 22.48
C LYS E 100 2.90 -11.91 22.81
N VAL E 101 1.73 -12.06 22.19
CA VAL E 101 0.86 -13.23 22.39
C VAL E 101 1.22 -14.29 21.34
N GLY E 102 1.44 -15.52 21.81
CA GLY E 102 1.47 -16.65 20.89
C GLY E 102 2.89 -16.92 20.42
N ALA E 103 3.10 -18.12 19.87
CA ALA E 103 4.40 -18.58 19.40
C ALA E 103 4.84 -17.73 18.21
N LEU E 104 6.16 -17.65 18.01
CA LEU E 104 6.74 -16.95 16.86
C LEU E 104 8.09 -17.57 16.51
N SER E 105 8.63 -17.20 15.35
CA SER E 105 9.96 -17.68 14.98
C SER E 105 11.02 -16.93 15.78
N LYS E 106 12.20 -17.54 15.83
CA LYS E 106 13.38 -16.96 16.44
C LYS E 106 13.69 -15.62 15.78
N GLY E 107 13.49 -15.55 14.46
CA GLY E 107 13.64 -14.31 13.70
C GLY E 107 12.67 -13.22 14.13
N GLN E 108 11.40 -13.58 14.33
CA GLN E 108 10.46 -12.54 14.73
C GLN E 108 10.74 -12.13 16.17
N LEU E 109 11.18 -13.10 16.99
CA LEU E 109 11.39 -12.80 18.40
C LEU E 109 12.60 -11.87 18.56
N LYS E 110 13.67 -12.11 17.82
CA LYS E 110 14.84 -11.23 17.83
C LYS E 110 14.45 -9.81 17.44
N GLU E 111 13.58 -9.71 16.44
CA GLU E 111 13.08 -8.43 15.94
C GLU E 111 12.28 -7.75 17.04
N PHE E 112 11.47 -8.52 17.76
CA PHE E 112 10.64 -7.97 18.82
C PHE E 112 11.54 -7.49 19.96
N LEU E 113 12.56 -8.29 20.30
CA LEU E 113 13.49 -7.92 21.36
C LEU E 113 14.33 -6.69 21.00
N ASP E 114 14.97 -6.68 19.81
CA ASP E 114 15.87 -5.58 19.46
C ASP E 114 15.17 -4.22 19.48
N ALA E 115 13.98 -4.12 18.88
CA ALA E 115 13.19 -2.89 18.88
C ALA E 115 12.81 -2.53 20.31
N ASN E 116 12.34 -3.51 21.07
CA ASN E 116 11.77 -3.20 22.37
C ASN E 116 12.83 -3.03 23.44
N LEU E 117 13.98 -3.70 23.31
CA LEU E 117 15.09 -3.38 24.22
C LEU E 117 15.48 -1.91 24.07
N ALA E 118 15.52 -1.41 22.83
CA ALA E 118 15.85 -0.02 22.53
C ALA E 118 14.82 0.96 23.13
N GLY E 119 13.55 0.54 23.09
CA GLY E 119 12.47 1.24 23.80
C GLY E 119 11.83 2.33 22.95
N SER E 120 12.54 2.72 21.88
CA SER E 120 12.03 3.63 20.85
C SER E 120 13.04 3.63 19.71
N ALA E 121 12.66 4.24 18.57
CA ALA E 121 13.55 4.39 17.42
C ALA E 121 14.43 5.62 17.57
N MET E 122 14.08 6.52 18.48
CA MET E 122 14.87 7.72 18.65
C MET E 122 14.64 8.31 20.03
N GLU E 123 15.69 8.78 20.69
CA GLU E 123 15.51 9.52 21.93
C GLU E 123 15.09 10.95 21.59
N SER E 124 13.99 11.36 22.19
CA SER E 124 13.26 12.59 21.84
C SER E 124 13.89 13.81 22.55
N THR E 125 13.74 14.99 21.94
CA THR E 125 14.09 16.25 22.56
C THR E 125 12.94 16.82 23.41
N VAL E 126 11.78 16.15 23.36
CA VAL E 126 10.60 16.67 24.04
C VAL E 126 10.39 15.91 25.36
N MET E 127 10.19 16.67 26.44
CA MET E 127 9.74 16.12 27.72
C MET E 127 8.31 16.60 27.99
N VAL E 128 7.49 15.71 28.55
CA VAL E 128 6.18 16.14 29.00
C VAL E 128 6.10 15.90 30.51
N LEU E 129 5.50 16.88 31.21
CA LEU E 129 5.38 16.86 32.65
C LEU E 129 3.90 16.73 32.96
N ARG E 130 3.55 15.62 33.63
CA ARG E 130 2.17 15.30 33.95
C ARG E 130 2.01 15.41 35.47
N ASN E 131 0.79 15.79 35.89
CA ASN E 131 0.41 15.82 37.30
C ASN E 131 1.20 16.93 38.02
N MET E 132 1.61 17.96 37.26
CA MET E 132 2.38 19.06 37.80
C MET E 132 1.46 20.18 38.29
N VAL E 133 0.51 20.61 37.46
CA VAL E 133 -0.42 21.66 37.84
C VAL E 133 -1.81 21.25 37.37
N ASP E 134 -2.82 21.93 37.90
CA ASP E 134 -4.20 21.74 37.48
C ASP E 134 -4.59 22.98 36.68
N PRO E 135 -5.66 22.92 35.86
CA PRO E 135 -6.03 24.06 35.03
C PRO E 135 -6.03 25.37 35.84
N LYS E 136 -6.62 25.33 37.04
CA LYS E 136 -6.89 26.53 37.82
C LYS E 136 -5.61 27.21 38.28
N ASP E 137 -4.46 26.50 38.25
CA ASP E 137 -3.22 27.08 38.71
C ASP E 137 -2.50 27.82 37.58
N ILE E 138 -3.02 27.69 36.35
CA ILE E 138 -2.35 28.28 35.20
C ILE E 138 -2.49 29.79 35.30
N ASP E 139 -1.37 30.49 35.11
CA ASP E 139 -1.35 31.95 35.02
C ASP E 139 -0.26 32.36 34.04
N ASP E 140 -0.15 33.68 33.82
CA ASP E 140 0.81 34.27 32.90
C ASP E 140 2.27 33.99 33.26
N ASP E 141 2.54 33.69 34.55
CA ASP E 141 3.92 33.44 34.97
C ASP E 141 4.40 32.03 34.60
N LEU E 142 3.47 31.09 34.43
CA LEU E 142 3.83 29.68 34.44
C LEU E 142 4.83 29.37 33.32
N GLU E 143 4.52 29.77 32.09
CA GLU E 143 5.40 29.44 30.98
C GLU E 143 6.83 29.90 31.28
N GLY E 144 6.95 31.13 31.80
CA GLY E 144 8.23 31.71 32.14
C GLY E 144 8.94 30.94 33.24
N GLU E 145 8.17 30.49 34.22
CA GLU E 145 8.68 29.68 35.32
C GLU E 145 9.18 28.32 34.83
N VAL E 146 8.40 27.65 33.98
CA VAL E 146 8.82 26.33 33.53
C VAL E 146 10.10 26.50 32.70
N THR E 147 10.15 27.53 31.85
CA THR E 147 11.33 27.80 31.02
C THR E 147 12.60 27.95 31.89
N GLU E 148 12.49 28.72 32.98
CA GLU E 148 13.59 29.04 33.87
C GLU E 148 14.10 27.80 34.59
N GLU E 149 13.20 27.04 35.23
CA GLU E 149 13.60 25.78 35.88
C GLU E 149 14.24 24.81 34.89
N CYS E 150 13.72 24.73 33.67
CA CYS E 150 14.16 23.67 32.76
C CYS E 150 15.47 24.08 32.07
N GLY E 151 15.75 25.39 32.08
CA GLY E 151 16.98 25.96 31.52
C GLY E 151 18.19 25.49 32.30
N LYS E 152 17.96 24.95 33.50
CA LYS E 152 19.01 24.33 34.29
C LYS E 152 19.56 23.09 33.58
N PHE E 153 18.79 22.47 32.68
CA PHE E 153 19.18 21.20 32.08
C PHE E 153 19.68 21.39 30.65
N GLY E 154 19.51 22.62 30.13
CA GLY E 154 19.96 22.96 28.80
C GLY E 154 19.03 23.97 28.13
N ALA E 155 19.27 24.20 26.83
CA ALA E 155 18.58 25.22 26.09
C ALA E 155 17.16 24.72 25.85
N VAL E 156 16.18 25.58 26.20
CA VAL E 156 14.78 25.29 26.05
C VAL E 156 14.29 25.98 24.77
N ASN E 157 13.77 25.21 23.81
CA ASN E 157 13.28 25.72 22.54
C ASN E 157 11.89 26.32 22.71
N ARG E 158 11.00 25.56 23.37
CA ARG E 158 9.62 25.99 23.51
C ARG E 158 8.97 25.25 24.69
N VAL E 159 7.97 25.89 25.32
CA VAL E 159 7.14 25.28 26.36
C VAL E 159 5.68 25.41 25.95
N ILE E 160 4.94 24.29 25.97
CA ILE E 160 3.51 24.34 25.78
C ILE E 160 2.77 23.95 27.07
N ILE E 161 1.88 24.86 27.51
CA ILE E 161 0.92 24.63 28.58
C ILE E 161 -0.36 24.14 27.92
N TYR E 162 -0.55 22.81 27.95
CA TYR E 162 -1.61 22.19 27.19
C TYR E 162 -2.70 21.64 28.12
N GLN E 163 -3.96 21.95 27.79
CA GLN E 163 -5.14 21.51 28.54
C GLN E 163 -5.87 20.46 27.71
N GLU E 164 -6.27 19.36 28.36
CA GLU E 164 -6.83 18.23 27.64
C GLU E 164 -7.98 17.67 28.47
N LYS E 165 -9.15 17.54 27.82
CA LYS E 165 -10.32 17.03 28.49
C LYS E 165 -10.28 15.52 28.36
N GLN E 166 -10.61 14.81 29.44
CA GLN E 166 -10.49 13.36 29.52
C GLN E 166 -11.81 12.71 29.11
N GLY E 167 -12.10 12.72 27.81
CA GLY E 167 -13.35 12.14 27.32
C GLY E 167 -14.36 13.21 26.93
N GLU E 168 -15.43 12.75 26.26
CA GLU E 168 -16.40 13.61 25.63
C GLU E 168 -17.50 14.01 26.63
N GLU E 169 -17.61 13.30 27.75
CA GLU E 169 -18.73 13.63 28.62
C GLU E 169 -18.59 15.00 29.27
N GLU E 170 -19.75 15.49 29.68
CA GLU E 170 -19.89 16.86 30.14
C GLU E 170 -19.05 17.11 31.39
N ASP E 171 -18.91 16.10 32.26
CA ASP E 171 -18.22 16.37 33.52
C ASP E 171 -16.74 15.98 33.47
N ALA E 172 -16.21 15.68 32.27
CA ALA E 172 -14.90 15.09 32.15
C ALA E 172 -13.87 16.02 32.78
N GLU E 173 -12.88 15.42 33.43
CA GLU E 173 -11.78 16.16 34.01
C GLU E 173 -10.91 16.83 32.93
N ILE E 174 -10.39 18.02 33.22
CA ILE E 174 -9.45 18.71 32.35
C ILE E 174 -8.11 18.62 33.06
N ILE E 175 -7.10 18.04 32.40
CA ILE E 175 -5.78 17.93 33.00
C ILE E 175 -4.79 18.82 32.24
N VAL E 176 -3.65 19.11 32.87
CA VAL E 176 -2.60 19.90 32.25
C VAL E 176 -1.37 19.01 32.03
N LYS E 177 -0.87 19.08 30.80
CA LYS E 177 0.38 18.50 30.36
C LYS E 177 1.31 19.67 30.01
N ILE E 178 2.54 19.65 30.54
CA ILE E 178 3.48 20.71 30.22
C ILE E 178 4.56 20.09 29.33
N PHE E 179 4.61 20.53 28.08
CA PHE E 179 5.63 20.12 27.12
C PHE E 179 6.81 21.07 27.21
N VAL E 180 8.00 20.47 27.32
CA VAL E 180 9.25 21.21 27.27
C VAL E 180 10.14 20.61 26.19
N GLU E 181 10.33 21.35 25.11
CA GLU E 181 11.16 20.92 23.99
C GLU E 181 12.55 21.52 24.19
N PHE E 182 13.56 20.65 24.27
CA PHE E 182 14.95 21.05 24.44
C PHE E 182 15.64 21.09 23.07
N SER E 183 16.84 21.67 23.02
CA SER E 183 17.52 21.85 21.74
C SER E 183 18.08 20.52 21.23
N ILE E 184 18.46 19.63 22.15
CA ILE E 184 19.05 18.34 21.80
C ILE E 184 18.78 17.30 22.90
N ALA E 185 18.72 16.02 22.51
CA ALA E 185 18.16 14.95 23.35
C ALA E 185 18.98 14.67 24.63
N SER E 186 20.28 15.02 24.64
CA SER E 186 21.08 14.89 25.85
C SER E 186 20.55 15.77 26.99
N GLU E 187 19.93 16.92 26.63
CA GLU E 187 19.33 17.85 27.59
C GLU E 187 18.07 17.24 28.17
N THR E 188 17.24 16.69 27.28
CA THR E 188 15.97 16.08 27.65
C THR E 188 16.20 15.01 28.71
N HIS E 189 17.23 14.20 28.47
CA HIS E 189 17.63 13.07 29.31
C HIS E 189 18.01 13.52 30.72
N LYS E 190 18.87 14.56 30.82
CA LYS E 190 19.24 15.18 32.10
C LYS E 190 17.99 15.63 32.87
N ALA E 191 17.09 16.32 32.16
CA ALA E 191 15.87 16.88 32.72
C ALA E 191 14.94 15.78 33.25
N ILE E 192 14.70 14.72 32.44
CA ILE E 192 13.83 13.63 32.87
C ILE E 192 14.41 12.90 34.08
N GLN E 193 15.74 12.70 34.12
CA GLN E 193 16.34 12.01 35.25
C GLN E 193 16.23 12.84 36.51
N ALA E 194 16.26 14.16 36.36
CA ALA E 194 16.20 15.04 37.52
C ALA E 194 14.77 15.13 38.03
N LEU E 195 13.80 15.19 37.13
CA LEU E 195 12.47 15.62 37.53
C LEU E 195 11.50 14.45 37.75
N ASN E 196 11.74 13.28 37.14
CA ASN E 196 10.72 12.24 37.15
C ASN E 196 10.51 11.69 38.56
N GLY E 197 9.28 11.73 39.07
CA GLY E 197 8.96 11.21 40.39
C GLY E 197 9.31 12.17 41.55
N ARG E 198 9.64 13.43 41.25
CA ARG E 198 9.87 14.40 42.31
C ARG E 198 8.53 14.88 42.87
N TRP E 199 8.52 15.20 44.16
CA TRP E 199 7.35 15.76 44.79
C TRP E 199 7.45 17.29 44.74
N PHE E 200 6.40 17.98 44.28
CA PHE E 200 6.34 19.43 44.28
C PHE E 200 4.94 19.85 44.70
N ALA E 201 4.86 20.79 45.65
CA ALA E 201 3.60 21.22 46.25
C ALA E 201 2.67 20.04 46.57
N GLY E 202 3.24 18.95 47.10
CA GLY E 202 2.47 17.80 47.54
C GLY E 202 1.97 16.85 46.42
N ARG E 203 2.42 17.04 45.17
CA ARG E 203 2.04 16.10 44.11
C ARG E 203 3.29 15.47 43.49
N LYS E 204 3.19 14.18 43.13
CA LYS E 204 4.30 13.45 42.55
C LYS E 204 4.21 13.59 41.04
N VAL E 205 5.26 14.20 40.45
CA VAL E 205 5.15 14.55 39.04
C VAL E 205 5.70 13.39 38.18
N VAL E 206 5.18 13.30 36.96
CA VAL E 206 5.77 12.40 35.99
C VAL E 206 6.53 13.26 34.98
N ALA E 207 7.81 12.96 34.76
CA ALA E 207 8.58 13.58 33.68
C ALA E 207 8.97 12.46 32.73
N GLU E 208 8.62 12.60 31.44
CA GLU E 208 8.99 11.54 30.51
C GLU E 208 9.16 12.10 29.10
N VAL E 209 9.74 11.26 28.23
CA VAL E 209 9.86 11.63 26.82
C VAL E 209 8.46 11.72 26.19
N TYR E 210 8.34 12.62 25.21
CA TYR E 210 7.16 12.64 24.35
C TYR E 210 7.58 12.44 22.89
N ASP E 211 6.84 11.58 22.16
CA ASP E 211 7.17 11.26 20.78
C ASP E 211 7.46 12.54 19.98
N GLN E 212 8.67 12.66 19.44
CA GLN E 212 9.08 13.90 18.80
C GLN E 212 8.30 14.13 17.50
N GLU E 213 8.06 13.06 16.76
CA GLU E 213 7.30 13.15 15.52
C GLU E 213 5.91 13.71 15.74
N ARG E 214 5.19 13.16 16.75
CA ARG E 214 3.92 13.70 17.16
C ARG E 214 4.01 15.19 17.48
N PHE E 215 4.95 15.55 18.38
CA PHE E 215 5.05 16.94 18.82
C PHE E 215 5.29 17.83 17.60
N ASP E 216 6.24 17.43 16.74
CA ASP E 216 6.56 18.23 15.57
C ASP E 216 5.33 18.36 14.66
N ASN E 217 4.37 17.43 14.79
CA ASN E 217 3.16 17.50 13.97
C ASN E 217 1.97 18.10 14.71
N SER E 218 2.23 18.73 15.86
CA SER E 218 1.17 19.37 16.64
C SER E 218 0.16 18.36 17.17
N ASP E 219 0.64 17.13 17.47
CA ASP E 219 -0.21 16.13 18.11
C ASP E 219 0.25 15.98 19.56
N LEU E 220 -0.49 16.64 20.46
CA LEU E 220 -0.14 16.65 21.87
C LEU E 220 -1.02 15.70 22.64
N SER E 221 -1.61 14.71 21.96
CA SER E 221 -2.71 13.95 22.54
C SER E 221 -2.22 12.74 23.34
N ALA E 222 -0.96 12.34 23.13
CA ALA E 222 -0.52 11.07 23.71
C ALA E 222 0.12 11.32 25.09
N ASP F 12 -23.84 31.81 10.45
CA ASP F 12 -22.45 31.29 10.27
C ASP F 12 -22.46 29.78 10.26
N LYS F 13 -22.40 29.16 9.06
CA LYS F 13 -21.97 27.78 9.10
C LYS F 13 -20.47 27.73 9.40
N ILE F 14 -19.71 28.73 8.93
CA ILE F 14 -18.32 28.84 9.34
C ILE F 14 -18.16 29.89 10.44
N ILE F 15 -17.67 29.42 11.60
CA ILE F 15 -17.51 30.26 12.76
C ILE F 15 -16.17 30.99 12.65
N HIS F 16 -16.14 32.28 12.99
CA HIS F 16 -14.92 33.07 13.03
C HIS F 16 -14.54 33.31 14.49
N LEU F 17 -13.42 32.70 14.89
CA LEU F 17 -13.03 32.61 16.29
C LEU F 17 -12.15 33.79 16.71
N THR F 18 -12.22 34.07 17.99
CA THR F 18 -11.29 34.99 18.60
C THR F 18 -10.64 34.23 19.74
N ASP F 19 -9.54 34.80 20.25
CA ASP F 19 -8.93 34.27 21.46
C ASP F 19 -9.97 34.25 22.58
N ASP F 20 -10.82 35.28 22.66
CA ASP F 20 -11.82 35.39 23.73
C ASP F 20 -13.01 34.43 23.56
N SER F 21 -13.41 34.11 22.32
CA SER F 21 -14.57 33.26 22.10
C SER F 21 -14.20 31.77 21.98
N PHE F 22 -12.90 31.44 21.97
CA PHE F 22 -12.48 30.07 21.65
C PHE F 22 -13.12 29.07 22.61
N ASP F 23 -13.04 29.34 23.91
CA ASP F 23 -13.59 28.46 24.95
C ASP F 23 -15.05 28.12 24.68
N THR F 24 -15.90 29.13 24.45
CA THR F 24 -17.33 28.95 24.26
C THR F 24 -17.64 28.25 22.94
N ASP F 25 -17.00 28.71 21.85
CA ASP F 25 -17.32 28.27 20.51
C ASP F 25 -16.73 26.87 20.26
N VAL F 26 -15.63 26.53 20.94
CA VAL F 26 -14.93 25.31 20.54
C VAL F 26 -14.97 24.30 21.68
N LEU F 27 -14.33 24.66 22.80
CA LEU F 27 -14.17 23.78 23.93
C LEU F 27 -15.53 23.44 24.56
N LYS F 28 -16.45 24.41 24.59
CA LYS F 28 -17.72 24.18 25.25
C LYS F 28 -18.82 23.81 24.26
N ALA F 29 -18.48 23.50 23.00
CA ALA F 29 -19.55 23.20 22.04
C ALA F 29 -19.94 21.73 22.05
N ASP F 30 -21.18 21.48 21.61
CA ASP F 30 -21.70 20.14 21.38
C ASP F 30 -21.27 19.70 19.99
N GLY F 31 -20.86 18.44 19.89
CA GLY F 31 -20.43 17.86 18.63
C GLY F 31 -19.05 18.37 18.20
N ALA F 32 -18.75 18.11 16.93
CA ALA F 32 -17.43 18.22 16.33
C ALA F 32 -17.20 19.63 15.76
N ILE F 33 -15.99 20.16 16.02
CA ILE F 33 -15.55 21.41 15.42
C ILE F 33 -14.19 21.16 14.77
N LEU F 34 -14.08 21.48 13.49
CA LEU F 34 -12.81 21.55 12.80
C LEU F 34 -12.24 22.96 12.90
N VAL F 35 -11.19 23.17 13.72
CA VAL F 35 -10.53 24.46 13.77
C VAL F 35 -9.42 24.53 12.74
N ASP F 36 -9.43 25.60 11.93
CA ASP F 36 -8.40 25.95 10.94
C ASP F 36 -7.59 27.14 11.46
N PHE F 37 -6.29 26.91 11.72
CA PHE F 37 -5.40 28.00 12.09
C PHE F 37 -4.78 28.55 10.81
N TRP F 38 -4.95 29.87 10.56
CA TRP F 38 -4.67 30.43 9.24
C TRP F 38 -4.14 31.88 9.33
N ALA F 39 -3.61 32.36 8.21
CA ALA F 39 -3.25 33.77 8.05
C ALA F 39 -3.48 34.19 6.60
N GLU F 40 -3.61 35.51 6.39
CA GLU F 40 -3.97 36.11 5.12
C GLU F 40 -2.87 35.91 4.05
N TRP F 41 -1.60 35.99 4.45
CA TRP F 41 -0.49 35.93 3.52
C TRP F 41 -0.21 34.49 3.11
N CYS F 42 -0.93 33.55 3.72
CA CYS F 42 -0.57 32.14 3.65
C CYS F 42 -1.19 31.51 2.41
N GLY F 43 -0.36 31.09 1.43
CA GLY F 43 -0.90 30.58 0.18
C GLY F 43 -1.63 29.25 0.39
N PRO F 44 -1.00 28.24 1.05
CA PRO F 44 -1.72 27.04 1.44
C PRO F 44 -2.99 27.27 2.23
N CYS F 45 -3.03 28.28 3.12
CA CYS F 45 -4.29 28.50 3.83
C CYS F 45 -5.39 28.94 2.87
N LYS F 46 -5.02 29.76 1.87
CA LYS F 46 -5.99 30.30 0.92
C LYS F 46 -6.49 29.17 0.03
N MET F 47 -5.60 28.24 -0.30
CA MET F 47 -5.95 27.11 -1.15
C MET F 47 -7.09 26.31 -0.52
N ILE F 48 -7.02 26.03 0.80
CA ILE F 48 -8.03 25.18 1.42
C ILE F 48 -9.30 25.96 1.76
N ALA F 49 -9.31 27.29 1.63
CA ALA F 49 -10.51 28.02 2.05
C ALA F 49 -11.75 27.54 1.28
N PRO F 50 -11.74 27.41 -0.07
CA PRO F 50 -12.89 26.82 -0.79
C PRO F 50 -13.23 25.37 -0.43
N ILE F 51 -12.21 24.58 -0.07
CA ILE F 51 -12.42 23.17 0.25
C ILE F 51 -13.12 23.05 1.60
N LEU F 52 -12.83 23.99 2.51
CA LEU F 52 -13.53 24.12 3.79
C LEU F 52 -14.98 24.55 3.55
N ASP F 53 -15.20 25.41 2.54
CA ASP F 53 -16.54 25.85 2.18
C ASP F 53 -17.39 24.63 1.79
N GLU F 54 -16.82 23.73 0.97
CA GLU F 54 -17.51 22.51 0.58
C GLU F 54 -17.76 21.62 1.80
N ILE F 55 -16.75 21.48 2.66
CA ILE F 55 -16.86 20.61 3.83
C ILE F 55 -18.00 21.12 4.71
N ALA F 56 -18.00 22.41 5.04
CA ALA F 56 -19.06 23.00 5.84
C ALA F 56 -20.43 22.62 5.28
N ASP F 57 -20.54 22.56 3.95
CA ASP F 57 -21.77 22.17 3.27
C ASP F 57 -22.04 20.69 3.49
N GLU F 58 -21.16 19.82 2.98
CA GLU F 58 -21.42 18.38 2.97
C GLU F 58 -21.57 17.81 4.38
N TYR F 59 -20.88 18.34 5.40
CA TYR F 59 -20.93 17.75 6.73
C TYR F 59 -21.85 18.53 7.67
N GLN F 60 -22.71 19.39 7.11
CA GLN F 60 -23.67 20.14 7.91
C GLN F 60 -24.39 19.19 8.87
N GLY F 61 -24.53 19.59 10.13
CA GLY F 61 -25.17 18.77 11.15
C GLY F 61 -24.21 17.77 11.79
N LYS F 62 -23.13 17.43 11.09
CA LYS F 62 -22.15 16.47 11.59
C LYS F 62 -20.96 17.24 12.19
N LEU F 63 -20.73 18.45 11.68
CA LEU F 63 -19.46 19.12 11.89
C LEU F 63 -19.65 20.61 11.62
N THR F 64 -19.07 21.44 12.47
CA THR F 64 -18.90 22.87 12.22
C THR F 64 -17.43 23.23 11.99
N VAL F 65 -17.19 23.95 10.90
CA VAL F 65 -15.88 24.48 10.56
C VAL F 65 -15.71 25.84 11.25
N ALA F 66 -14.52 26.03 11.84
CA ALA F 66 -14.20 27.27 12.54
C ALA F 66 -12.78 27.72 12.16
N LYS F 67 -12.56 29.05 12.13
CA LYS F 67 -11.29 29.58 11.64
C LYS F 67 -10.75 30.59 12.65
N LEU F 68 -9.48 30.39 13.05
CA LEU F 68 -8.83 31.36 13.93
C LEU F 68 -7.63 31.94 13.17
N ASN F 69 -7.66 33.27 12.95
CA ASN F 69 -6.58 33.96 12.28
C ASN F 69 -5.47 34.22 13.29
N ILE F 70 -4.26 33.73 13.00
CA ILE F 70 -3.23 33.69 14.04
C ILE F 70 -2.56 35.05 14.24
N ASP F 71 -2.65 35.93 13.23
CA ASP F 71 -2.19 37.31 13.37
C ASP F 71 -3.16 38.08 14.27
N GLN F 72 -4.47 38.01 13.97
CA GLN F 72 -5.46 38.77 14.74
C GLN F 72 -5.64 38.17 16.13
N ASN F 73 -5.40 36.86 16.26
CA ASN F 73 -5.65 36.19 17.53
C ASN F 73 -4.44 35.33 17.88
N PRO F 74 -3.35 35.92 18.43
CA PRO F 74 -2.11 35.17 18.67
C PRO F 74 -2.06 34.29 19.92
N GLY F 75 -3.11 34.32 20.75
CA GLY F 75 -3.09 33.67 22.05
C GLY F 75 -3.27 32.15 21.98
N THR F 76 -4.11 31.66 21.05
CA THR F 76 -4.68 30.33 21.17
C THR F 76 -3.77 29.27 20.55
N ALA F 77 -3.19 29.58 19.39
CA ALA F 77 -2.43 28.56 18.69
C ALA F 77 -1.25 28.02 19.49
N PRO F 78 -0.43 28.84 20.20
CA PRO F 78 0.64 28.31 21.05
C PRO F 78 0.19 27.29 22.11
N LYS F 79 -1.05 27.44 22.60
CA LYS F 79 -1.55 26.50 23.60
C LYS F 79 -1.89 25.15 22.97
N TYR F 80 -1.80 25.03 21.62
CA TYR F 80 -2.03 23.75 20.96
C TYR F 80 -0.78 23.29 20.19
N GLY F 81 0.38 23.93 20.46
CA GLY F 81 1.64 23.56 19.83
C GLY F 81 1.60 23.69 18.30
N ILE F 82 0.88 24.70 17.80
CA ILE F 82 0.77 24.99 16.39
C ILE F 82 2.11 25.59 15.96
N ARG F 83 2.60 25.12 14.81
CA ARG F 83 3.89 25.48 14.23
C ARG F 83 3.60 26.12 12.87
N GLY F 84 3.53 25.31 11.81
CA GLY F 84 3.18 25.83 10.49
C GLY F 84 1.68 25.99 10.32
N ILE F 85 1.28 26.73 9.26
CA ILE F 85 -0.12 26.91 8.87
C ILE F 85 -0.26 26.62 7.39
N PRO F 86 -1.44 26.14 6.94
CA PRO F 86 -2.57 25.88 7.82
C PRO F 86 -2.39 24.60 8.67
N THR F 87 -3.06 24.57 9.83
CA THR F 87 -3.14 23.38 10.66
C THR F 87 -4.62 23.22 11.03
N LEU F 88 -5.13 22.00 10.83
CA LEU F 88 -6.50 21.68 11.23
C LEU F 88 -6.46 20.85 12.51
N LEU F 89 -7.31 21.23 13.46
CA LEU F 89 -7.50 20.49 14.69
C LEU F 89 -8.98 20.10 14.81
N LEU F 90 -9.25 18.80 14.92
CA LEU F 90 -10.62 18.35 15.08
C LEU F 90 -10.91 18.18 16.58
N PHE F 91 -11.97 18.85 17.02
CA PHE F 91 -12.45 18.73 18.38
C PHE F 91 -13.79 18.00 18.35
N LYS F 92 -14.10 17.24 19.41
CA LYS F 92 -15.40 16.63 19.64
C LYS F 92 -15.71 16.85 21.12
N ASN F 93 -16.78 17.59 21.41
CA ASN F 93 -17.15 17.83 22.81
C ASN F 93 -15.94 18.30 23.62
N GLY F 94 -15.19 19.27 23.08
CA GLY F 94 -14.06 19.88 23.78
C GLY F 94 -12.88 18.94 23.93
N GLU F 95 -12.93 17.79 23.23
CA GLU F 95 -11.82 16.85 23.23
C GLU F 95 -11.06 17.00 21.91
N VAL F 96 -9.73 17.07 21.98
CA VAL F 96 -8.90 17.08 20.77
C VAL F 96 -8.90 15.65 20.24
N ALA F 97 -9.38 15.50 19.00
CA ALA F 97 -9.54 14.20 18.38
C ALA F 97 -8.36 13.91 17.46
N ALA F 98 -7.84 14.93 16.74
CA ALA F 98 -6.77 14.74 15.77
C ALA F 98 -6.33 16.07 15.18
N THR F 99 -5.22 16.00 14.43
CA THR F 99 -4.59 17.18 13.87
C THR F 99 -4.11 16.84 12.46
N LYS F 100 -4.20 17.82 11.56
CA LYS F 100 -3.71 17.65 10.21
C LYS F 100 -3.01 18.94 9.85
N VAL F 101 -1.76 18.80 9.41
CA VAL F 101 -0.83 19.91 9.23
C VAL F 101 -0.66 20.08 7.72
N GLY F 102 -0.88 21.30 7.22
CA GLY F 102 -0.60 21.62 5.83
C GLY F 102 -1.85 21.45 4.98
N ALA F 103 -1.86 22.08 3.79
CA ALA F 103 -2.94 21.97 2.82
C ALA F 103 -3.06 20.53 2.34
N LEU F 104 -4.24 20.20 1.82
CA LEU F 104 -4.50 18.87 1.30
C LEU F 104 -5.72 18.96 0.40
N SER F 105 -5.92 17.92 -0.42
CA SER F 105 -7.06 17.81 -1.32
C SER F 105 -8.33 17.60 -0.51
N LYS F 106 -9.46 17.81 -1.17
CA LYS F 106 -10.77 17.60 -0.56
C LYS F 106 -10.93 16.12 -0.19
N GLY F 107 -10.46 15.23 -1.07
CA GLY F 107 -10.48 13.78 -0.87
C GLY F 107 -9.73 13.37 0.39
N GLN F 108 -8.51 13.90 0.55
CA GLN F 108 -7.71 13.58 1.73
C GLN F 108 -8.37 14.13 3.00
N LEU F 109 -8.93 15.34 2.92
CA LEU F 109 -9.60 15.91 4.08
C LEU F 109 -10.82 15.08 4.49
N LYS F 110 -11.59 14.61 3.51
CA LYS F 110 -12.76 13.78 3.78
C LYS F 110 -12.33 12.46 4.44
N GLU F 111 -11.21 11.87 3.95
CA GLU F 111 -10.64 10.67 4.55
C GLU F 111 -10.30 10.93 6.02
N PHE F 112 -9.60 12.06 6.27
CA PHE F 112 -9.14 12.44 7.61
C PHE F 112 -10.36 12.63 8.52
N LEU F 113 -11.40 13.30 8.01
CA LEU F 113 -12.57 13.60 8.83
C LEU F 113 -13.35 12.34 9.23
N ASP F 114 -13.65 11.49 8.25
CA ASP F 114 -14.50 10.32 8.51
C ASP F 114 -13.90 9.45 9.62
N ALA F 115 -12.61 9.08 9.48
CA ALA F 115 -11.89 8.28 10.46
C ALA F 115 -11.89 8.96 11.83
N ASN F 116 -11.72 10.29 11.86
CA ASN F 116 -11.51 10.91 13.17
C ASN F 116 -12.81 11.31 13.82
N LEU F 117 -13.83 11.62 13.01
CA LEU F 117 -15.17 11.80 13.52
C LEU F 117 -15.63 10.51 14.20
N ALA F 118 -15.49 9.39 13.49
CA ALA F 118 -15.77 8.09 14.09
C ALA F 118 -14.93 7.89 15.36
N GLY F 119 -13.63 8.19 15.31
CA GLY F 119 -12.81 8.12 16.52
C GLY F 119 -11.96 6.86 16.56
N SER F 120 -12.59 5.71 16.28
CA SER F 120 -11.90 4.45 16.00
C SER F 120 -12.83 3.58 15.16
N ALA F 121 -12.32 2.42 14.72
CA ALA F 121 -13.01 1.50 13.84
C ALA F 121 -14.22 0.88 14.55
N MET F 122 -14.21 0.84 15.90
CA MET F 122 -15.22 0.11 16.66
C MET F 122 -15.31 0.60 18.11
N GLU F 123 -16.54 0.64 18.63
CA GLU F 123 -16.72 1.02 20.03
C GLU F 123 -16.39 -0.18 20.89
N SER F 124 -15.48 0.00 21.86
CA SER F 124 -14.90 -1.06 22.68
C SER F 124 -15.90 -1.50 23.75
N THR F 125 -15.76 -2.76 24.20
CA THR F 125 -16.44 -3.24 25.40
C THR F 125 -15.60 -2.95 26.66
N VAL F 126 -14.39 -2.43 26.49
CA VAL F 126 -13.54 -2.27 27.66
C VAL F 126 -13.53 -0.80 28.10
N MET F 127 -13.78 -0.56 29.39
CA MET F 127 -13.58 0.73 30.03
C MET F 127 -12.28 0.70 30.83
N VAL F 128 -11.57 1.83 30.90
CA VAL F 128 -10.48 1.94 31.87
C VAL F 128 -10.84 3.03 32.87
N LEU F 129 -10.57 2.75 34.17
CA LEU F 129 -10.73 3.71 35.24
C LEU F 129 -9.35 4.20 35.68
N ARG F 130 -9.11 5.51 35.55
CA ARG F 130 -7.83 6.14 35.88
C ARG F 130 -8.06 7.12 37.02
N ASN F 131 -7.01 7.37 37.80
CA ASN F 131 -7.10 8.34 38.90
C ASN F 131 -8.16 7.90 39.92
N MET F 132 -8.24 6.60 40.20
CA MET F 132 -9.27 6.19 41.13
C MET F 132 -8.69 5.70 42.46
N VAL F 133 -7.66 4.84 42.42
CA VAL F 133 -7.06 4.30 43.63
C VAL F 133 -5.54 4.40 43.52
N ASP F 134 -4.88 4.55 44.67
CA ASP F 134 -3.43 4.48 44.73
C ASP F 134 -3.06 3.01 44.92
N PRO F 135 -1.85 2.58 44.50
CA PRO F 135 -1.45 1.19 44.65
C PRO F 135 -1.59 0.70 46.12
N LYS F 136 -1.43 1.60 47.09
CA LYS F 136 -1.46 1.23 48.51
C LYS F 136 -2.87 0.75 48.91
N ASP F 137 -3.89 1.26 48.21
CA ASP F 137 -5.28 1.01 48.51
C ASP F 137 -5.73 -0.38 48.03
N ILE F 138 -5.02 -0.96 47.06
CA ILE F 138 -5.37 -2.26 46.51
C ILE F 138 -5.41 -3.28 47.64
N ASP F 139 -6.56 -3.95 47.81
CA ASP F 139 -6.64 -5.12 48.68
C ASP F 139 -7.36 -6.24 47.94
N ASP F 140 -7.53 -7.39 48.62
CA ASP F 140 -8.16 -8.54 48.00
C ASP F 140 -9.61 -8.27 47.63
N ASP F 141 -10.23 -7.22 48.21
CA ASP F 141 -11.65 -6.94 47.99
C ASP F 141 -11.92 -6.11 46.72
N LEU F 142 -10.88 -5.43 46.20
CA LEU F 142 -11.10 -4.39 45.22
C LEU F 142 -11.73 -4.95 43.95
N GLU F 143 -11.21 -6.07 43.47
CA GLU F 143 -11.73 -6.65 42.24
C GLU F 143 -13.24 -6.91 42.33
N GLY F 144 -13.68 -7.54 43.43
CA GLY F 144 -15.09 -7.85 43.66
C GLY F 144 -15.94 -6.59 43.79
N GLU F 145 -15.38 -5.57 44.44
CA GLU F 145 -16.14 -4.35 44.66
C GLU F 145 -16.36 -3.65 43.33
N VAL F 146 -15.29 -3.55 42.52
CA VAL F 146 -15.40 -2.99 41.19
C VAL F 146 -16.48 -3.78 40.44
N THR F 147 -16.37 -5.11 40.48
CA THR F 147 -17.25 -5.97 39.70
C THR F 147 -18.70 -5.65 40.07
N GLU F 148 -18.93 -5.50 41.38
CA GLU F 148 -20.28 -5.26 41.90
C GLU F 148 -20.81 -3.89 41.46
N GLU F 149 -19.99 -2.85 41.60
CA GLU F 149 -20.40 -1.51 41.20
C GLU F 149 -20.70 -1.48 39.69
N CYS F 150 -19.86 -2.16 38.91
CA CYS F 150 -19.97 -2.02 37.46
C CYS F 150 -21.06 -2.96 36.96
N GLY F 151 -21.40 -3.97 37.75
CA GLY F 151 -22.54 -4.82 37.46
C GLY F 151 -23.86 -4.05 37.37
N LYS F 152 -23.89 -2.81 37.86
CA LYS F 152 -25.13 -2.06 37.73
C LYS F 152 -25.35 -1.49 36.32
N PHE F 153 -24.32 -1.54 35.45
CA PHE F 153 -24.40 -1.00 34.10
C PHE F 153 -24.55 -2.09 33.05
N GLY F 154 -24.33 -3.34 33.44
CA GLY F 154 -24.45 -4.49 32.55
C GLY F 154 -23.56 -5.63 33.02
N ALA F 155 -23.44 -6.70 32.22
CA ALA F 155 -22.65 -7.87 32.60
C ALA F 155 -21.16 -7.57 32.49
N VAL F 156 -20.44 -7.79 33.61
CA VAL F 156 -19.01 -7.58 33.70
C VAL F 156 -18.29 -8.89 33.36
N ASN F 157 -17.44 -8.89 32.33
CA ASN F 157 -16.79 -10.13 31.90
C ASN F 157 -15.54 -10.39 32.73
N ARG F 158 -14.79 -9.31 33.07
CA ARG F 158 -13.48 -9.38 33.69
C ARG F 158 -13.05 -8.01 34.20
N VAL F 159 -12.34 -7.99 35.34
CA VAL F 159 -11.80 -6.76 35.87
C VAL F 159 -10.31 -7.00 36.05
N ILE F 160 -9.46 -6.05 35.62
CA ILE F 160 -8.04 -6.13 35.92
C ILE F 160 -7.60 -4.94 36.78
N ILE F 161 -6.86 -5.25 37.85
CA ILE F 161 -6.20 -4.25 38.69
C ILE F 161 -4.76 -4.13 38.21
N TYR F 162 -4.47 -3.09 37.41
CA TYR F 162 -3.16 -3.05 36.76
C TYR F 162 -2.30 -1.94 37.38
N GLN F 163 -1.10 -2.31 37.80
CA GLN F 163 -0.15 -1.33 38.34
C GLN F 163 0.92 -1.04 37.30
N GLU F 164 1.17 0.26 37.04
CA GLU F 164 2.07 0.68 35.98
C GLU F 164 3.06 1.74 36.46
N LYS F 165 4.34 1.46 36.24
CA LYS F 165 5.39 2.39 36.64
C LYS F 165 5.61 3.42 35.54
N GLN F 166 5.70 4.70 35.92
CA GLN F 166 5.70 5.80 34.96
C GLN F 166 7.11 6.18 34.55
N GLY F 167 7.78 5.30 33.80
CA GLY F 167 9.15 5.54 33.34
C GLY F 167 10.19 4.65 34.04
N GLU F 168 11.42 4.72 33.54
CA GLU F 168 12.46 3.78 33.95
C GLU F 168 13.07 4.24 35.27
N GLU F 169 12.91 5.54 35.58
CA GLU F 169 13.66 6.11 36.70
C GLU F 169 13.25 5.42 38.00
N GLU F 170 14.23 5.39 38.92
CA GLU F 170 14.16 4.74 40.21
C GLU F 170 12.96 5.28 40.99
N ASP F 171 12.73 6.59 40.94
CA ASP F 171 11.66 7.19 41.73
C ASP F 171 10.34 7.34 40.98
N ALA F 172 10.18 6.65 39.85
CA ALA F 172 8.98 6.87 39.04
C ALA F 172 7.72 6.44 39.78
N GLU F 173 6.64 7.23 39.66
CA GLU F 173 5.33 6.93 40.21
C GLU F 173 4.83 5.57 39.71
N ILE F 174 4.18 4.82 40.62
CA ILE F 174 3.35 3.68 40.27
C ILE F 174 1.89 4.15 40.27
N ILE F 175 1.14 3.87 39.20
CA ILE F 175 -0.28 4.20 39.14
C ILE F 175 -1.12 2.93 38.96
N VAL F 176 -2.42 3.02 39.28
CA VAL F 176 -3.35 1.93 39.06
C VAL F 176 -4.30 2.30 37.92
N LYS F 177 -4.39 1.40 36.95
CA LYS F 177 -5.47 1.44 35.96
C LYS F 177 -6.44 0.30 36.28
N ILE F 178 -7.72 0.66 36.46
CA ILE F 178 -8.70 -0.41 36.60
C ILE F 178 -9.41 -0.66 35.27
N PHE F 179 -9.20 -1.86 34.70
CA PHE F 179 -9.84 -2.26 33.46
C PHE F 179 -11.14 -3.01 33.76
N VAL F 180 -12.22 -2.66 33.02
CA VAL F 180 -13.51 -3.31 33.20
C VAL F 180 -14.04 -3.66 31.81
N GLU F 181 -14.03 -4.97 31.51
CA GLU F 181 -14.55 -5.47 30.25
C GLU F 181 -16.00 -5.90 30.46
N PHE F 182 -16.88 -5.25 29.71
CA PHE F 182 -18.30 -5.59 29.70
C PHE F 182 -18.63 -6.59 28.58
N SER F 183 -19.85 -7.17 28.63
CA SER F 183 -20.17 -8.19 27.63
C SER F 183 -20.36 -7.60 26.23
N ILE F 184 -20.90 -6.37 26.14
CA ILE F 184 -21.20 -5.75 24.86
C ILE F 184 -21.05 -4.23 25.02
N ALA F 185 -20.67 -3.54 23.94
CA ALA F 185 -20.28 -2.13 23.96
C ALA F 185 -21.32 -1.18 24.55
N SER F 186 -22.60 -1.55 24.51
CA SER F 186 -23.66 -0.66 24.99
C SER F 186 -23.61 -0.57 26.51
N GLU F 187 -23.15 -1.65 27.15
CA GLU F 187 -22.93 -1.61 28.59
C GLU F 187 -21.73 -0.71 28.96
N THR F 188 -20.64 -0.77 28.19
CA THR F 188 -19.44 0.05 28.45
C THR F 188 -19.78 1.53 28.41
N HIS F 189 -20.63 1.91 27.44
CA HIS F 189 -21.03 3.28 27.19
C HIS F 189 -21.85 3.81 28.36
N LYS F 190 -22.78 3.00 28.87
CA LYS F 190 -23.55 3.35 30.07
C LYS F 190 -22.64 3.66 31.25
N ALA F 191 -21.72 2.72 31.54
CA ALA F 191 -20.76 2.87 32.64
C ALA F 191 -19.97 4.18 32.45
N ILE F 192 -19.39 4.37 31.27
CA ILE F 192 -18.54 5.53 31.06
C ILE F 192 -19.36 6.80 31.25
N GLN F 193 -20.57 6.80 30.68
CA GLN F 193 -21.42 7.97 30.81
C GLN F 193 -21.81 8.23 32.27
N ALA F 194 -22.02 7.16 33.06
CA ALA F 194 -22.40 7.31 34.45
C ALA F 194 -21.20 7.69 35.33
N LEU F 195 -19.99 7.22 35.03
CA LEU F 195 -18.85 7.31 35.97
C LEU F 195 -17.88 8.45 35.66
N ASN F 196 -17.74 8.81 34.37
CA ASN F 196 -16.67 9.71 33.97
C ASN F 196 -16.92 11.10 34.56
N GLY F 197 -15.95 11.60 35.32
CA GLY F 197 -16.10 12.94 35.88
C GLY F 197 -16.83 12.96 37.23
N ARG F 198 -17.27 11.80 37.75
CA ARG F 198 -17.85 11.75 39.09
C ARG F 198 -16.73 11.88 40.11
N TRP F 199 -17.06 12.35 41.34
CA TRP F 199 -16.07 12.49 42.40
C TRP F 199 -16.10 11.26 43.28
N PHE F 200 -14.92 10.71 43.62
CA PHE F 200 -14.84 9.57 44.51
C PHE F 200 -13.53 9.67 45.31
N ALA F 201 -13.65 9.57 46.65
CA ALA F 201 -12.53 9.71 47.58
C ALA F 201 -11.75 10.97 47.23
N GLY F 202 -12.47 12.02 46.85
CA GLY F 202 -11.85 13.33 46.72
C GLY F 202 -11.17 13.53 45.37
N ARG F 203 -11.23 12.53 44.49
CA ARG F 203 -10.69 12.75 43.15
C ARG F 203 -11.76 12.57 42.08
N LYS F 204 -11.62 13.35 41.00
CA LYS F 204 -12.45 13.16 39.82
C LYS F 204 -12.03 11.88 39.11
N VAL F 205 -13.00 10.99 38.86
CA VAL F 205 -12.69 9.75 38.17
C VAL F 205 -12.48 10.07 36.69
N VAL F 206 -11.55 9.35 36.06
CA VAL F 206 -11.51 9.27 34.61
C VAL F 206 -11.91 7.86 34.18
N ALA F 207 -13.05 7.77 33.51
CA ALA F 207 -13.59 6.55 32.93
C ALA F 207 -13.61 6.76 31.43
N GLU F 208 -12.95 5.89 30.66
CA GLU F 208 -12.98 6.05 29.21
C GLU F 208 -12.85 4.70 28.50
N VAL F 209 -13.14 4.69 27.18
CA VAL F 209 -13.00 3.47 26.42
C VAL F 209 -11.51 3.13 26.32
N TYR F 210 -11.20 1.84 26.29
CA TYR F 210 -9.85 1.38 26.02
C TYR F 210 -9.90 0.47 24.80
N ASP F 211 -8.94 0.66 23.89
CA ASP F 211 -8.84 -0.06 22.65
C ASP F 211 -9.00 -1.57 22.88
N GLN F 212 -10.02 -2.18 22.27
CA GLN F 212 -10.35 -3.56 22.57
C GLN F 212 -9.30 -4.51 22.02
N GLU F 213 -8.73 -4.16 20.87
CA GLU F 213 -7.69 -4.98 20.30
C GLU F 213 -6.45 -5.03 21.22
N ARG F 214 -6.05 -3.86 21.76
CA ARG F 214 -4.96 -3.85 22.71
C ARG F 214 -5.32 -4.79 23.86
N PHE F 215 -6.55 -4.64 24.38
CA PHE F 215 -6.92 -5.36 25.58
C PHE F 215 -6.94 -6.86 25.30
N ASP F 216 -7.48 -7.23 24.13
CA ASP F 216 -7.60 -8.65 23.75
C ASP F 216 -6.23 -9.29 23.66
N ASN F 217 -5.19 -8.46 23.45
CA ASN F 217 -3.80 -8.85 23.20
C ASN F 217 -2.87 -8.56 24.39
N SER F 218 -3.46 -8.38 25.58
CA SER F 218 -2.75 -8.22 26.83
C SER F 218 -1.85 -6.99 26.82
N ASP F 219 -2.18 -6.00 25.97
CA ASP F 219 -1.48 -4.73 26.00
C ASP F 219 -2.28 -3.74 26.83
N LEU F 220 -1.84 -3.52 28.08
CA LEU F 220 -2.54 -2.68 29.04
C LEU F 220 -1.78 -1.37 29.23
N SER F 221 -0.94 -0.98 28.25
CA SER F 221 -0.02 0.11 28.45
C SER F 221 -0.62 1.45 28.04
N ALA F 222 -1.79 1.44 27.40
CA ALA F 222 -2.29 2.65 26.75
C ALA F 222 -3.13 3.47 27.74
N ASP G 12 14.96 -33.86 3.48
CA ASP G 12 14.64 -32.59 4.20
C ASP G 12 13.20 -32.65 4.72
N LYS G 13 12.64 -31.48 5.05
CA LYS G 13 11.40 -31.30 5.81
C LYS G 13 10.15 -31.56 4.96
N ILE G 14 10.28 -31.54 3.62
CA ILE G 14 9.11 -31.50 2.75
C ILE G 14 8.62 -32.91 2.45
N ILE G 15 7.29 -33.11 2.56
CA ILE G 15 6.71 -34.39 2.17
C ILE G 15 6.51 -34.38 0.65
N HIS G 16 6.98 -35.43 -0.01
CA HIS G 16 6.72 -35.68 -1.41
C HIS G 16 5.61 -36.72 -1.51
N LEU G 17 4.38 -36.24 -1.78
CA LEU G 17 3.17 -37.04 -1.69
C LEU G 17 3.05 -37.93 -2.94
N THR G 18 2.20 -38.97 -2.86
CA THR G 18 1.72 -39.71 -4.01
C THR G 18 0.19 -39.79 -3.96
N ASP G 19 -0.42 -40.29 -5.05
CA ASP G 19 -1.86 -40.50 -5.04
C ASP G 19 -2.26 -41.43 -3.88
N ASP G 20 -1.48 -42.48 -3.64
CA ASP G 20 -1.89 -43.50 -2.69
C ASP G 20 -1.62 -43.03 -1.27
N SER G 21 -0.65 -42.13 -1.11
CA SER G 21 -0.29 -41.68 0.22
C SER G 21 -1.05 -40.42 0.61
N PHE G 22 -1.75 -39.79 -0.36
CA PHE G 22 -2.29 -38.45 -0.13
C PHE G 22 -3.23 -38.41 1.10
N ASP G 23 -4.16 -39.37 1.19
CA ASP G 23 -5.20 -39.34 2.21
C ASP G 23 -4.58 -39.43 3.61
N THR G 24 -3.66 -40.38 3.81
CA THR G 24 -2.95 -40.58 5.06
C THR G 24 -2.13 -39.35 5.44
N ASP G 25 -1.33 -38.87 4.48
CA ASP G 25 -0.41 -37.75 4.69
C ASP G 25 -1.11 -36.39 4.79
N VAL G 26 -2.25 -36.23 4.11
CA VAL G 26 -2.87 -34.91 4.08
C VAL G 26 -4.11 -34.85 4.96
N LEU G 27 -5.10 -35.72 4.70
CA LEU G 27 -6.44 -35.53 5.24
C LEU G 27 -6.50 -35.97 6.70
N LYS G 28 -5.57 -36.84 7.11
CA LYS G 28 -5.55 -37.41 8.46
C LYS G 28 -4.38 -36.86 9.26
N ALA G 29 -3.72 -35.82 8.76
CA ALA G 29 -2.58 -35.27 9.48
C ALA G 29 -3.06 -34.42 10.65
N ASP G 30 -2.20 -34.28 11.66
CA ASP G 30 -2.40 -33.33 12.75
C ASP G 30 -1.85 -31.98 12.31
N GLY G 31 -2.68 -30.94 12.48
CA GLY G 31 -2.26 -29.58 12.19
C GLY G 31 -2.33 -29.27 10.69
N ALA G 32 -1.73 -28.13 10.31
CA ALA G 32 -1.87 -27.56 8.99
C ALA G 32 -0.91 -28.24 8.02
N ILE G 33 -1.41 -28.50 6.80
CA ILE G 33 -0.58 -29.00 5.71
C ILE G 33 -0.75 -28.07 4.51
N LEU G 34 0.37 -27.60 3.94
CA LEU G 34 0.38 -26.85 2.69
C LEU G 34 0.77 -27.78 1.54
N VAL G 35 -0.19 -28.00 0.63
CA VAL G 35 0.01 -28.90 -0.50
C VAL G 35 0.20 -28.05 -1.76
N ASP G 36 1.24 -28.39 -2.52
CA ASP G 36 1.58 -27.65 -3.72
C ASP G 36 1.49 -28.64 -4.86
N PHE G 37 0.59 -28.33 -5.81
CA PHE G 37 0.49 -29.15 -6.99
C PHE G 37 1.43 -28.55 -8.05
N TRP G 38 2.33 -29.37 -8.62
CA TRP G 38 3.37 -28.82 -9.48
C TRP G 38 3.77 -29.82 -10.56
N ALA G 39 4.67 -29.38 -11.42
CA ALA G 39 5.26 -30.21 -12.45
C ALA G 39 6.58 -29.57 -12.84
N GLU G 40 7.50 -30.34 -13.44
CA GLU G 40 8.90 -30.00 -13.66
C GLU G 40 9.05 -28.93 -14.74
N TRP G 41 8.13 -28.98 -15.71
CA TRP G 41 8.15 -28.10 -16.86
C TRP G 41 7.50 -26.76 -16.51
N CYS G 42 7.01 -26.61 -15.27
CA CYS G 42 6.24 -25.45 -14.87
C CYS G 42 7.18 -24.38 -14.31
N GLY G 43 7.31 -23.27 -15.05
CA GLY G 43 8.24 -22.20 -14.67
C GLY G 43 7.88 -21.61 -13.31
N PRO G 44 6.64 -21.10 -13.13
CA PRO G 44 6.20 -20.61 -11.82
C PRO G 44 6.31 -21.59 -10.65
N CYS G 45 6.15 -22.90 -10.89
CA CYS G 45 6.35 -23.91 -9.84
C CYS G 45 7.81 -23.91 -9.37
N LYS G 46 8.76 -23.85 -10.33
CA LYS G 46 10.17 -23.73 -10.04
C LYS G 46 10.44 -22.42 -9.30
N MET G 47 9.82 -21.32 -9.77
CA MET G 47 9.96 -20.03 -9.09
C MET G 47 9.76 -20.17 -7.59
N ILE G 48 8.64 -20.80 -7.15
CA ILE G 48 8.28 -20.91 -5.74
C ILE G 48 9.02 -22.03 -5.00
N ALA G 49 9.69 -22.96 -5.70
CA ALA G 49 10.35 -24.07 -5.02
C ALA G 49 11.24 -23.59 -3.87
N PRO G 50 12.14 -22.61 -4.09
CA PRO G 50 13.00 -22.09 -3.02
C PRO G 50 12.17 -21.53 -1.85
N ILE G 51 11.06 -20.87 -2.17
CA ILE G 51 10.27 -20.22 -1.13
C ILE G 51 9.62 -21.28 -0.24
N LEU G 52 9.15 -22.38 -0.84
CA LEU G 52 8.55 -23.44 -0.05
C LEU G 52 9.61 -24.04 0.88
N ASP G 53 10.82 -24.21 0.35
CA ASP G 53 11.97 -24.75 1.07
C ASP G 53 12.15 -24.01 2.38
N GLU G 54 12.15 -22.67 2.30
CA GLU G 54 12.33 -21.79 3.43
C GLU G 54 11.13 -21.85 4.37
N ILE G 55 9.93 -21.91 3.79
CA ILE G 55 8.72 -21.85 4.58
C ILE G 55 8.61 -23.11 5.45
N ALA G 56 8.98 -24.27 4.88
CA ALA G 56 8.94 -25.53 5.61
C ALA G 56 9.93 -25.50 6.78
N ASP G 57 10.92 -24.61 6.70
CA ASP G 57 11.89 -24.43 7.77
C ASP G 57 11.28 -23.54 8.83
N GLU G 58 10.80 -22.38 8.40
CA GLU G 58 10.43 -21.31 9.32
C GLU G 58 9.12 -21.61 10.01
N TYR G 59 8.32 -22.54 9.46
CA TYR G 59 7.03 -22.85 10.05
C TYR G 59 7.03 -24.26 10.65
N GLN G 60 8.23 -24.84 10.83
CA GLN G 60 8.34 -26.17 11.43
C GLN G 60 7.66 -26.15 12.80
N GLY G 61 6.81 -27.16 13.04
CA GLY G 61 6.05 -27.24 14.27
C GLY G 61 4.62 -26.69 14.14
N LYS G 62 4.36 -25.89 13.11
CA LYS G 62 3.03 -25.34 12.91
C LYS G 62 2.46 -25.67 11.52
N LEU G 63 3.32 -26.11 10.59
CA LEU G 63 2.88 -26.44 9.24
C LEU G 63 3.83 -27.45 8.60
N THR G 64 3.27 -28.50 7.99
CA THR G 64 4.03 -29.36 7.09
C THR G 64 3.83 -28.85 5.66
N VAL G 65 4.93 -28.86 4.89
CA VAL G 65 4.88 -28.53 3.48
C VAL G 65 4.98 -29.83 2.68
N ALA G 66 4.07 -29.95 1.72
CA ALA G 66 3.87 -31.17 0.95
C ALA G 66 3.73 -30.85 -0.53
N LYS G 67 4.33 -31.69 -1.38
CA LYS G 67 4.31 -31.47 -2.82
C LYS G 67 3.74 -32.70 -3.51
N LEU G 68 2.84 -32.47 -4.48
CA LEU G 68 2.38 -33.54 -5.35
C LEU G 68 2.67 -33.14 -6.79
N ASN G 69 3.47 -33.97 -7.46
CA ASN G 69 3.75 -33.79 -8.87
C ASN G 69 2.58 -34.37 -9.66
N ILE G 70 1.87 -33.53 -10.41
CA ILE G 70 0.63 -33.95 -11.06
C ILE G 70 0.89 -34.89 -12.25
N ASP G 71 2.12 -34.89 -12.79
CA ASP G 71 2.47 -35.78 -13.88
C ASP G 71 2.64 -37.22 -13.37
N GLN G 72 3.49 -37.39 -12.34
CA GLN G 72 3.70 -38.68 -11.70
C GLN G 72 2.44 -39.19 -11.03
N ASN G 73 1.66 -38.27 -10.42
CA ASN G 73 0.49 -38.64 -9.64
C ASN G 73 -0.73 -37.89 -10.17
N PRO G 74 -1.30 -38.35 -11.30
CA PRO G 74 -2.37 -37.61 -11.98
C PRO G 74 -3.74 -37.81 -11.34
N GLY G 75 -3.77 -38.66 -10.30
CA GLY G 75 -4.98 -39.10 -9.66
C GLY G 75 -5.66 -38.02 -8.82
N THR G 76 -4.88 -37.30 -8.00
CA THR G 76 -5.39 -36.52 -6.89
C THR G 76 -5.98 -35.19 -7.36
N ALA G 77 -5.26 -34.47 -8.23
CA ALA G 77 -5.51 -33.06 -8.51
C ALA G 77 -6.93 -32.83 -8.98
N PRO G 78 -7.48 -33.68 -9.88
CA PRO G 78 -8.84 -33.49 -10.35
C PRO G 78 -9.88 -33.61 -9.23
N LYS G 79 -9.56 -34.39 -8.19
CA LYS G 79 -10.49 -34.47 -7.06
C LYS G 79 -10.58 -33.15 -6.29
N TYR G 80 -9.65 -32.20 -6.56
CA TYR G 80 -9.70 -30.93 -5.83
C TYR G 80 -9.93 -29.78 -6.81
N GLY G 81 -10.32 -30.08 -8.04
CA GLY G 81 -10.59 -29.05 -9.03
C GLY G 81 -9.36 -28.17 -9.30
N ILE G 82 -8.20 -28.80 -9.24
CA ILE G 82 -6.94 -28.13 -9.55
C ILE G 82 -6.95 -27.87 -11.05
N ARG G 83 -6.56 -26.65 -11.46
CA ARG G 83 -6.56 -26.26 -12.86
C ARG G 83 -5.13 -25.87 -13.29
N GLY G 84 -4.73 -24.61 -13.02
CA GLY G 84 -3.39 -24.12 -13.28
C GLY G 84 -2.42 -24.59 -12.19
N ILE G 85 -1.13 -24.55 -12.50
CA ILE G 85 -0.10 -24.87 -11.51
C ILE G 85 0.93 -23.75 -11.55
N PRO G 86 1.58 -23.39 -10.41
CA PRO G 86 1.34 -24.10 -9.15
C PRO G 86 -0.03 -23.72 -8.56
N THR G 87 -0.60 -24.63 -7.75
CA THR G 87 -1.72 -24.31 -6.86
C THR G 87 -1.37 -24.77 -5.45
N LEU G 88 -1.61 -23.91 -4.45
CA LEU G 88 -1.40 -24.31 -3.08
C LEU G 88 -2.75 -24.54 -2.40
N LEU G 89 -2.88 -25.65 -1.66
CA LEU G 89 -4.03 -25.89 -0.81
C LEU G 89 -3.56 -26.01 0.63
N LEU G 90 -4.24 -25.26 1.50
CA LEU G 90 -3.94 -25.31 2.92
C LEU G 90 -5.06 -26.11 3.59
N PHE G 91 -4.68 -27.27 4.13
CA PHE G 91 -5.58 -28.11 4.89
C PHE G 91 -5.32 -27.93 6.38
N LYS G 92 -6.40 -27.96 7.17
CA LYS G 92 -6.32 -28.06 8.63
C LYS G 92 -7.26 -29.16 9.11
N ASN G 93 -6.68 -30.19 9.74
CA ASN G 93 -7.41 -31.37 10.15
C ASN G 93 -8.38 -31.80 9.06
N GLY G 94 -7.83 -32.08 7.87
CA GLY G 94 -8.57 -32.72 6.80
C GLY G 94 -9.55 -31.79 6.08
N GLU G 95 -9.62 -30.52 6.49
CA GLU G 95 -10.47 -29.58 5.80
C GLU G 95 -9.61 -28.65 4.96
N VAL G 96 -9.97 -28.47 3.69
CA VAL G 96 -9.39 -27.42 2.86
C VAL G 96 -9.77 -26.09 3.49
N ALA G 97 -8.83 -25.41 4.14
CA ALA G 97 -9.08 -24.11 4.75
C ALA G 97 -8.94 -22.95 3.73
N ALA G 98 -7.98 -23.02 2.80
CA ALA G 98 -7.70 -21.90 1.90
C ALA G 98 -6.85 -22.33 0.71
N THR G 99 -6.88 -21.55 -0.36
CA THR G 99 -6.21 -21.95 -1.57
C THR G 99 -5.51 -20.73 -2.17
N LYS G 100 -4.51 -20.97 -3.01
CA LYS G 100 -3.84 -19.88 -3.69
C LYS G 100 -3.28 -20.43 -4.99
N VAL G 101 -3.65 -19.78 -6.09
CA VAL G 101 -3.29 -20.22 -7.42
C VAL G 101 -2.16 -19.32 -7.93
N GLY G 102 -1.10 -19.90 -8.50
CA GLY G 102 -0.12 -19.06 -9.19
C GLY G 102 1.06 -18.71 -8.28
N ALA G 103 2.14 -18.20 -8.88
CA ALA G 103 3.33 -17.88 -8.11
C ALA G 103 3.05 -16.66 -7.25
N LEU G 104 3.85 -16.49 -6.19
CA LEU G 104 3.70 -15.39 -5.27
C LEU G 104 5.02 -15.25 -4.51
N SER G 105 5.24 -14.10 -3.86
CA SER G 105 6.53 -13.83 -3.24
C SER G 105 6.61 -14.54 -1.89
N LYS G 106 7.80 -14.54 -1.29
CA LYS G 106 7.91 -15.02 0.08
C LYS G 106 6.96 -14.21 0.96
N GLY G 107 6.95 -12.89 0.75
CA GLY G 107 6.04 -11.97 1.40
C GLY G 107 4.57 -12.39 1.39
N GLN G 108 4.02 -12.62 0.19
CA GLN G 108 2.60 -12.94 0.06
C GLN G 108 2.28 -14.28 0.70
N LEU G 109 3.20 -15.24 0.53
CA LEU G 109 2.97 -16.55 1.10
C LEU G 109 2.90 -16.45 2.64
N LYS G 110 3.70 -15.55 3.22
CA LYS G 110 3.73 -15.35 4.67
C LYS G 110 2.42 -14.71 5.14
N GLU G 111 1.95 -13.70 4.40
CA GLU G 111 0.68 -13.05 4.63
C GLU G 111 -0.45 -14.09 4.59
N PHE G 112 -0.39 -14.96 3.59
CA PHE G 112 -1.40 -15.98 3.36
C PHE G 112 -1.42 -16.98 4.52
N LEU G 113 -0.25 -17.50 4.91
CA LEU G 113 -0.18 -18.46 6.00
C LEU G 113 -0.58 -17.79 7.32
N ASP G 114 -0.14 -16.54 7.53
CA ASP G 114 -0.40 -15.84 8.79
C ASP G 114 -1.89 -15.62 8.99
N ALA G 115 -2.61 -15.29 7.92
CA ALA G 115 -4.05 -15.07 8.00
C ALA G 115 -4.79 -16.35 8.42
N ASN G 116 -4.16 -17.51 8.24
CA ASN G 116 -4.89 -18.75 8.36
C ASN G 116 -4.47 -19.57 9.57
N LEU G 117 -3.37 -19.20 10.24
CA LEU G 117 -2.77 -20.09 11.23
C LEU G 117 -2.57 -19.40 12.58
N ALA G 118 -3.06 -18.16 12.73
CA ALA G 118 -2.68 -17.30 13.85
C ALA G 118 -3.20 -17.83 15.18
N GLY G 119 -4.43 -18.36 15.18
CA GLY G 119 -5.01 -18.97 16.37
C GLY G 119 -4.25 -20.20 16.85
N SER G 120 -3.44 -20.80 15.96
CA SER G 120 -2.72 -22.03 16.25
C SER G 120 -1.49 -21.76 17.11
N ALA G 121 -1.00 -20.51 17.07
CA ALA G 121 0.14 -20.03 17.83
C ALA G 121 -0.16 -19.89 19.33
N MET G 122 -1.38 -20.18 19.76
CA MET G 122 -1.69 -19.97 21.18
C MET G 122 -2.74 -20.96 21.67
N GLU G 123 -2.75 -21.19 23.00
CA GLU G 123 -3.85 -21.87 23.66
C GLU G 123 -4.93 -20.85 24.02
N SER G 124 -6.16 -21.10 23.52
CA SER G 124 -7.35 -20.26 23.65
C SER G 124 -7.93 -20.28 25.06
N THR G 125 -8.60 -19.18 25.43
CA THR G 125 -9.35 -19.13 26.66
C THR G 125 -10.76 -19.65 26.41
N VAL G 126 -11.10 -19.84 25.12
CA VAL G 126 -12.46 -20.20 24.70
C VAL G 126 -12.56 -21.71 24.43
N MET G 127 -13.50 -22.36 25.16
CA MET G 127 -14.00 -23.70 24.93
C MET G 127 -15.34 -23.67 24.17
N VAL G 128 -15.48 -24.51 23.14
CA VAL G 128 -16.78 -24.76 22.52
C VAL G 128 -17.28 -26.11 23.01
N LEU G 129 -18.57 -26.22 23.36
CA LEU G 129 -19.15 -27.52 23.69
C LEU G 129 -20.06 -27.92 22.53
N ARG G 130 -19.79 -29.10 22.00
CA ARG G 130 -20.43 -29.58 20.79
C ARG G 130 -21.29 -30.80 21.16
N ASN G 131 -22.37 -31.01 20.40
CA ASN G 131 -23.27 -32.13 20.63
C ASN G 131 -23.63 -32.20 22.11
N MET G 132 -23.94 -31.04 22.71
CA MET G 132 -24.24 -31.01 24.13
C MET G 132 -25.75 -30.95 24.39
N VAL G 133 -26.48 -30.14 23.61
CA VAL G 133 -27.92 -30.01 23.77
C VAL G 133 -28.61 -29.89 22.42
N ASP G 134 -29.90 -30.26 22.41
CA ASP G 134 -30.76 -30.09 21.26
C ASP G 134 -31.32 -28.66 21.24
N PRO G 135 -31.54 -28.04 20.07
CA PRO G 135 -32.19 -26.73 19.98
C PRO G 135 -33.53 -26.65 20.71
N LYS G 136 -34.18 -27.81 20.90
CA LYS G 136 -35.44 -27.91 21.61
C LYS G 136 -35.24 -27.64 23.10
N ASP G 137 -34.04 -27.95 23.62
CA ASP G 137 -33.79 -27.95 25.06
C ASP G 137 -33.48 -26.55 25.57
N ILE G 138 -33.33 -25.60 24.63
CA ILE G 138 -32.91 -24.25 24.95
C ILE G 138 -34.06 -23.52 25.65
N ASP G 139 -33.87 -23.29 26.95
CA ASP G 139 -34.71 -22.40 27.74
C ASP G 139 -33.87 -21.30 28.39
N ASP G 140 -34.54 -20.42 29.13
CA ASP G 140 -33.95 -19.18 29.63
C ASP G 140 -33.00 -19.45 30.80
N ASP G 141 -32.87 -20.71 31.20
CA ASP G 141 -32.05 -21.08 32.33
C ASP G 141 -30.68 -21.56 31.87
N LEU G 142 -30.57 -22.04 30.62
CA LEU G 142 -29.40 -22.78 30.17
C LEU G 142 -28.11 -21.95 30.34
N GLU G 143 -28.14 -20.68 29.89
CA GLU G 143 -26.93 -19.86 30.00
C GLU G 143 -26.41 -19.81 31.45
N GLY G 144 -27.29 -19.47 32.40
CA GLY G 144 -26.94 -19.48 33.82
C GLY G 144 -26.44 -20.84 34.29
N GLU G 145 -27.01 -21.93 33.75
CA GLU G 145 -26.65 -23.26 34.23
C GLU G 145 -25.26 -23.64 33.74
N VAL G 146 -24.96 -23.30 32.48
CA VAL G 146 -23.61 -23.47 31.94
C VAL G 146 -22.61 -22.67 32.78
N THR G 147 -22.95 -21.40 33.05
CA THR G 147 -22.09 -20.48 33.79
C THR G 147 -21.72 -21.08 35.14
N GLU G 148 -22.73 -21.54 35.90
CA GLU G 148 -22.54 -22.16 37.21
C GLU G 148 -21.74 -23.46 37.13
N GLU G 149 -22.07 -24.37 36.22
CA GLU G 149 -21.31 -25.61 36.13
C GLU G 149 -19.84 -25.31 35.79
N CYS G 150 -19.61 -24.45 34.78
CA CYS G 150 -18.24 -24.15 34.36
C CYS G 150 -17.47 -23.28 35.34
N GLY G 151 -18.16 -22.64 36.29
CA GLY G 151 -17.51 -21.87 37.34
C GLY G 151 -16.63 -22.73 38.27
N LYS G 152 -16.79 -24.05 38.18
CA LYS G 152 -15.97 -25.02 38.90
C LYS G 152 -14.56 -25.06 38.35
N PHE G 153 -14.36 -24.64 37.11
CA PHE G 153 -13.04 -24.74 36.50
C PHE G 153 -12.27 -23.41 36.54
N GLY G 154 -12.96 -22.32 36.88
CA GLY G 154 -12.39 -20.99 36.87
C GLY G 154 -13.43 -19.89 36.63
N ALA G 155 -12.95 -18.64 36.50
CA ALA G 155 -13.77 -17.47 36.23
C ALA G 155 -14.33 -17.56 34.81
N VAL G 156 -15.65 -17.52 34.70
CA VAL G 156 -16.33 -17.50 33.40
C VAL G 156 -16.60 -16.05 33.01
N ASN G 157 -16.08 -15.63 31.85
CA ASN G 157 -16.22 -14.29 31.33
C ASN G 157 -17.61 -14.14 30.68
N ARG G 158 -18.00 -15.16 29.90
CA ARG G 158 -19.17 -15.08 29.02
C ARG G 158 -19.52 -16.49 28.54
N VAL G 159 -20.82 -16.73 28.36
CA VAL G 159 -21.32 -17.95 27.74
C VAL G 159 -22.26 -17.56 26.61
N ILE G 160 -22.10 -18.16 25.44
CA ILE G 160 -23.00 -17.97 24.31
C ILE G 160 -23.60 -19.30 23.89
N ILE G 161 -24.95 -19.34 23.90
CA ILE G 161 -25.71 -20.49 23.45
C ILE G 161 -26.11 -20.21 22.00
N TYR G 162 -25.34 -20.75 21.05
CA TYR G 162 -25.39 -20.33 19.67
C TYR G 162 -26.04 -21.42 18.81
N GLN G 163 -27.04 -21.01 18.02
CA GLN G 163 -27.74 -21.89 17.11
C GLN G 163 -27.28 -21.62 15.67
N GLU G 164 -27.00 -22.71 14.94
CA GLU G 164 -26.41 -22.60 13.62
C GLU G 164 -27.18 -23.48 12.65
N LYS G 165 -27.61 -22.89 11.53
CA LYS G 165 -28.33 -23.62 10.50
C LYS G 165 -27.34 -24.18 9.49
N GLN G 166 -27.52 -25.46 9.13
CA GLN G 166 -26.58 -26.25 8.34
C GLN G 166 -27.01 -26.35 6.87
N GLY G 167 -26.94 -25.24 6.13
CA GLY G 167 -27.33 -25.21 4.72
C GLY G 167 -28.43 -24.17 4.45
N GLU G 168 -28.53 -23.76 3.18
CA GLU G 168 -29.48 -22.74 2.74
C GLU G 168 -30.87 -23.34 2.53
N GLU G 169 -30.98 -24.70 2.48
CA GLU G 169 -32.25 -25.34 2.24
C GLU G 169 -33.15 -25.19 3.47
N GLU G 170 -34.44 -25.03 3.22
CA GLU G 170 -35.34 -24.54 4.24
C GLU G 170 -35.47 -25.55 5.39
N ASP G 171 -35.28 -26.83 5.12
CA ASP G 171 -35.49 -27.81 6.18
C ASP G 171 -34.14 -28.32 6.70
N ALA G 172 -33.08 -27.52 6.51
CA ALA G 172 -31.75 -27.84 7.01
C ALA G 172 -31.75 -27.99 8.53
N GLU G 173 -30.81 -28.79 9.04
CA GLU G 173 -30.72 -29.03 10.48
C GLU G 173 -30.12 -27.79 11.16
N ILE G 174 -30.53 -27.58 12.42
CA ILE G 174 -29.98 -26.54 13.29
C ILE G 174 -29.30 -27.24 14.46
N ILE G 175 -28.01 -26.90 14.72
CA ILE G 175 -27.27 -27.43 15.86
C ILE G 175 -26.94 -26.33 16.87
N VAL G 176 -26.62 -26.76 18.09
CA VAL G 176 -26.29 -25.81 19.14
C VAL G 176 -24.80 -25.94 19.45
N LYS G 177 -24.09 -24.81 19.49
CA LYS G 177 -22.76 -24.78 20.08
C LYS G 177 -22.82 -23.91 21.31
N ILE G 178 -22.23 -24.39 22.40
CA ILE G 178 -22.15 -23.59 23.61
C ILE G 178 -20.70 -23.12 23.77
N PHE G 179 -20.50 -21.80 23.66
CA PHE G 179 -19.21 -21.16 23.91
C PHE G 179 -19.04 -20.75 25.36
N VAL G 180 -17.92 -21.18 25.96
CA VAL G 180 -17.55 -20.69 27.28
C VAL G 180 -16.17 -20.03 27.17
N GLU G 181 -16.12 -18.72 27.44
CA GLU G 181 -14.86 -17.98 27.55
C GLU G 181 -14.45 -17.87 29.03
N PHE G 182 -13.29 -18.44 29.38
CA PHE G 182 -12.76 -18.29 30.73
C PHE G 182 -11.81 -17.11 30.75
N SER G 183 -11.38 -16.70 31.97
CA SER G 183 -10.50 -15.54 32.11
C SER G 183 -9.09 -15.80 31.57
N ILE G 184 -8.59 -17.04 31.72
CA ILE G 184 -7.23 -17.36 31.29
C ILE G 184 -7.18 -18.83 30.89
N ALA G 185 -6.29 -19.17 29.93
CA ALA G 185 -6.30 -20.42 29.18
C ALA G 185 -6.13 -21.68 30.05
N SER G 186 -5.56 -21.54 31.25
CA SER G 186 -5.38 -22.66 32.19
C SER G 186 -6.72 -23.14 32.73
N GLU G 187 -7.66 -22.20 32.91
CA GLU G 187 -9.03 -22.54 33.29
C GLU G 187 -9.74 -23.31 32.17
N THR G 188 -9.59 -22.82 30.94
CA THR G 188 -10.13 -23.45 29.75
C THR G 188 -9.63 -24.89 29.63
N HIS G 189 -8.33 -25.10 29.86
CA HIS G 189 -7.73 -26.42 29.75
C HIS G 189 -8.30 -27.39 30.77
N LYS G 190 -8.54 -26.92 31.99
CA LYS G 190 -9.09 -27.74 33.05
C LYS G 190 -10.52 -28.16 32.69
N ALA G 191 -11.29 -27.23 32.12
CA ALA G 191 -12.67 -27.54 31.76
C ALA G 191 -12.71 -28.62 30.69
N ILE G 192 -11.86 -28.44 29.67
CA ILE G 192 -11.83 -29.28 28.49
C ILE G 192 -11.42 -30.68 28.90
N GLN G 193 -10.45 -30.76 29.82
CA GLN G 193 -9.90 -31.98 30.39
C GLN G 193 -11.00 -32.77 31.10
N ALA G 194 -11.83 -32.04 31.85
CA ALA G 194 -12.82 -32.64 32.73
C ALA G 194 -14.09 -32.99 31.95
N LEU G 195 -14.33 -32.34 30.81
CA LEU G 195 -15.62 -32.44 30.15
C LEU G 195 -15.52 -33.23 28.85
N ASN G 196 -14.34 -33.25 28.21
CA ASN G 196 -14.25 -33.78 26.87
C ASN G 196 -14.56 -35.28 26.88
N GLY G 197 -15.36 -35.72 25.90
CA GLY G 197 -15.66 -37.13 25.74
C GLY G 197 -16.63 -37.69 26.78
N ARG G 198 -17.18 -36.82 27.65
CA ARG G 198 -18.07 -37.27 28.72
C ARG G 198 -19.52 -37.36 28.22
N TRP G 199 -20.35 -38.02 29.05
CA TRP G 199 -21.76 -38.26 28.74
C TRP G 199 -22.64 -37.35 29.59
N PHE G 200 -23.47 -36.55 28.92
CA PHE G 200 -24.39 -35.65 29.61
C PHE G 200 -25.77 -35.81 28.99
N ALA G 201 -26.74 -36.24 29.82
CA ALA G 201 -28.07 -36.59 29.36
C ALA G 201 -27.96 -37.40 28.07
N GLY G 202 -27.03 -38.35 28.05
CA GLY G 202 -27.00 -39.35 26.98
C GLY G 202 -26.25 -38.94 25.72
N ARG G 203 -25.58 -37.78 25.73
CA ARG G 203 -24.78 -37.45 24.56
C ARG G 203 -23.30 -37.44 24.91
N LYS G 204 -22.48 -37.88 23.94
CA LYS G 204 -21.03 -37.78 24.03
C LYS G 204 -20.65 -36.35 23.66
N VAL G 205 -20.14 -35.61 24.65
CA VAL G 205 -19.86 -34.18 24.46
C VAL G 205 -18.48 -34.02 23.84
N VAL G 206 -18.38 -33.13 22.86
CA VAL G 206 -17.09 -32.64 22.42
C VAL G 206 -16.82 -31.29 23.09
N ALA G 207 -15.73 -31.26 23.86
CA ALA G 207 -15.30 -30.03 24.52
C ALA G 207 -13.90 -29.71 24.05
N GLU G 208 -13.73 -28.60 23.34
CA GLU G 208 -12.43 -28.31 22.77
C GLU G 208 -12.18 -26.79 22.67
N VAL G 209 -10.90 -26.41 22.52
CA VAL G 209 -10.52 -25.02 22.36
C VAL G 209 -11.14 -24.48 21.08
N TYR G 210 -11.58 -23.22 21.12
CA TYR G 210 -12.10 -22.55 19.94
C TYR G 210 -11.20 -21.35 19.64
N ASP G 211 -10.91 -21.11 18.36
CA ASP G 211 -10.00 -20.08 17.91
C ASP G 211 -10.30 -18.75 18.60
N GLN G 212 -9.33 -18.23 19.38
CA GLN G 212 -9.64 -17.07 20.23
C GLN G 212 -9.89 -15.83 19.37
N GLU G 213 -9.14 -15.71 18.28
CA GLU G 213 -9.26 -14.60 17.35
C GLU G 213 -10.65 -14.55 16.69
N ARG G 214 -11.15 -15.70 16.23
CA ARG G 214 -12.48 -15.78 15.65
C ARG G 214 -13.51 -15.34 16.69
N PHE G 215 -13.38 -15.85 17.92
CA PHE G 215 -14.39 -15.61 18.93
C PHE G 215 -14.42 -14.12 19.29
N ASP G 216 -13.21 -13.56 19.38
CA ASP G 216 -13.06 -12.18 19.80
C ASP G 216 -13.61 -11.28 18.71
N ASN G 217 -13.78 -11.86 17.50
CA ASN G 217 -14.28 -11.13 16.34
C ASN G 217 -15.69 -11.56 15.95
N SER G 218 -16.42 -12.19 16.87
CA SER G 218 -17.82 -12.58 16.72
C SER G 218 -18.00 -13.60 15.58
N ASP G 219 -17.02 -14.48 15.39
CA ASP G 219 -17.16 -15.51 14.37
C ASP G 219 -17.30 -16.85 15.06
N LEU G 220 -18.54 -17.34 15.07
CA LEU G 220 -18.89 -18.50 15.85
C LEU G 220 -19.16 -19.69 14.92
N SER G 221 -18.62 -19.59 13.70
CA SER G 221 -18.99 -20.47 12.59
C SER G 221 -18.10 -21.71 12.48
N ALA G 222 -17.07 -21.82 13.32
CA ALA G 222 -16.08 -22.87 13.14
C ALA G 222 -16.29 -23.99 14.18
N ASP H 12 -35.89 5.87 2.98
CA ASP H 12 -34.79 5.16 2.25
C ASP H 12 -35.11 3.66 2.22
N LYS H 13 -34.10 2.83 1.91
CA LYS H 13 -34.29 1.45 1.51
C LYS H 13 -33.80 0.48 2.59
N ILE H 14 -33.10 1.00 3.61
CA ILE H 14 -32.62 0.20 4.74
C ILE H 14 -33.79 -0.12 5.67
N ILE H 15 -33.79 -1.35 6.19
CA ILE H 15 -34.85 -1.89 7.03
C ILE H 15 -34.40 -1.78 8.49
N HIS H 16 -35.35 -1.48 9.40
CA HIS H 16 -35.09 -1.38 10.83
C HIS H 16 -35.73 -2.58 11.52
N LEU H 17 -34.93 -3.30 12.32
CA LEU H 17 -35.35 -4.54 12.93
C LEU H 17 -35.72 -4.27 14.39
N THR H 18 -36.33 -5.27 15.03
CA THR H 18 -36.57 -5.27 16.46
C THR H 18 -36.16 -6.66 16.96
N ASP H 19 -35.89 -6.81 18.29
CA ASP H 19 -35.74 -8.15 18.88
C ASP H 19 -36.90 -9.08 18.48
N ASP H 20 -38.13 -8.57 18.50
CA ASP H 20 -39.32 -9.36 18.21
C ASP H 20 -39.42 -9.73 16.72
N SER H 21 -39.06 -8.80 15.83
CA SER H 21 -39.21 -9.01 14.41
C SER H 21 -38.05 -9.80 13.82
N PHE H 22 -37.00 -10.08 14.63
CA PHE H 22 -35.72 -10.52 14.06
C PHE H 22 -35.83 -11.89 13.40
N ASP H 23 -36.53 -12.82 14.07
CA ASP H 23 -36.75 -14.18 13.59
C ASP H 23 -37.41 -14.15 12.20
N THR H 24 -38.49 -13.37 12.08
CA THR H 24 -39.26 -13.29 10.84
C THR H 24 -38.50 -12.51 9.75
N ASP H 25 -37.88 -11.37 10.10
CA ASP H 25 -37.33 -10.52 9.05
C ASP H 25 -35.96 -11.04 8.62
N VAL H 26 -35.24 -11.72 9.52
CA VAL H 26 -33.89 -12.13 9.17
C VAL H 26 -33.79 -13.64 9.00
N LEU H 27 -34.18 -14.40 10.04
CA LEU H 27 -33.83 -15.82 10.05
C LEU H 27 -34.66 -16.59 9.03
N LYS H 28 -35.98 -16.36 9.02
CA LYS H 28 -36.89 -17.14 8.20
C LYS H 28 -37.02 -16.51 6.81
N ALA H 29 -36.28 -15.43 6.55
CA ALA H 29 -36.42 -14.67 5.33
C ALA H 29 -35.72 -15.37 4.17
N ASP H 30 -36.20 -15.07 2.97
CA ASP H 30 -35.66 -15.48 1.69
C ASP H 30 -34.57 -14.49 1.30
N GLY H 31 -33.42 -15.01 0.87
CA GLY H 31 -32.39 -14.16 0.29
C GLY H 31 -31.33 -13.72 1.31
N ALA H 32 -30.48 -12.79 0.85
CA ALA H 32 -29.40 -12.25 1.65
C ALA H 32 -29.91 -11.05 2.45
N ILE H 33 -29.64 -11.06 3.76
CA ILE H 33 -29.84 -9.93 4.65
C ILE H 33 -28.50 -9.61 5.33
N LEU H 34 -27.98 -8.39 5.14
CA LEU H 34 -26.83 -7.86 5.85
C LEU H 34 -27.32 -7.06 7.06
N VAL H 35 -27.00 -7.52 8.27
CA VAL H 35 -27.51 -6.91 9.49
C VAL H 35 -26.45 -6.03 10.12
N ASP H 36 -26.82 -4.78 10.43
CA ASP H 36 -25.92 -3.83 11.08
C ASP H 36 -26.32 -3.67 12.55
N PHE H 37 -25.48 -4.17 13.47
CA PHE H 37 -25.66 -3.89 14.89
C PHE H 37 -24.98 -2.57 15.25
N TRP H 38 -25.78 -1.62 15.76
CA TRP H 38 -25.38 -0.22 15.88
C TRP H 38 -25.97 0.44 17.11
N ALA H 39 -25.53 1.69 17.35
CA ALA H 39 -26.19 2.60 18.28
C ALA H 39 -25.91 4.02 17.83
N GLU H 40 -26.77 4.93 18.33
CA GLU H 40 -26.76 6.37 18.06
C GLU H 40 -25.42 7.00 18.39
N TRP H 41 -24.87 6.60 19.54
CA TRP H 41 -23.73 7.30 20.10
C TRP H 41 -22.43 6.76 19.50
N CYS H 42 -22.52 5.75 18.64
CA CYS H 42 -21.36 5.05 18.10
C CYS H 42 -20.79 5.81 16.90
N GLY H 43 -19.60 6.39 17.08
CA GLY H 43 -18.87 7.11 16.04
C GLY H 43 -18.71 6.25 14.78
N PRO H 44 -18.05 5.06 14.81
CA PRO H 44 -17.93 4.26 13.59
C PRO H 44 -19.24 3.80 12.96
N CYS H 45 -20.31 3.62 13.76
CA CYS H 45 -21.62 3.25 13.20
C CYS H 45 -22.11 4.37 12.28
N LYS H 46 -21.99 5.61 12.76
CA LYS H 46 -22.33 6.80 11.99
C LYS H 46 -21.49 6.87 10.72
N MET H 47 -20.20 6.56 10.80
CA MET H 47 -19.33 6.71 9.64
C MET H 47 -19.86 5.84 8.51
N ILE H 48 -20.30 4.60 8.84
CA ILE H 48 -20.61 3.63 7.80
C ILE H 48 -22.04 3.81 7.29
N ALA H 49 -22.86 4.61 8.00
CA ALA H 49 -24.27 4.76 7.66
C ALA H 49 -24.49 5.14 6.18
N PRO H 50 -23.87 6.21 5.64
CA PRO H 50 -24.04 6.53 4.20
C PRO H 50 -23.56 5.42 3.25
N ILE H 51 -22.62 4.60 3.70
CA ILE H 51 -22.05 3.55 2.87
C ILE H 51 -23.08 2.43 2.72
N LEU H 52 -23.79 2.16 3.81
CA LEU H 52 -24.87 1.19 3.79
C LEU H 52 -26.04 1.69 2.92
N ASP H 53 -26.27 3.01 2.92
CA ASP H 53 -27.31 3.62 2.08
C ASP H 53 -27.03 3.29 0.61
N GLU H 54 -25.80 3.56 0.16
CA GLU H 54 -25.41 3.31 -1.21
C GLU H 54 -25.48 1.81 -1.51
N ILE H 55 -24.97 0.97 -0.60
CA ILE H 55 -25.05 -0.46 -0.83
C ILE H 55 -26.51 -0.88 -0.99
N ALA H 56 -27.41 -0.35 -0.15
CA ALA H 56 -28.82 -0.75 -0.20
C ALA H 56 -29.41 -0.42 -1.58
N ASP H 57 -28.97 0.70 -2.16
CA ASP H 57 -29.38 1.18 -3.47
C ASP H 57 -28.91 0.24 -4.58
N GLU H 58 -27.59 0.02 -4.62
CA GLU H 58 -26.93 -0.71 -5.68
C GLU H 58 -27.39 -2.16 -5.69
N TYR H 59 -27.65 -2.71 -4.49
CA TYR H 59 -27.88 -4.13 -4.33
C TYR H 59 -29.36 -4.41 -4.15
N GLN H 60 -30.19 -3.39 -4.42
CA GLN H 60 -31.64 -3.52 -4.35
C GLN H 60 -32.07 -4.71 -5.22
N GLY H 61 -32.76 -5.67 -4.60
CA GLY H 61 -33.23 -6.83 -5.30
C GLY H 61 -32.37 -8.07 -5.10
N LYS H 62 -31.14 -7.88 -4.60
CA LYS H 62 -30.26 -9.01 -4.35
C LYS H 62 -29.78 -9.04 -2.90
N LEU H 63 -29.98 -7.92 -2.17
CA LEU H 63 -29.61 -7.83 -0.77
C LEU H 63 -30.52 -6.82 -0.07
N THR H 64 -31.00 -7.21 1.11
CA THR H 64 -31.64 -6.35 2.07
C THR H 64 -30.56 -5.94 3.09
N VAL H 65 -30.44 -4.64 3.33
CA VAL H 65 -29.59 -4.05 4.37
C VAL H 65 -30.51 -3.74 5.55
N ALA H 66 -30.24 -4.37 6.71
CA ALA H 66 -31.08 -4.22 7.90
C ALA H 66 -30.25 -3.71 9.08
N LYS H 67 -30.89 -2.94 9.97
CA LYS H 67 -30.20 -2.32 11.09
C LYS H 67 -30.90 -2.74 12.38
N LEU H 68 -30.12 -3.19 13.37
CA LEU H 68 -30.64 -3.41 14.72
C LEU H 68 -29.95 -2.48 15.71
N ASN H 69 -30.71 -1.54 16.28
CA ASN H 69 -30.19 -0.68 17.33
C ASN H 69 -30.15 -1.47 18.64
N ILE H 70 -28.93 -1.65 19.21
CA ILE H 70 -28.75 -2.54 20.35
C ILE H 70 -29.20 -1.87 21.65
N ASP H 71 -29.32 -0.54 21.67
CA ASP H 71 -29.86 0.07 22.87
C ASP H 71 -31.36 -0.24 22.95
N GLN H 72 -32.07 0.06 21.86
CA GLN H 72 -33.52 -0.10 21.79
C GLN H 72 -33.88 -1.59 21.74
N ASN H 73 -32.95 -2.43 21.28
CA ASN H 73 -33.21 -3.85 21.12
C ASN H 73 -32.05 -4.67 21.69
N PRO H 74 -32.03 -4.87 23.03
CA PRO H 74 -30.89 -5.48 23.71
C PRO H 74 -30.72 -7.00 23.60
N GLY H 75 -31.70 -7.73 23.02
CA GLY H 75 -31.73 -9.18 23.13
C GLY H 75 -31.00 -9.94 22.03
N THR H 76 -30.84 -9.35 20.85
CA THR H 76 -30.40 -10.10 19.69
C THR H 76 -28.88 -10.20 19.66
N ALA H 77 -28.18 -9.07 19.86
CA ALA H 77 -26.73 -9.07 19.65
C ALA H 77 -25.99 -10.15 20.46
N PRO H 78 -26.25 -10.33 21.79
CA PRO H 78 -25.60 -11.38 22.58
C PRO H 78 -25.71 -12.82 22.07
N LYS H 79 -26.77 -13.12 21.31
CA LYS H 79 -26.95 -14.46 20.78
C LYS H 79 -25.95 -14.71 19.66
N TYR H 80 -25.33 -13.64 19.13
CA TYR H 80 -24.30 -13.78 18.10
C TYR H 80 -22.92 -13.42 18.65
N GLY H 81 -22.77 -13.28 19.98
CA GLY H 81 -21.50 -12.90 20.59
C GLY H 81 -20.89 -11.60 20.05
N ILE H 82 -21.77 -10.61 19.78
CA ILE H 82 -21.37 -9.27 19.37
C ILE H 82 -20.69 -8.62 20.57
N ARG H 83 -19.57 -7.95 20.30
CA ARG H 83 -18.90 -7.26 21.40
C ARG H 83 -18.91 -5.76 21.09
N GLY H 84 -18.06 -5.33 20.14
CA GLY H 84 -18.06 -3.92 19.76
C GLY H 84 -19.02 -3.62 18.61
N ILE H 85 -19.32 -2.35 18.37
CA ILE H 85 -20.16 -1.99 17.23
C ILE H 85 -19.41 -0.95 16.40
N PRO H 86 -19.67 -0.83 15.08
CA PRO H 86 -20.64 -1.68 14.37
C PRO H 86 -20.06 -3.08 14.15
N THR H 87 -20.96 -4.06 14.12
CA THR H 87 -20.69 -5.39 13.61
C THR H 87 -21.72 -5.74 12.55
N LEU H 88 -21.23 -6.25 11.43
CA LEU H 88 -22.06 -6.60 10.31
C LEU H 88 -22.16 -8.13 10.23
N LEU H 89 -23.38 -8.66 10.07
CA LEU H 89 -23.57 -10.09 9.89
C LEU H 89 -24.33 -10.35 8.60
N LEU H 90 -23.80 -11.25 7.78
CA LEU H 90 -24.43 -11.51 6.50
C LEU H 90 -25.12 -12.85 6.60
N PHE H 91 -26.46 -12.84 6.51
CA PHE H 91 -27.26 -14.05 6.59
C PHE H 91 -27.78 -14.43 5.20
N LYS H 92 -27.79 -15.74 4.94
CA LYS H 92 -28.33 -16.32 3.72
C LYS H 92 -29.22 -17.51 4.11
N ASN H 93 -30.52 -17.29 4.04
CA ASN H 93 -31.52 -18.28 4.39
C ASN H 93 -31.25 -18.87 5.78
N GLY H 94 -31.12 -17.98 6.79
CA GLY H 94 -30.97 -18.37 8.18
C GLY H 94 -29.58 -18.90 8.52
N GLU H 95 -28.71 -18.89 7.50
CA GLU H 95 -27.32 -19.29 7.67
C GLU H 95 -26.51 -18.00 7.81
N VAL H 96 -25.63 -17.96 8.82
CA VAL H 96 -24.66 -16.86 8.92
C VAL H 96 -23.55 -17.14 7.93
N ALA H 97 -23.48 -16.31 6.87
CA ALA H 97 -22.53 -16.52 5.78
C ALA H 97 -21.16 -15.95 6.12
N ALA H 98 -21.15 -14.85 6.89
CA ALA H 98 -19.90 -14.12 7.11
C ALA H 98 -20.15 -13.06 8.18
N THR H 99 -19.06 -12.56 8.79
CA THR H 99 -19.14 -11.51 9.79
C THR H 99 -18.05 -10.46 9.54
N LYS H 100 -18.29 -9.24 9.98
CA LYS H 100 -17.29 -8.19 9.87
C LYS H 100 -17.48 -7.21 11.02
N VAL H 101 -16.40 -7.00 11.79
CA VAL H 101 -16.46 -6.13 12.95
C VAL H 101 -15.78 -4.81 12.59
N GLY H 102 -16.47 -3.69 12.81
CA GLY H 102 -15.81 -2.39 12.83
C GLY H 102 -16.05 -1.68 11.51
N ALA H 103 -15.79 -0.37 11.47
CA ALA H 103 -16.03 0.41 10.27
C ALA H 103 -15.17 -0.12 9.12
N LEU H 104 -15.65 0.03 7.88
CA LEU H 104 -14.90 -0.27 6.66
C LEU H 104 -15.32 0.73 5.59
N SER H 105 -14.50 0.82 4.51
CA SER H 105 -14.81 1.67 3.36
C SER H 105 -15.87 1.02 2.48
N LYS H 106 -16.39 1.79 1.52
CA LYS H 106 -17.36 1.27 0.57
C LYS H 106 -16.77 0.08 -0.19
N GLY H 107 -15.52 0.23 -0.65
CA GLY H 107 -14.79 -0.78 -1.39
C GLY H 107 -14.50 -2.07 -0.60
N GLN H 108 -14.13 -1.92 0.67
CA GLN H 108 -14.01 -3.09 1.52
C GLN H 108 -15.36 -3.79 1.74
N LEU H 109 -16.48 -3.04 1.74
CA LEU H 109 -17.76 -3.67 2.01
C LEU H 109 -18.21 -4.47 0.77
N LYS H 110 -18.03 -3.85 -0.40
CA LYS H 110 -18.21 -4.48 -1.69
C LYS H 110 -17.37 -5.76 -1.77
N GLU H 111 -16.08 -5.66 -1.43
CA GLU H 111 -15.21 -6.83 -1.44
C GLU H 111 -15.78 -7.90 -0.52
N PHE H 112 -16.23 -7.49 0.66
CA PHE H 112 -16.83 -8.41 1.62
C PHE H 112 -18.07 -9.10 1.02
N LEU H 113 -18.97 -8.34 0.38
CA LEU H 113 -20.15 -8.94 -0.23
C LEU H 113 -19.80 -9.83 -1.41
N ASP H 114 -18.94 -9.34 -2.32
CA ASP H 114 -18.42 -10.09 -3.47
C ASP H 114 -17.97 -11.49 -3.06
N ALA H 115 -17.22 -11.59 -1.96
CA ALA H 115 -16.60 -12.85 -1.58
C ALA H 115 -17.59 -13.79 -0.90
N ASN H 116 -18.70 -13.23 -0.35
CA ASN H 116 -19.60 -14.04 0.46
C ASN H 116 -20.98 -14.17 -0.17
N LEU H 117 -21.19 -13.52 -1.32
CA LEU H 117 -22.51 -13.54 -1.98
C LEU H 117 -22.43 -14.22 -3.35
N ALA H 118 -21.54 -13.70 -4.20
CA ALA H 118 -21.25 -14.27 -5.52
C ALA H 118 -22.35 -13.90 -6.52
N GLY H 119 -23.59 -14.34 -6.19
CA GLY H 119 -24.80 -14.05 -6.95
C GLY H 119 -25.10 -12.55 -7.05
N SER H 120 -24.34 -11.72 -6.33
CA SER H 120 -24.54 -10.27 -6.37
C SER H 120 -23.66 -9.64 -7.45
N ALA H 121 -22.69 -10.41 -7.98
CA ALA H 121 -21.87 -9.98 -9.10
C ALA H 121 -22.36 -10.58 -10.42
N MET H 122 -22.59 -11.90 -10.42
CA MET H 122 -22.92 -12.59 -11.66
C MET H 122 -23.60 -13.93 -11.39
N GLU H 123 -24.39 -14.38 -12.38
CA GLU H 123 -24.90 -15.74 -12.40
C GLU H 123 -23.77 -16.70 -12.84
N SER H 124 -23.50 -17.69 -12.00
CA SER H 124 -22.36 -18.59 -12.17
C SER H 124 -22.63 -19.66 -13.23
N THR H 125 -21.54 -20.19 -13.81
CA THR H 125 -21.66 -21.33 -14.69
C THR H 125 -21.61 -22.62 -13.89
N VAL H 126 -21.30 -22.50 -12.59
CA VAL H 126 -21.11 -23.68 -11.78
C VAL H 126 -22.37 -23.97 -10.97
N MET H 127 -22.76 -25.25 -10.98
CA MET H 127 -23.81 -25.74 -10.12
C MET H 127 -23.20 -26.70 -9.10
N VAL H 128 -23.63 -26.57 -7.84
CA VAL H 128 -23.32 -27.60 -6.86
C VAL H 128 -24.55 -28.44 -6.49
N LEU H 129 -24.34 -29.76 -6.47
CA LEU H 129 -25.37 -30.69 -6.01
C LEU H 129 -25.01 -31.20 -4.62
N ARG H 130 -25.81 -30.79 -3.62
CA ARG H 130 -25.57 -31.24 -2.25
C ARG H 130 -26.66 -32.24 -1.82
N ASN H 131 -26.32 -32.95 -0.75
CA ASN H 131 -27.12 -34.03 -0.18
C ASN H 131 -27.52 -35.03 -1.26
N MET H 132 -26.70 -35.23 -2.28
CA MET H 132 -27.18 -36.10 -3.33
C MET H 132 -26.73 -37.55 -3.15
N VAL H 133 -25.43 -37.77 -2.86
CA VAL H 133 -24.93 -39.12 -2.67
C VAL H 133 -24.08 -39.14 -1.41
N ASP H 134 -24.00 -40.33 -0.82
CA ASP H 134 -23.20 -40.63 0.35
C ASP H 134 -21.80 -41.01 -0.14
N PRO H 135 -20.70 -40.75 0.60
CA PRO H 135 -19.37 -41.16 0.14
C PRO H 135 -19.27 -42.62 -0.34
N LYS H 136 -19.98 -43.51 0.36
CA LYS H 136 -19.92 -44.95 0.13
C LYS H 136 -20.40 -45.29 -1.28
N ASP H 137 -21.23 -44.43 -1.88
CA ASP H 137 -21.90 -44.69 -3.14
C ASP H 137 -21.01 -44.35 -4.33
N ILE H 138 -19.96 -43.55 -4.10
CA ILE H 138 -19.10 -43.06 -5.17
C ILE H 138 -18.40 -44.24 -5.84
N ASP H 139 -18.52 -44.34 -7.16
CA ASP H 139 -17.73 -45.30 -7.94
C ASP H 139 -17.23 -44.64 -9.22
N ASP H 140 -16.61 -45.45 -10.08
CA ASP H 140 -15.94 -45.03 -11.30
C ASP H 140 -16.93 -44.52 -12.35
N ASP H 141 -18.22 -44.81 -12.16
CA ASP H 141 -19.22 -44.50 -13.17
C ASP H 141 -19.88 -43.15 -12.86
N LEU H 142 -19.71 -42.69 -11.62
CA LEU H 142 -20.50 -41.56 -11.14
C LEU H 142 -20.23 -40.30 -11.97
N GLU H 143 -18.95 -39.98 -12.19
CA GLU H 143 -18.56 -38.82 -12.98
C GLU H 143 -19.24 -38.80 -14.35
N GLY H 144 -19.23 -39.96 -15.02
CA GLY H 144 -19.77 -40.11 -16.36
C GLY H 144 -21.29 -40.06 -16.38
N GLU H 145 -21.93 -40.63 -15.36
CA GLU H 145 -23.37 -40.59 -15.22
C GLU H 145 -23.85 -39.16 -14.96
N VAL H 146 -23.18 -38.44 -14.05
CA VAL H 146 -23.52 -37.04 -13.80
C VAL H 146 -23.33 -36.22 -15.08
N THR H 147 -22.20 -36.46 -15.79
CA THR H 147 -21.94 -35.76 -17.04
C THR H 147 -23.08 -35.99 -18.04
N GLU H 148 -23.48 -37.27 -18.22
CA GLU H 148 -24.53 -37.62 -19.16
C GLU H 148 -25.87 -37.03 -18.70
N GLU H 149 -26.16 -37.12 -17.41
CA GLU H 149 -27.44 -36.61 -16.92
C GLU H 149 -27.56 -35.11 -17.18
N CYS H 150 -26.49 -34.39 -16.83
CA CYS H 150 -26.50 -32.93 -16.85
C CYS H 150 -26.36 -32.39 -18.28
N GLY H 151 -25.92 -33.27 -19.20
CA GLY H 151 -25.78 -32.97 -20.62
C GLY H 151 -27.12 -32.63 -21.27
N LYS H 152 -28.22 -32.92 -20.57
CA LYS H 152 -29.49 -32.58 -21.16
C LYS H 152 -29.82 -31.10 -21.02
N PHE H 153 -29.13 -30.38 -20.13
CA PHE H 153 -29.40 -28.97 -19.91
C PHE H 153 -28.40 -28.09 -20.66
N GLY H 154 -27.42 -28.73 -21.34
CA GLY H 154 -26.40 -28.02 -22.12
C GLY H 154 -25.00 -28.64 -21.99
N ALA H 155 -23.98 -27.96 -22.53
CA ALA H 155 -22.64 -28.52 -22.64
C ALA H 155 -21.95 -28.49 -21.28
N VAL H 156 -21.52 -29.68 -20.82
CA VAL H 156 -20.89 -29.81 -19.52
C VAL H 156 -19.37 -29.70 -19.68
N ASN H 157 -18.74 -28.74 -19.00
CA ASN H 157 -17.28 -28.59 -19.05
C ASN H 157 -16.54 -29.60 -18.18
N ARG H 158 -16.99 -29.75 -16.93
CA ARG H 158 -16.27 -30.54 -15.96
C ARG H 158 -17.20 -30.96 -14.82
N VAL H 159 -16.94 -32.13 -14.24
CA VAL H 159 -17.65 -32.62 -13.06
C VAL H 159 -16.61 -32.99 -11.99
N ILE H 160 -16.77 -32.45 -10.78
CA ILE H 160 -15.93 -32.83 -9.68
C ILE H 160 -16.80 -33.48 -8.62
N ILE H 161 -16.50 -34.75 -8.32
CA ILE H 161 -17.06 -35.48 -7.20
C ILE H 161 -16.17 -35.17 -6.00
N TYR H 162 -16.65 -34.34 -5.07
CA TYR H 162 -15.71 -33.80 -4.11
C TYR H 162 -16.10 -34.29 -2.73
N GLN H 163 -15.11 -34.74 -1.96
CA GLN H 163 -15.39 -35.20 -0.61
C GLN H 163 -14.83 -34.20 0.39
N GLU H 164 -15.61 -33.88 1.44
CA GLU H 164 -15.28 -32.83 2.39
C GLU H 164 -15.60 -33.30 3.82
N LYS H 165 -14.59 -33.22 4.70
CA LYS H 165 -14.73 -33.55 6.11
C LYS H 165 -15.30 -32.35 6.86
N GLN H 166 -16.43 -32.56 7.56
CA GLN H 166 -17.17 -31.51 8.26
C GLN H 166 -16.68 -31.39 9.70
N GLY H 167 -15.78 -30.44 9.95
CA GLY H 167 -15.23 -30.25 11.29
C GLY H 167 -13.91 -31.00 11.48
N GLU H 168 -13.18 -30.63 12.53
CA GLU H 168 -11.77 -30.98 12.66
C GLU H 168 -11.56 -32.10 13.68
N GLU H 169 -12.63 -32.87 13.97
CA GLU H 169 -12.56 -34.02 14.86
C GLU H 169 -12.38 -35.31 14.03
N GLU H 170 -11.59 -36.24 14.56
CA GLU H 170 -11.01 -37.35 13.80
C GLU H 170 -12.06 -38.14 13.04
N ASP H 171 -13.26 -38.30 13.61
CA ASP H 171 -14.33 -39.04 12.95
C ASP H 171 -15.53 -38.13 12.66
N ALA H 172 -15.23 -36.92 12.18
CA ALA H 172 -16.22 -36.03 11.59
C ALA H 172 -16.73 -36.67 10.29
N GLU H 173 -18.03 -36.46 10.01
CA GLU H 173 -18.69 -37.05 8.86
C GLU H 173 -18.09 -36.49 7.57
N ILE H 174 -18.05 -37.32 6.52
CA ILE H 174 -17.61 -36.92 5.19
C ILE H 174 -18.83 -36.70 4.30
N ILE H 175 -18.94 -35.53 3.68
CA ILE H 175 -20.04 -35.31 2.74
C ILE H 175 -19.49 -35.20 1.31
N VAL H 176 -20.44 -35.30 0.36
CA VAL H 176 -20.16 -35.23 -1.06
C VAL H 176 -20.85 -33.99 -1.65
N LYS H 177 -20.04 -33.16 -2.30
CA LYS H 177 -20.61 -32.15 -3.18
C LYS H 177 -20.25 -32.50 -4.62
N ILE H 178 -21.27 -32.52 -5.48
CA ILE H 178 -21.05 -32.74 -6.90
C ILE H 178 -21.09 -31.37 -7.60
N PHE H 179 -19.97 -31.00 -8.20
CA PHE H 179 -19.85 -29.75 -8.95
C PHE H 179 -19.98 -30.07 -10.43
N VAL H 180 -20.81 -29.29 -11.11
CA VAL H 180 -21.02 -29.42 -12.53
C VAL H 180 -20.85 -28.02 -13.13
N GLU H 181 -19.74 -27.82 -13.85
CA GLU H 181 -19.51 -26.55 -14.53
C GLU H 181 -20.02 -26.66 -15.97
N PHE H 182 -20.92 -25.76 -16.34
CA PHE H 182 -21.44 -25.74 -17.70
C PHE H 182 -20.75 -24.64 -18.52
N SER H 183 -20.99 -24.63 -19.85
CA SER H 183 -20.30 -23.74 -20.78
C SER H 183 -20.71 -22.29 -20.56
N ILE H 184 -21.98 -22.06 -20.24
CA ILE H 184 -22.50 -20.71 -20.06
C ILE H 184 -23.68 -20.74 -19.07
N ALA H 185 -23.86 -19.63 -18.35
CA ALA H 185 -24.69 -19.64 -17.16
C ALA H 185 -26.16 -19.93 -17.47
N SER H 186 -26.57 -19.74 -18.73
CA SER H 186 -27.95 -20.06 -19.10
C SER H 186 -28.21 -21.55 -18.89
N GLU H 187 -27.19 -22.38 -19.15
CA GLU H 187 -27.34 -23.82 -19.04
C GLU H 187 -27.45 -24.23 -17.56
N THR H 188 -26.56 -23.65 -16.73
CA THR H 188 -26.55 -23.82 -15.27
C THR H 188 -27.94 -23.49 -14.71
N HIS H 189 -28.50 -22.35 -15.13
CA HIS H 189 -29.83 -21.92 -14.65
C HIS H 189 -30.85 -23.02 -14.90
N LYS H 190 -30.84 -23.58 -16.11
CA LYS H 190 -31.78 -24.62 -16.52
C LYS H 190 -31.65 -25.86 -15.65
N ALA H 191 -30.39 -26.25 -15.35
CA ALA H 191 -30.11 -27.43 -14.55
C ALA H 191 -30.58 -27.25 -13.11
N ILE H 192 -30.40 -26.04 -12.57
CA ILE H 192 -30.76 -25.79 -11.19
C ILE H 192 -32.27 -25.89 -11.01
N GLN H 193 -33.03 -25.22 -11.91
CA GLN H 193 -34.49 -25.29 -11.93
C GLN H 193 -35.01 -26.71 -12.08
N ALA H 194 -34.39 -27.56 -12.91
CA ALA H 194 -34.86 -28.92 -13.14
C ALA H 194 -34.52 -29.84 -11.96
N LEU H 195 -33.40 -29.59 -11.27
CA LEU H 195 -32.86 -30.59 -10.37
C LEU H 195 -33.17 -30.26 -8.91
N ASN H 196 -33.34 -28.96 -8.58
CA ASN H 196 -33.36 -28.61 -7.18
C ASN H 196 -34.61 -29.23 -6.57
N GLY H 197 -34.49 -29.83 -5.38
CA GLY H 197 -35.66 -30.34 -4.67
C GLY H 197 -36.19 -31.66 -5.23
N ARG H 198 -35.51 -32.25 -6.22
CA ARG H 198 -35.89 -33.54 -6.78
C ARG H 198 -35.51 -34.65 -5.81
N TRP H 199 -36.32 -35.72 -5.78
CA TRP H 199 -36.01 -36.91 -5.02
C TRP H 199 -34.96 -37.73 -5.76
N PHE H 200 -33.94 -38.18 -5.04
CA PHE H 200 -33.02 -39.15 -5.60
C PHE H 200 -32.66 -40.13 -4.51
N ALA H 201 -33.09 -41.40 -4.68
CA ALA H 201 -32.81 -42.50 -3.77
C ALA H 201 -32.86 -42.05 -2.30
N GLY H 202 -33.99 -41.51 -1.85
CA GLY H 202 -34.17 -41.34 -0.41
C GLY H 202 -33.94 -39.90 0.07
N ARG H 203 -33.29 -39.10 -0.78
CA ARG H 203 -32.89 -37.76 -0.36
C ARG H 203 -33.37 -36.71 -1.36
N LYS H 204 -33.73 -35.55 -0.82
CA LYS H 204 -34.09 -34.38 -1.60
C LYS H 204 -32.79 -33.68 -2.01
N VAL H 205 -32.52 -33.62 -3.32
CA VAL H 205 -31.34 -33.01 -3.89
C VAL H 205 -31.42 -31.50 -3.69
N VAL H 206 -30.32 -30.90 -3.22
CA VAL H 206 -30.20 -29.45 -3.22
C VAL H 206 -29.27 -29.06 -4.39
N ALA H 207 -29.81 -28.38 -5.39
CA ALA H 207 -29.05 -27.88 -6.53
C ALA H 207 -29.04 -26.36 -6.50
N GLU H 208 -27.84 -25.75 -6.57
CA GLU H 208 -27.73 -24.30 -6.49
C GLU H 208 -26.44 -23.80 -7.15
N VAL H 209 -26.38 -22.49 -7.37
CA VAL H 209 -25.19 -21.89 -7.97
C VAL H 209 -24.04 -22.02 -6.99
N TYR H 210 -22.82 -22.17 -7.50
CA TYR H 210 -21.62 -22.08 -6.66
C TYR H 210 -20.72 -20.96 -7.20
N ASP H 211 -20.14 -20.16 -6.29
CA ASP H 211 -19.33 -19.01 -6.64
C ASP H 211 -18.27 -19.38 -7.69
N GLN H 212 -18.36 -18.79 -8.88
CA GLN H 212 -17.52 -19.17 -10.01
C GLN H 212 -16.06 -18.84 -9.75
N GLU H 213 -15.81 -17.67 -9.15
CA GLU H 213 -14.46 -17.26 -8.85
C GLU H 213 -13.80 -18.20 -7.84
N ARG H 214 -14.57 -18.66 -6.84
CA ARG H 214 -14.02 -19.59 -5.88
C ARG H 214 -13.63 -20.89 -6.60
N PHE H 215 -14.54 -21.34 -7.47
CA PHE H 215 -14.36 -22.56 -8.22
C PHE H 215 -13.16 -22.44 -9.16
N ASP H 216 -13.03 -21.27 -9.79
CA ASP H 216 -11.94 -21.04 -10.73
C ASP H 216 -10.61 -21.08 -9.97
N ASN H 217 -10.64 -20.84 -8.65
CA ASN H 217 -9.39 -20.79 -7.88
C ASN H 217 -9.19 -22.08 -7.08
N SER H 218 -9.93 -23.13 -7.45
CA SER H 218 -9.87 -24.45 -6.83
C SER H 218 -10.30 -24.41 -5.37
N ASP H 219 -11.24 -23.51 -5.02
CA ASP H 219 -11.77 -23.52 -3.67
C ASP H 219 -13.19 -24.09 -3.72
N LEU H 220 -13.32 -25.35 -3.28
CA LEU H 220 -14.57 -26.11 -3.33
C LEU H 220 -15.23 -26.21 -1.95
N SER H 221 -14.87 -25.28 -1.06
CA SER H 221 -15.16 -25.41 0.36
C SER H 221 -16.47 -24.75 0.80
N ALA H 222 -17.03 -23.85 0.00
CA ALA H 222 -18.19 -23.07 0.41
C ALA H 222 -19.49 -23.81 0.04
#